data_2KPP
#
_entry.id   2KPP
#
_entity_poly.entity_id   1
_entity_poly.type   'polypeptide(L)'
_entity_poly.pdbx_seq_one_letter_code
;MKNTGDEVVAIISQNGKVIREIPLTGHKGNEQFTIKGKGAQYNLMEVDGERIRIKEDNSPDQVGVKMGWKSKAGDTIVCL
PHKVFVEIKSTQKDSKDPDTDLIVPNLEHHHHHH
;
_entity_poly.pdbx_strand_id   A
#
# COMPACT_ATOMS: atom_id res chain seq x y z
N MET A 1 -19.03 -15.23 -0.98
CA MET A 1 -19.34 -14.53 0.30
C MET A 1 -18.06 -14.14 1.06
N LYS A 2 -17.42 -15.07 1.78
CA LYS A 2 -16.19 -14.74 2.52
C LYS A 2 -15.09 -15.83 2.41
N ASN A 3 -15.21 -16.74 1.44
CA ASN A 3 -14.17 -17.75 1.20
C ASN A 3 -13.07 -17.21 0.26
N THR A 4 -12.05 -16.59 0.84
CA THR A 4 -10.92 -16.03 0.07
C THR A 4 -9.58 -16.58 0.56
N GLY A 5 -8.91 -17.37 -0.28
CA GLY A 5 -7.64 -17.98 0.10
C GLY A 5 -6.42 -17.16 -0.28
N ASP A 6 -6.61 -16.19 -1.17
CA ASP A 6 -5.53 -15.34 -1.66
C ASP A 6 -5.11 -14.28 -0.60
N GLU A 7 -4.56 -14.75 0.51
CA GLU A 7 -4.23 -13.88 1.64
C GLU A 7 -3.13 -12.86 1.27
N VAL A 8 -3.54 -11.62 0.96
CA VAL A 8 -2.60 -10.55 0.60
C VAL A 8 -2.53 -9.46 1.69
N VAL A 9 -1.37 -8.80 1.77
CA VAL A 9 -1.15 -7.71 2.73
C VAL A 9 -0.60 -6.45 2.04
N ALA A 10 -1.04 -5.27 2.49
CA ALA A 10 -0.59 -3.99 1.94
C ALA A 10 0.64 -3.46 2.70
N ILE A 11 1.76 -3.33 2.00
CA ILE A 11 3.01 -2.84 2.60
C ILE A 11 3.15 -1.32 2.45
N ILE A 12 3.10 -0.60 3.57
CA ILE A 12 3.23 0.86 3.56
C ILE A 12 4.66 1.31 3.91
N SER A 13 5.31 2.01 2.98
CA SER A 13 6.65 2.56 3.21
C SER A 13 6.64 4.08 2.98
N GLN A 14 7.44 4.82 3.75
CA GLN A 14 7.51 6.28 3.60
C GLN A 14 8.96 6.77 3.76
N ASN A 15 9.33 7.77 2.95
CA ASN A 15 10.69 8.35 2.93
C ASN A 15 11.77 7.34 2.44
N GLY A 16 11.39 6.07 2.35
CA GLY A 16 12.36 5.02 1.96
C GLY A 16 12.53 3.96 3.05
N LYS A 17 11.51 3.77 3.88
CA LYS A 17 11.51 2.72 4.90
C LYS A 17 10.08 2.18 5.15
N VAL A 18 9.97 0.89 5.46
CA VAL A 18 8.66 0.29 5.79
C VAL A 18 8.20 0.72 7.19
N ILE A 19 7.04 1.35 7.28
CA ILE A 19 6.55 1.88 8.56
C ILE A 19 5.32 1.10 9.08
N ARG A 20 4.62 0.39 8.19
CA ARG A 20 3.40 -0.34 8.58
C ARG A 20 2.91 -1.26 7.44
N GLU A 21 2.21 -2.34 7.79
CA GLU A 21 1.61 -3.23 6.79
C GLU A 21 0.29 -3.85 7.29
N ILE A 22 -0.79 -3.61 6.55
CA ILE A 22 -2.14 -4.06 6.94
C ILE A 22 -2.61 -5.25 6.08
N PRO A 23 -3.08 -6.34 6.71
CA PRO A 23 -3.67 -7.49 5.99
C PRO A 23 -5.03 -7.15 5.37
N LEU A 24 -5.17 -7.40 4.06
CA LEU A 24 -6.41 -7.05 3.35
C LEU A 24 -7.38 -8.23 3.26
N THR A 25 -6.96 -9.30 2.60
CA THR A 25 -7.80 -10.51 2.44
C THR A 25 -8.29 -11.03 3.80
N GLY A 26 -9.60 -11.23 3.93
CA GLY A 26 -10.18 -11.69 5.19
C GLY A 26 -10.51 -10.54 6.15
N HIS A 27 -9.82 -9.42 5.98
CA HIS A 27 -10.04 -8.24 6.84
C HIS A 27 -11.33 -7.50 6.44
N LYS A 28 -12.45 -8.00 6.96
CA LYS A 28 -13.77 -7.44 6.65
C LYS A 28 -14.09 -6.23 7.53
N GLY A 29 -15.09 -5.45 7.14
CA GLY A 29 -15.41 -4.23 7.85
C GLY A 29 -14.56 -3.03 7.38
N ASN A 30 -14.53 -1.97 8.19
CA ASN A 30 -13.80 -0.74 7.83
C ASN A 30 -12.68 -0.44 8.82
N GLU A 31 -11.59 0.14 8.32
CA GLU A 31 -10.44 0.52 9.16
C GLU A 31 -9.72 1.75 8.58
N GLN A 32 -9.25 2.64 9.44
CA GLN A 32 -8.54 3.86 9.00
C GLN A 32 -7.23 4.08 9.77
N PHE A 33 -6.24 4.67 9.10
CA PHE A 33 -4.97 5.05 9.74
C PHE A 33 -4.30 6.23 9.01
N THR A 34 -3.74 7.16 9.79
CA THR A 34 -3.16 8.40 9.22
C THR A 34 -1.63 8.34 9.16
N ILE A 35 -1.08 8.35 7.95
CA ILE A 35 0.36 8.34 7.73
C ILE A 35 0.96 9.76 7.76
N LYS A 36 1.62 10.12 8.85
CA LYS A 36 2.24 11.45 8.98
C LYS A 36 3.76 11.37 8.72
N GLY A 37 4.25 12.19 7.78
CA GLY A 37 5.67 12.14 7.41
C GLY A 37 6.40 13.46 7.60
N LYS A 38 6.21 14.39 6.67
CA LYS A 38 6.97 15.65 6.65
C LYS A 38 6.05 16.87 6.91
N GLY A 39 6.59 18.08 6.73
CA GLY A 39 5.84 19.31 6.97
C GLY A 39 4.41 19.31 6.44
N ALA A 40 3.45 19.06 7.33
CA ALA A 40 2.01 19.06 6.99
C ALA A 40 1.61 17.92 6.04
N GLN A 41 2.58 17.12 5.60
CA GLN A 41 2.32 16.07 4.61
C GLN A 41 1.86 14.75 5.26
N TYR A 42 0.61 14.38 5.03
CA TYR A 42 0.03 13.15 5.60
C TYR A 42 -0.87 12.41 4.59
N ASN A 43 -1.16 11.15 4.87
CA ASN A 43 -2.07 10.34 4.05
C ASN A 43 -3.06 9.56 4.92
N LEU A 44 -4.35 9.89 4.84
CA LEU A 44 -5.38 9.15 5.55
C LEU A 44 -5.83 7.94 4.72
N MET A 45 -5.37 6.76 5.13
CA MET A 45 -5.66 5.51 4.39
C MET A 45 -6.87 4.79 5.00
N GLU A 46 -7.66 4.12 4.15
CA GLU A 46 -8.85 3.40 4.60
C GLU A 46 -8.93 1.99 4.00
N VAL A 47 -9.01 0.99 4.87
CA VAL A 47 -9.23 -0.41 4.47
C VAL A 47 -10.69 -0.82 4.72
N ASP A 48 -11.47 -0.96 3.66
CA ASP A 48 -12.91 -1.25 3.78
C ASP A 48 -13.32 -2.44 2.90
N GLY A 49 -13.57 -3.59 3.53
CA GLY A 49 -14.00 -4.78 2.80
C GLY A 49 -12.88 -5.46 2.01
N GLU A 50 -11.79 -5.81 2.70
CA GLU A 50 -10.65 -6.52 2.09
C GLU A 50 -9.95 -5.70 0.99
N ARG A 51 -10.08 -4.38 1.04
CA ARG A 51 -9.48 -3.49 0.04
C ARG A 51 -9.09 -2.14 0.66
N ILE A 52 -8.03 -1.53 0.12
CA ILE A 52 -7.47 -0.30 0.68
C ILE A 52 -7.44 0.85 -0.34
N ARG A 53 -7.59 2.07 0.15
CA ARG A 53 -7.54 3.28 -0.68
C ARG A 53 -7.08 4.50 0.14
N ILE A 54 -6.78 5.59 -0.54
CA ILE A 54 -6.53 6.87 0.15
C ILE A 54 -7.86 7.59 0.40
N LYS A 55 -8.25 7.68 1.66
CA LYS A 55 -9.51 8.32 2.04
C LYS A 55 -9.40 9.85 1.95
N GLU A 56 -8.19 10.37 2.18
CA GLU A 56 -7.93 11.82 2.10
C GLU A 56 -6.43 12.13 2.31
N ASP A 57 -5.89 13.05 1.52
CA ASP A 57 -4.53 13.54 1.72
C ASP A 57 -4.30 14.88 1.00
N ASN A 58 -3.32 15.65 1.47
CA ASN A 58 -3.06 16.98 0.91
C ASN A 58 -1.96 16.93 -0.18
N SER A 59 -2.30 16.33 -1.32
CA SER A 59 -1.38 16.27 -2.47
C SER A 59 -2.07 16.79 -3.73
N PRO A 60 -1.36 17.55 -4.58
CA PRO A 60 -1.92 18.04 -5.86
C PRO A 60 -2.08 16.91 -6.89
N ASP A 61 -1.38 15.81 -6.64
CA ASP A 61 -1.44 14.62 -7.50
C ASP A 61 -2.69 13.77 -7.19
N GLN A 62 -2.88 13.40 -5.92
CA GLN A 62 -4.00 12.56 -5.51
C GLN A 62 -4.00 11.21 -6.26
N VAL A 63 -2.81 10.73 -6.64
CA VAL A 63 -2.68 9.49 -7.43
C VAL A 63 -3.40 8.30 -6.76
N GLY A 64 -3.16 8.11 -5.46
CA GLY A 64 -3.82 7.04 -4.73
C GLY A 64 -5.35 7.17 -4.74
N VAL A 65 -5.84 8.42 -4.82
CA VAL A 65 -7.28 8.67 -4.93
C VAL A 65 -7.82 8.17 -6.28
N LYS A 66 -7.05 8.37 -7.34
CA LYS A 66 -7.37 7.81 -8.66
C LYS A 66 -7.29 6.27 -8.63
N MET A 67 -6.32 5.74 -7.89
CA MET A 67 -6.15 4.30 -7.72
C MET A 67 -7.41 3.64 -7.14
N GLY A 68 -7.95 4.24 -6.08
CA GLY A 68 -9.18 3.74 -5.48
C GLY A 68 -9.02 2.41 -4.75
N TRP A 69 -10.03 1.55 -4.83
CA TRP A 69 -10.01 0.26 -4.13
C TRP A 69 -8.99 -0.72 -4.74
N LYS A 70 -7.87 -0.92 -4.04
CA LYS A 70 -6.87 -1.92 -4.43
C LYS A 70 -6.82 -3.06 -3.40
N SER A 71 -6.70 -4.32 -3.86
CA SER A 71 -6.77 -5.47 -2.93
C SER A 71 -6.09 -6.74 -3.46
N LYS A 72 -5.36 -6.66 -4.56
CA LYS A 72 -4.70 -7.85 -5.12
C LYS A 72 -3.17 -7.71 -5.14
N ALA A 73 -2.47 -8.83 -5.03
CA ALA A 73 -1.01 -8.84 -5.07
C ALA A 73 -0.50 -8.26 -6.40
N GLY A 74 0.06 -7.06 -6.34
CA GLY A 74 0.48 -6.35 -7.55
C GLY A 74 -0.05 -4.92 -7.60
N ASP A 75 -1.13 -4.66 -6.84
CA ASP A 75 -1.68 -3.30 -6.73
C ASP A 75 -0.79 -2.40 -5.87
N THR A 76 -0.81 -1.09 -6.15
CA THR A 76 0.03 -0.12 -5.45
C THR A 76 -0.69 1.21 -5.17
N ILE A 77 -0.18 1.94 -4.18
CA ILE A 77 -0.66 3.31 -3.86
C ILE A 77 0.55 4.24 -3.70
N VAL A 78 0.67 5.25 -4.57
CA VAL A 78 1.87 6.11 -4.59
C VAL A 78 1.54 7.60 -4.43
N CYS A 79 2.03 8.22 -3.35
CA CYS A 79 1.97 9.68 -3.17
C CYS A 79 3.38 10.25 -2.95
N LEU A 80 4.06 10.61 -4.04
CA LEU A 80 5.44 11.11 -3.97
C LEU A 80 5.58 12.45 -3.19
N PRO A 81 4.63 13.42 -3.33
CA PRO A 81 4.66 14.66 -2.54
C PRO A 81 4.71 14.40 -1.02
N HIS A 82 4.28 13.20 -0.61
CA HIS A 82 4.33 12.79 0.81
C HIS A 82 5.35 11.66 1.02
N LYS A 83 6.01 11.27 -0.08
CA LYS A 83 6.99 10.17 -0.09
C LYS A 83 6.42 8.86 0.48
N VAL A 84 5.13 8.62 0.22
CA VAL A 84 4.46 7.39 0.66
C VAL A 84 4.29 6.40 -0.50
N PHE A 85 4.93 5.23 -0.40
CA PHE A 85 4.82 4.17 -1.41
C PHE A 85 4.23 2.89 -0.80
N VAL A 86 3.12 2.41 -1.36
CA VAL A 86 2.45 1.20 -0.86
C VAL A 86 2.32 0.13 -1.98
N GLU A 87 2.69 -1.11 -1.66
CA GLU A 87 2.50 -2.23 -2.59
C GLU A 87 1.85 -3.43 -1.88
N ILE A 88 0.99 -4.15 -2.58
CA ILE A 88 0.29 -5.30 -1.99
C ILE A 88 0.93 -6.62 -2.43
N LYS A 89 1.38 -7.42 -1.45
CA LYS A 89 1.98 -8.74 -1.74
C LYS A 89 1.26 -9.85 -0.97
N SER A 90 1.27 -11.07 -1.51
CA SER A 90 0.56 -12.20 -0.90
C SER A 90 1.46 -12.97 0.09
N THR A 91 0.83 -13.57 1.09
CA THR A 91 1.54 -14.37 2.10
C THR A 91 2.03 -15.71 1.52
N GLN A 92 1.26 -16.26 0.59
CA GLN A 92 1.56 -17.57 0.00
C GLN A 92 2.68 -17.49 -1.06
N LYS A 93 3.92 -17.51 -0.58
CA LYS A 93 5.13 -17.59 -1.42
C LYS A 93 5.20 -16.51 -2.51
N ASP A 94 4.52 -15.38 -2.30
CA ASP A 94 4.55 -14.29 -3.28
C ASP A 94 5.93 -13.63 -3.32
N SER A 95 6.84 -14.22 -4.07
CA SER A 95 8.25 -13.79 -4.10
C SER A 95 8.46 -12.54 -4.96
N LYS A 96 8.39 -11.38 -4.34
CA LYS A 96 8.75 -10.12 -5.01
C LYS A 96 10.22 -9.76 -4.72
N ASP A 97 10.80 -8.89 -5.54
CA ASP A 97 12.20 -8.48 -5.36
C ASP A 97 12.38 -7.60 -4.12
N PRO A 98 13.06 -8.11 -3.07
CA PRO A 98 13.23 -7.39 -1.81
C PRO A 98 14.40 -6.41 -1.83
N ASP A 99 14.16 -5.21 -2.35
CA ASP A 99 15.16 -4.14 -2.32
C ASP A 99 15.27 -3.55 -0.89
N THR A 100 16.35 -3.91 -0.20
CA THR A 100 16.52 -3.54 1.22
C THR A 100 17.34 -2.24 1.40
N ASP A 101 17.64 -1.56 0.29
CA ASP A 101 18.36 -0.29 0.36
C ASP A 101 17.43 0.83 0.89
N LEU A 102 17.27 0.87 2.21
CA LEU A 102 16.34 1.79 2.87
C LEU A 102 17.05 3.00 3.51
N ILE A 103 16.28 3.85 4.18
CA ILE A 103 16.83 5.01 4.88
C ILE A 103 17.14 4.70 6.35
N VAL A 104 18.30 5.17 6.82
CA VAL A 104 18.76 4.94 8.19
C VAL A 104 17.74 5.40 9.26
N PRO A 105 17.84 4.87 10.50
CA PRO A 105 17.02 5.31 11.64
C PRO A 105 17.10 6.82 11.87
N ASN A 106 15.97 7.51 11.74
CA ASN A 106 15.93 8.97 11.88
C ASN A 106 15.87 9.37 13.37
N LEU A 107 16.77 10.27 13.75
CA LEU A 107 16.88 10.70 15.15
C LEU A 107 15.80 11.72 15.50
N GLU A 108 15.24 11.60 16.71
CA GLU A 108 14.28 12.58 17.20
C GLU A 108 15.02 13.82 17.76
N HIS A 109 15.17 14.84 16.91
CA HIS A 109 15.90 16.06 17.28
C HIS A 109 15.11 16.92 18.27
N HIS A 110 15.00 16.44 19.51
CA HIS A 110 14.36 17.14 20.62
C HIS A 110 14.29 16.23 21.87
N HIS A 111 15.11 15.16 21.87
CA HIS A 111 15.05 14.15 22.95
C HIS A 111 15.47 14.74 24.31
N HIS A 112 14.45 15.06 25.12
CA HIS A 112 14.61 15.65 26.45
C HIS A 112 13.22 15.96 27.02
N HIS A 113 12.30 16.30 26.11
CA HIS A 113 10.88 16.47 26.42
C HIS A 113 10.08 16.67 25.13
N HIS A 114 8.76 16.56 25.21
CA HIS A 114 7.89 16.79 24.06
C HIS A 114 8.09 18.22 23.47
N MET A 1 -18.92 -19.44 3.03
CA MET A 1 -19.27 -18.02 2.75
C MET A 1 -18.20 -17.08 3.31
N LYS A 2 -17.83 -16.06 2.53
CA LYS A 2 -16.80 -15.09 2.92
C LYS A 2 -15.43 -15.77 3.09
N ASN A 3 -14.83 -16.17 1.96
CA ASN A 3 -13.54 -16.85 1.96
C ASN A 3 -12.85 -16.74 0.60
N THR A 4 -11.68 -16.10 0.58
CA THR A 4 -10.86 -16.03 -0.63
C THR A 4 -9.59 -16.89 -0.48
N GLY A 5 -9.20 -17.61 -1.54
CA GLY A 5 -8.06 -18.49 -1.47
C GLY A 5 -6.72 -17.76 -1.41
N ASP A 6 -6.67 -16.55 -1.97
CA ASP A 6 -5.46 -15.73 -1.96
C ASP A 6 -5.33 -14.93 -0.65
N GLU A 7 -4.12 -14.92 -0.09
CA GLU A 7 -3.82 -14.12 1.11
C GLU A 7 -2.87 -12.97 0.76
N VAL A 8 -3.36 -11.73 0.85
CA VAL A 8 -2.56 -10.54 0.47
C VAL A 8 -2.44 -9.52 1.61
N VAL A 9 -1.28 -8.87 1.69
CA VAL A 9 -1.01 -7.82 2.69
C VAL A 9 -0.63 -6.50 2.03
N ALA A 10 -1.09 -5.39 2.60
CA ALA A 10 -0.74 -4.05 2.12
C ALA A 10 0.48 -3.49 2.88
N ILE A 11 1.60 -3.34 2.18
CA ILE A 11 2.82 -2.81 2.77
C ILE A 11 2.95 -1.29 2.54
N ILE A 12 2.95 -0.53 3.63
CA ILE A 12 3.10 0.93 3.55
C ILE A 12 4.54 1.35 3.94
N SER A 13 5.25 1.97 3.01
CA SER A 13 6.62 2.45 3.25
C SER A 13 6.72 3.97 3.13
N GLN A 14 7.45 4.60 4.05
CA GLN A 14 7.70 6.04 4.01
C GLN A 14 9.18 6.34 4.27
N ASN A 15 9.74 7.35 3.58
CA ASN A 15 11.17 7.69 3.72
C ASN A 15 12.08 6.49 3.42
N GLY A 16 11.66 5.65 2.48
CA GLY A 16 12.47 4.49 2.06
C GLY A 16 12.53 3.37 3.10
N LYS A 17 11.55 3.34 4.00
CA LYS A 17 11.50 2.30 5.04
C LYS A 17 10.04 1.89 5.35
N VAL A 18 9.82 0.61 5.62
CA VAL A 18 8.48 0.10 5.94
C VAL A 18 7.97 0.65 7.28
N ILE A 19 6.81 1.29 7.27
CA ILE A 19 6.23 1.88 8.48
C ILE A 19 4.96 1.13 8.94
N ARG A 20 4.32 0.40 8.04
CA ARG A 20 3.08 -0.32 8.38
C ARG A 20 2.82 -1.49 7.43
N GLU A 21 2.24 -2.57 7.97
CA GLU A 21 1.77 -3.71 7.15
C GLU A 21 0.41 -4.21 7.64
N ILE A 22 -0.58 -4.28 6.75
CA ILE A 22 -1.94 -4.72 7.12
C ILE A 22 -2.45 -5.86 6.23
N PRO A 23 -2.86 -6.99 6.83
CA PRO A 23 -3.46 -8.11 6.08
C PRO A 23 -4.89 -7.82 5.61
N LEU A 24 -5.11 -7.80 4.29
CA LEU A 24 -6.44 -7.53 3.74
C LEU A 24 -7.32 -8.79 3.79
N THR A 25 -6.76 -9.91 3.35
CA THR A 25 -7.47 -11.20 3.35
C THR A 25 -7.93 -11.61 4.75
N GLY A 26 -9.25 -11.71 4.93
CA GLY A 26 -9.80 -12.14 6.22
C GLY A 26 -9.95 -11.00 7.22
N HIS A 27 -9.62 -9.78 6.82
CA HIS A 27 -9.75 -8.61 7.70
C HIS A 27 -11.22 -8.24 7.95
N LYS A 28 -11.57 -8.08 9.22
CA LYS A 28 -12.94 -7.71 9.61
C LYS A 28 -13.07 -6.19 9.86
N GLY A 29 -14.25 -5.65 9.57
CA GLY A 29 -14.52 -4.24 9.86
C GLY A 29 -13.81 -3.25 8.93
N ASN A 30 -13.80 -1.99 9.36
CA ASN A 30 -13.16 -0.91 8.60
C ASN A 30 -12.01 -0.28 9.44
N GLU A 31 -10.83 -0.22 8.86
CA GLU A 31 -9.64 0.27 9.56
C GLU A 31 -9.06 1.52 8.89
N GLN A 32 -8.95 2.62 9.62
CA GLN A 32 -8.42 3.88 9.08
C GLN A 32 -7.17 4.34 9.85
N PHE A 33 -6.17 4.84 9.12
CA PHE A 33 -4.93 5.33 9.73
C PHE A 33 -4.31 6.46 8.89
N THR A 34 -3.72 7.45 9.57
CA THR A 34 -3.18 8.64 8.90
C THR A 34 -1.66 8.58 8.76
N ILE A 35 -1.18 8.41 7.52
CA ILE A 35 0.25 8.43 7.23
C ILE A 35 0.74 9.89 7.15
N LYS A 36 1.19 10.43 8.28
CA LYS A 36 1.67 11.81 8.33
C LYS A 36 3.05 11.96 7.66
N GLY A 37 3.15 12.92 6.74
CA GLY A 37 4.43 13.23 6.10
C GLY A 37 5.04 14.52 6.62
N LYS A 38 5.69 15.27 5.74
CA LYS A 38 6.32 16.54 6.14
C LYS A 38 5.32 17.71 6.06
N GLY A 39 5.14 18.41 7.19
CA GLY A 39 4.24 19.55 7.24
C GLY A 39 2.76 19.16 7.30
N ALA A 40 1.93 19.86 6.53
CA ALA A 40 0.48 19.59 6.49
C ALA A 40 0.14 18.45 5.50
N GLN A 41 1.17 17.84 4.93
CA GLN A 41 1.00 16.75 3.97
C GLN A 41 0.80 15.40 4.67
N TYR A 42 -0.35 14.77 4.43
CA TYR A 42 -0.69 13.49 5.07
C TYR A 42 -1.52 12.59 4.13
N ASN A 43 -1.44 11.27 4.36
CA ASN A 43 -2.28 10.31 3.64
C ASN A 43 -3.26 9.60 4.59
N LEU A 44 -4.54 9.90 4.46
CA LEU A 44 -5.56 9.23 5.28
C LEU A 44 -6.07 7.96 4.56
N MET A 45 -5.67 6.80 5.08
CA MET A 45 -6.01 5.51 4.45
C MET A 45 -7.27 4.89 5.06
N GLU A 46 -8.03 4.18 4.23
CA GLU A 46 -9.26 3.50 4.68
C GLU A 46 -9.32 2.05 4.16
N VAL A 47 -9.41 1.09 5.09
CA VAL A 47 -9.50 -0.33 4.74
C VAL A 47 -10.91 -0.86 5.05
N ASP A 48 -11.65 -1.25 4.03
CA ASP A 48 -13.02 -1.77 4.19
C ASP A 48 -13.06 -3.28 3.94
N GLY A 49 -13.14 -4.07 5.00
CA GLY A 49 -13.10 -5.52 4.87
C GLY A 49 -11.78 -6.01 4.28
N GLU A 50 -11.78 -6.40 3.01
CA GLU A 50 -10.58 -6.95 2.36
C GLU A 50 -10.05 -6.03 1.24
N ARG A 51 -10.45 -4.76 1.28
CA ARG A 51 -10.03 -3.77 0.27
C ARG A 51 -9.56 -2.46 0.93
N ILE A 52 -8.62 -1.76 0.29
CA ILE A 52 -8.04 -0.53 0.86
C ILE A 52 -7.97 0.61 -0.18
N ARG A 53 -8.14 1.84 0.28
CA ARG A 53 -8.02 3.04 -0.57
C ARG A 53 -7.50 4.24 0.24
N ILE A 54 -7.14 5.32 -0.45
CA ILE A 54 -6.84 6.58 0.24
C ILE A 54 -8.14 7.38 0.44
N LYS A 55 -8.57 7.46 1.70
CA LYS A 55 -9.82 8.16 2.06
C LYS A 55 -9.70 9.67 1.83
N GLU A 56 -8.59 10.24 2.28
CA GLU A 56 -8.31 11.67 2.11
C GLU A 56 -6.80 11.91 2.08
N ASP A 57 -6.36 13.03 1.50
CA ASP A 57 -4.93 13.30 1.33
C ASP A 57 -4.65 14.80 1.10
N ASN A 58 -3.37 15.17 1.19
CA ASN A 58 -2.94 16.55 0.94
C ASN A 58 -1.74 16.59 -0.04
N SER A 59 -2.00 16.30 -1.31
CA SER A 59 -0.96 16.39 -2.36
C SER A 59 -1.46 17.20 -3.57
N PRO A 60 -0.53 17.79 -4.35
CA PRO A 60 -0.87 18.51 -5.59
C PRO A 60 -1.16 17.56 -6.78
N ASP A 61 -0.74 16.32 -6.66
CA ASP A 61 -0.93 15.32 -7.70
C ASP A 61 -2.24 14.52 -7.51
N GLN A 62 -2.46 14.05 -6.27
CA GLN A 62 -3.66 13.26 -5.92
C GLN A 62 -3.68 11.90 -6.64
N VAL A 63 -2.51 11.44 -7.11
CA VAL A 63 -2.41 10.16 -7.83
C VAL A 63 -2.98 9.01 -6.99
N GLY A 64 -2.58 8.96 -5.71
CA GLY A 64 -3.11 7.96 -4.80
C GLY A 64 -4.64 8.01 -4.68
N VAL A 65 -5.20 9.22 -4.67
CA VAL A 65 -6.65 9.42 -4.62
C VAL A 65 -7.34 8.89 -5.89
N LYS A 66 -6.62 8.94 -7.01
CA LYS A 66 -7.14 8.44 -8.29
C LYS A 66 -7.14 6.89 -8.34
N MET A 67 -6.20 6.25 -7.65
CA MET A 67 -6.08 4.79 -7.66
C MET A 67 -7.40 4.08 -7.27
N GLY A 68 -7.99 4.49 -6.16
CA GLY A 68 -9.25 3.89 -5.72
C GLY A 68 -9.06 2.66 -4.83
N TRP A 69 -10.02 1.73 -4.91
CA TRP A 69 -9.99 0.52 -4.07
C TRP A 69 -9.06 -0.56 -4.66
N LYS A 70 -8.05 -0.94 -3.88
CA LYS A 70 -7.13 -2.01 -4.24
C LYS A 70 -7.23 -3.18 -3.24
N SER A 71 -6.97 -4.41 -3.67
CA SER A 71 -7.15 -5.57 -2.77
C SER A 71 -6.46 -6.86 -3.25
N LYS A 72 -5.62 -6.78 -4.28
CA LYS A 72 -4.95 -7.99 -4.81
C LYS A 72 -3.44 -7.77 -5.01
N ALA A 73 -2.69 -8.87 -5.02
CA ALA A 73 -1.22 -8.82 -5.17
C ALA A 73 -0.83 -8.17 -6.51
N GLY A 74 -0.21 -6.99 -6.42
CA GLY A 74 0.17 -6.25 -7.62
C GLY A 74 -0.29 -4.79 -7.56
N ASP A 75 -1.34 -4.54 -6.80
CA ASP A 75 -1.85 -3.18 -6.61
C ASP A 75 -0.87 -2.33 -5.77
N THR A 76 -0.48 -1.18 -6.30
CA THR A 76 0.47 -0.29 -5.60
C THR A 76 -0.02 1.17 -5.58
N ILE A 77 0.29 1.87 -4.48
CA ILE A 77 -0.10 3.28 -4.32
C ILE A 77 1.15 4.18 -4.27
N VAL A 78 1.16 5.25 -5.08
CA VAL A 78 2.33 6.14 -5.17
C VAL A 78 2.01 7.54 -4.61
N CYS A 79 2.73 7.95 -3.57
CA CYS A 79 2.64 9.32 -3.02
C CYS A 79 4.01 10.01 -3.03
N LEU A 80 4.38 10.56 -4.20
CA LEU A 80 5.71 11.14 -4.41
C LEU A 80 6.08 12.27 -3.40
N PRO A 81 5.28 13.36 -3.32
CA PRO A 81 5.63 14.51 -2.46
C PRO A 81 5.49 14.20 -0.96
N HIS A 82 5.04 12.99 -0.64
CA HIS A 82 4.90 12.55 0.76
C HIS A 82 5.94 11.48 1.11
N LYS A 83 6.75 11.09 0.12
CA LYS A 83 7.78 10.05 0.30
C LYS A 83 7.17 8.71 0.75
N VAL A 84 5.93 8.46 0.32
CA VAL A 84 5.21 7.24 0.70
C VAL A 84 4.91 6.35 -0.52
N PHE A 85 5.16 5.06 -0.37
CA PHE A 85 4.84 4.07 -1.40
C PHE A 85 4.21 2.82 -0.76
N VAL A 86 3.10 2.36 -1.33
CA VAL A 86 2.38 1.19 -0.82
C VAL A 86 2.34 0.07 -1.86
N GLU A 87 2.58 -1.17 -1.43
CA GLU A 87 2.51 -2.32 -2.33
C GLU A 87 1.71 -3.48 -1.69
N ILE A 88 0.69 -3.96 -2.39
CA ILE A 88 -0.08 -5.12 -1.95
C ILE A 88 0.54 -6.41 -2.51
N LYS A 89 1.00 -7.27 -1.60
CA LYS A 89 1.72 -8.49 -1.99
C LYS A 89 1.17 -9.71 -1.24
N SER A 90 1.20 -10.88 -1.88
CA SER A 90 0.66 -12.10 -1.29
C SER A 90 1.62 -12.71 -0.27
N THR A 91 1.06 -13.31 0.78
CA THR A 91 1.86 -14.04 1.79
C THR A 91 2.09 -15.50 1.35
N GLN A 92 1.43 -15.88 0.26
CA GLN A 92 1.52 -17.25 -0.27
C GLN A 92 2.55 -17.33 -1.40
N LYS A 93 2.69 -18.51 -2.00
CA LYS A 93 3.69 -18.73 -3.05
C LYS A 93 3.26 -18.13 -4.41
N ASP A 94 4.25 -17.87 -5.27
CA ASP A 94 4.01 -17.39 -6.64
C ASP A 94 5.33 -17.32 -7.42
N SER A 95 5.25 -17.43 -8.75
CA SER A 95 6.46 -17.49 -9.59
C SER A 95 7.07 -16.09 -9.79
N LYS A 96 7.65 -15.55 -8.71
CA LYS A 96 8.27 -14.21 -8.72
C LYS A 96 8.99 -13.92 -7.39
N ASP A 97 9.60 -12.74 -7.28
CA ASP A 97 10.23 -12.32 -6.03
C ASP A 97 9.39 -11.23 -5.32
N PRO A 98 9.10 -11.39 -4.01
CA PRO A 98 8.28 -10.44 -3.24
C PRO A 98 8.87 -9.02 -3.20
N ASP A 99 10.21 -8.93 -3.15
CA ASP A 99 10.90 -7.64 -3.10
C ASP A 99 12.01 -7.59 -4.18
N THR A 100 12.22 -6.42 -4.78
CA THR A 100 13.12 -6.28 -5.95
C THR A 100 14.42 -5.53 -5.62
N ASP A 101 14.54 -5.01 -4.39
CA ASP A 101 15.69 -4.19 -4.01
C ASP A 101 16.92 -5.06 -3.71
N LEU A 102 18.09 -4.58 -4.10
CA LEU A 102 19.34 -5.32 -3.91
C LEU A 102 20.20 -4.72 -2.78
N ILE A 103 20.20 -5.37 -1.63
CA ILE A 103 21.05 -4.98 -0.51
C ILE A 103 22.45 -5.60 -0.65
N VAL A 104 23.40 -4.81 -1.15
CA VAL A 104 24.77 -5.29 -1.39
C VAL A 104 25.46 -5.73 -0.09
N PRO A 105 26.07 -6.93 -0.07
CA PRO A 105 26.78 -7.45 1.12
C PRO A 105 27.82 -6.46 1.68
N ASN A 106 27.86 -6.36 3.02
CA ASN A 106 28.76 -5.42 3.72
C ASN A 106 28.42 -3.96 3.38
N LEU A 107 27.23 -3.54 3.79
CA LEU A 107 26.78 -2.16 3.65
C LEU A 107 26.38 -1.63 5.04
N GLU A 108 27.34 -1.03 5.74
CA GLU A 108 27.14 -0.60 7.13
C GLU A 108 26.34 0.69 7.24
N HIS A 109 25.02 0.58 7.16
CA HIS A 109 24.12 1.72 7.37
C HIS A 109 23.74 1.84 8.86
N HIS A 110 24.49 2.65 9.61
CA HIS A 110 24.26 2.80 11.05
C HIS A 110 24.19 4.29 11.47
N HIS A 111 25.35 4.90 11.73
CA HIS A 111 25.42 6.25 12.28
C HIS A 111 24.71 6.37 13.65
N HIS A 112 25.42 5.94 14.69
CA HIS A 112 24.93 6.06 16.08
C HIS A 112 25.96 6.84 16.92
N HIS A 113 25.56 8.02 17.40
CA HIS A 113 26.48 8.89 18.15
C HIS A 113 26.79 8.35 19.55
N HIS A 114 27.76 7.44 19.62
CA HIS A 114 28.27 6.91 20.89
C HIS A 114 29.59 6.15 20.69
N MET A 1 -19.16 -17.40 5.68
CA MET A 1 -18.62 -18.55 4.89
C MET A 1 -18.12 -18.10 3.51
N LYS A 2 -16.96 -18.63 3.11
CA LYS A 2 -16.37 -18.35 1.78
C LYS A 2 -15.10 -19.20 1.57
N ASN A 3 -14.68 -19.35 0.31
CA ASN A 3 -13.42 -20.03 0.00
C ASN A 3 -12.26 -19.03 0.00
N THR A 4 -11.49 -18.98 1.07
CA THR A 4 -10.41 -17.99 1.22
C THR A 4 -9.10 -18.46 0.57
N GLY A 5 -8.82 -17.96 -0.62
CA GLY A 5 -7.54 -18.20 -1.29
C GLY A 5 -6.92 -16.91 -1.83
N ASP A 6 -7.53 -15.79 -1.46
CA ASP A 6 -7.14 -14.47 -1.95
C ASP A 6 -6.39 -13.66 -0.88
N GLU A 7 -5.47 -14.32 -0.18
CA GLU A 7 -4.74 -13.70 0.93
C GLU A 7 -3.68 -12.69 0.45
N VAL A 8 -3.99 -11.41 0.64
CA VAL A 8 -3.08 -10.31 0.26
C VAL A 8 -2.80 -9.36 1.44
N VAL A 9 -1.64 -8.71 1.41
CA VAL A 9 -1.22 -7.77 2.45
C VAL A 9 -0.83 -6.41 1.85
N ALA A 10 -1.13 -5.33 2.57
CA ALA A 10 -0.76 -3.98 2.13
C ALA A 10 0.46 -3.46 2.91
N ILE A 11 1.60 -3.35 2.23
CA ILE A 11 2.84 -2.90 2.87
C ILE A 11 3.05 -1.39 2.67
N ILE A 12 2.82 -0.61 3.73
CA ILE A 12 3.03 0.84 3.67
C ILE A 12 4.48 1.20 4.07
N SER A 13 5.25 1.64 3.09
CA SER A 13 6.65 2.04 3.31
C SER A 13 6.86 3.53 3.00
N GLN A 14 7.43 4.26 3.94
CA GLN A 14 7.67 5.71 3.75
C GLN A 14 9.18 6.01 3.84
N ASN A 15 9.63 7.01 3.08
CA ASN A 15 11.05 7.37 3.00
C ASN A 15 11.91 6.25 2.39
N GLY A 16 11.25 5.19 1.90
CA GLY A 16 11.96 4.04 1.34
C GLY A 16 12.01 2.85 2.29
N LYS A 17 11.50 3.02 3.51
CA LYS A 17 11.50 1.95 4.52
C LYS A 17 10.08 1.67 5.04
N VAL A 18 9.83 0.43 5.47
CA VAL A 18 8.51 0.02 5.93
C VAL A 18 8.14 0.67 7.28
N ILE A 19 6.98 1.33 7.33
CA ILE A 19 6.52 1.99 8.56
C ILE A 19 5.27 1.29 9.15
N ARG A 20 4.50 0.61 8.29
CA ARG A 20 3.28 -0.08 8.71
C ARG A 20 2.81 -1.07 7.63
N GLU A 21 2.63 -2.33 8.00
CA GLU A 21 2.13 -3.34 7.06
C GLU A 21 0.85 -4.00 7.59
N ILE A 22 -0.24 -3.88 6.84
CA ILE A 22 -1.55 -4.38 7.27
C ILE A 22 -2.08 -5.48 6.33
N PRO A 23 -2.14 -6.74 6.81
CA PRO A 23 -2.80 -7.83 6.08
C PRO A 23 -4.29 -7.54 5.84
N LEU A 24 -4.69 -7.45 4.57
CA LEU A 24 -6.06 -7.10 4.20
C LEU A 24 -7.02 -8.27 4.43
N THR A 25 -6.72 -9.41 3.82
CA THR A 25 -7.54 -10.63 3.95
C THR A 25 -7.72 -11.04 5.41
N GLY A 26 -8.96 -11.35 5.79
CA GLY A 26 -9.25 -11.70 7.18
C GLY A 26 -9.87 -10.55 7.97
N HIS A 27 -9.58 -9.32 7.53
CA HIS A 27 -10.09 -8.12 8.19
C HIS A 27 -11.58 -7.90 7.89
N LYS A 28 -12.35 -7.56 8.91
CA LYS A 28 -13.77 -7.28 8.78
C LYS A 28 -14.11 -5.88 9.31
N GLY A 29 -15.09 -5.23 8.67
CA GLY A 29 -15.46 -3.88 9.06
C GLY A 29 -14.61 -2.81 8.36
N ASN A 30 -14.56 -1.61 8.94
CA ASN A 30 -13.85 -0.48 8.32
C ASN A 30 -12.72 0.02 9.24
N GLU A 31 -11.52 0.14 8.68
CA GLU A 31 -10.33 0.55 9.44
C GLU A 31 -9.69 1.80 8.80
N GLN A 32 -9.32 2.80 9.61
CA GLN A 32 -8.77 4.05 9.08
C GLN A 32 -7.51 4.49 9.87
N PHE A 33 -6.43 4.81 9.14
CA PHE A 33 -5.19 5.29 9.78
C PHE A 33 -4.57 6.45 8.98
N THR A 34 -4.12 7.48 9.69
CA THR A 34 -3.56 8.69 9.07
C THR A 34 -2.04 8.75 9.18
N ILE A 35 -1.36 8.68 8.03
CA ILE A 35 0.09 8.80 7.96
C ILE A 35 0.50 10.29 7.99
N LYS A 36 1.56 10.62 8.71
CA LYS A 36 2.02 12.01 8.83
C LYS A 36 3.42 12.21 8.21
N GLY A 37 3.48 12.96 7.11
CA GLY A 37 4.76 13.25 6.45
C GLY A 37 5.35 14.59 6.87
N LYS A 38 5.94 15.30 5.91
CA LYS A 38 6.59 16.60 6.19
C LYS A 38 5.55 17.73 6.33
N GLY A 39 5.02 17.89 7.54
CA GLY A 39 4.06 18.97 7.82
C GLY A 39 2.62 18.58 7.47
N ALA A 40 2.00 19.34 6.56
CA ALA A 40 0.63 19.08 6.12
C ALA A 40 0.55 17.88 5.16
N GLN A 41 1.69 17.29 4.85
CA GLN A 41 1.75 16.16 3.91
C GLN A 41 1.31 14.85 4.58
N TYR A 42 0.03 14.77 4.94
CA TYR A 42 -0.52 13.56 5.57
C TYR A 42 -1.18 12.65 4.52
N ASN A 43 -1.48 11.41 4.91
CA ASN A 43 -2.22 10.47 4.04
C ASN A 43 -3.23 9.65 4.86
N LEU A 44 -4.53 9.90 4.64
CA LEU A 44 -5.57 9.13 5.32
C LEU A 44 -5.88 7.84 4.54
N MET A 45 -5.37 6.71 5.02
CA MET A 45 -5.58 5.42 4.38
C MET A 45 -6.73 4.66 5.05
N GLU A 46 -7.53 3.97 4.26
CA GLU A 46 -8.72 3.28 4.78
C GLU A 46 -8.84 1.84 4.24
N VAL A 47 -8.94 0.87 5.16
CA VAL A 47 -9.17 -0.53 4.81
C VAL A 47 -10.65 -0.90 5.02
N ASP A 48 -11.35 -1.16 3.93
CA ASP A 48 -12.77 -1.51 3.99
C ASP A 48 -12.97 -3.00 3.68
N GLY A 49 -13.27 -3.78 4.70
CA GLY A 49 -13.29 -5.22 4.55
C GLY A 49 -11.90 -5.80 4.28
N GLU A 50 -11.64 -6.17 3.02
CA GLU A 50 -10.35 -6.76 2.64
C GLU A 50 -9.69 -5.96 1.49
N ARG A 51 -10.02 -4.66 1.40
CA ARG A 51 -9.46 -3.77 0.37
C ARG A 51 -9.01 -2.43 1.00
N ILE A 52 -8.06 -1.74 0.36
CA ILE A 52 -7.53 -0.48 0.91
C ILE A 52 -7.23 0.57 -0.18
N ARG A 53 -7.49 1.85 0.14
CA ARG A 53 -7.04 2.98 -0.69
C ARG A 53 -7.03 4.29 0.07
N ILE A 54 -6.43 5.33 -0.51
CA ILE A 54 -6.39 6.67 0.10
C ILE A 54 -7.79 7.31 0.10
N LYS A 55 -8.28 7.65 1.29
CA LYS A 55 -9.59 8.30 1.42
C LYS A 55 -9.49 9.80 1.17
N GLU A 56 -8.45 10.41 1.71
CA GLU A 56 -8.24 11.86 1.63
C GLU A 56 -6.80 12.23 2.04
N ASP A 57 -6.19 13.17 1.32
CA ASP A 57 -4.84 13.62 1.65
C ASP A 57 -4.44 14.86 0.84
N ASN A 58 -3.33 15.49 1.23
CA ASN A 58 -2.86 16.73 0.59
C ASN A 58 -1.77 16.44 -0.47
N SER A 59 -2.00 15.43 -1.31
CA SER A 59 -1.10 15.17 -2.45
C SER A 59 -1.66 15.77 -3.74
N PRO A 60 -0.90 16.65 -4.40
CA PRO A 60 -1.36 17.33 -5.63
C PRO A 60 -1.68 16.33 -6.75
N ASP A 61 -1.02 15.18 -6.71
CA ASP A 61 -1.25 14.12 -7.70
C ASP A 61 -2.55 13.33 -7.38
N GLN A 62 -2.85 13.16 -6.09
CA GLN A 62 -4.04 12.39 -5.65
C GLN A 62 -4.05 10.96 -6.23
N VAL A 63 -2.87 10.36 -6.36
CA VAL A 63 -2.71 9.05 -7.02
C VAL A 63 -3.64 7.98 -6.42
N GLY A 64 -3.61 7.80 -5.10
CA GLY A 64 -4.42 6.76 -4.47
C GLY A 64 -5.92 6.98 -4.62
N VAL A 65 -6.36 8.22 -4.47
CA VAL A 65 -7.77 8.57 -4.66
C VAL A 65 -8.23 8.23 -6.09
N LYS A 66 -7.36 8.50 -7.06
CA LYS A 66 -7.61 8.17 -8.46
C LYS A 66 -7.44 6.65 -8.74
N MET A 67 -6.59 6.00 -7.95
CA MET A 67 -6.37 4.55 -8.07
C MET A 67 -7.61 3.74 -7.65
N GLY A 68 -8.32 4.22 -6.62
CA GLY A 68 -9.53 3.53 -6.16
C GLY A 68 -9.22 2.33 -5.24
N TRP A 69 -10.26 1.59 -4.87
CA TRP A 69 -10.10 0.43 -3.97
C TRP A 69 -9.15 -0.63 -4.55
N LYS A 70 -8.07 -0.90 -3.83
CA LYS A 70 -7.09 -1.91 -4.25
C LYS A 70 -7.02 -3.10 -3.26
N SER A 71 -7.17 -4.30 -3.80
CA SER A 71 -7.03 -5.53 -3.00
C SER A 71 -6.33 -6.63 -3.82
N LYS A 72 -5.66 -6.23 -4.89
CA LYS A 72 -5.02 -7.17 -5.80
C LYS A 72 -3.48 -7.09 -5.71
N ALA A 73 -2.83 -8.25 -5.55
CA ALA A 73 -1.37 -8.31 -5.44
C ALA A 73 -0.69 -7.85 -6.74
N GLY A 74 -0.10 -6.66 -6.71
CA GLY A 74 0.55 -6.11 -7.89
C GLY A 74 0.30 -4.61 -8.03
N ASP A 75 -0.89 -4.15 -7.66
CA ASP A 75 -1.22 -2.73 -7.67
C ASP A 75 -0.52 -1.98 -6.53
N THR A 76 0.12 -0.86 -6.86
CA THR A 76 0.86 -0.06 -5.87
C THR A 76 0.32 1.37 -5.79
N ILE A 77 0.47 1.99 -4.62
CA ILE A 77 0.05 3.38 -4.40
C ILE A 77 1.28 4.27 -4.14
N VAL A 78 1.61 5.15 -5.09
CA VAL A 78 2.81 5.98 -5.00
C VAL A 78 2.48 7.45 -4.69
N CYS A 79 2.93 7.93 -3.54
CA CYS A 79 2.78 9.34 -3.15
C CYS A 79 4.15 9.99 -2.87
N LEU A 80 4.89 10.31 -3.94
CA LEU A 80 6.25 10.88 -3.82
C LEU A 80 6.28 12.18 -2.99
N PRO A 81 5.36 13.15 -3.24
CA PRO A 81 5.32 14.40 -2.44
C PRO A 81 5.17 14.15 -0.92
N HIS A 82 4.72 12.95 -0.56
CA HIS A 82 4.54 12.58 0.85
C HIS A 82 5.54 11.48 1.28
N LYS A 83 6.39 11.04 0.33
CA LYS A 83 7.38 9.98 0.55
C LYS A 83 6.72 8.62 0.88
N VAL A 84 5.42 8.50 0.61
CA VAL A 84 4.66 7.28 0.94
C VAL A 84 4.55 6.33 -0.27
N PHE A 85 4.94 5.08 -0.07
CA PHE A 85 4.84 4.05 -1.12
C PHE A 85 4.17 2.79 -0.57
N VAL A 86 2.97 2.48 -1.07
CA VAL A 86 2.23 1.29 -0.62
C VAL A 86 2.36 0.14 -1.63
N GLU A 87 2.96 -0.95 -1.19
CA GLU A 87 3.16 -2.14 -2.03
C GLU A 87 2.20 -3.28 -1.62
N ILE A 88 1.20 -3.57 -2.45
CA ILE A 88 0.25 -4.64 -2.17
C ILE A 88 0.70 -5.97 -2.80
N LYS A 89 0.89 -6.99 -1.96
CA LYS A 89 1.43 -8.28 -2.40
C LYS A 89 0.70 -9.45 -1.73
N SER A 90 0.71 -10.62 -2.38
CA SER A 90 0.00 -11.80 -1.85
C SER A 90 0.92 -12.72 -1.04
N THR A 91 0.34 -13.41 -0.06
CA THR A 91 1.09 -14.38 0.75
C THR A 91 1.09 -15.77 0.11
N GLN A 92 0.49 -15.88 -1.08
CA GLN A 92 0.35 -17.17 -1.77
C GLN A 92 1.56 -17.45 -2.68
N LYS A 93 1.43 -18.45 -3.55
CA LYS A 93 2.54 -18.86 -4.42
C LYS A 93 2.76 -17.89 -5.59
N ASP A 94 3.81 -17.08 -5.49
CA ASP A 94 4.21 -16.19 -6.60
C ASP A 94 5.69 -16.43 -6.95
N SER A 95 6.11 -16.01 -8.14
CA SER A 95 7.47 -16.31 -8.62
C SER A 95 8.22 -15.07 -9.10
N LYS A 96 7.72 -13.88 -8.76
CA LYS A 96 8.43 -12.63 -9.08
C LYS A 96 9.68 -12.44 -8.21
N ASP A 97 10.77 -12.00 -8.84
CA ASP A 97 11.99 -11.62 -8.11
C ASP A 97 11.71 -10.45 -7.16
N PRO A 98 12.62 -10.18 -6.20
CA PRO A 98 12.46 -9.03 -5.27
C PRO A 98 12.71 -7.66 -5.94
N ASP A 99 12.46 -7.57 -7.26
CA ASP A 99 12.66 -6.32 -8.00
C ASP A 99 11.50 -5.33 -7.74
N THR A 100 11.80 -4.26 -7.04
CA THR A 100 10.84 -3.19 -6.75
C THR A 100 11.54 -1.82 -6.77
N ASP A 101 11.62 -1.24 -7.95
CA ASP A 101 12.38 0.00 -8.17
C ASP A 101 11.50 1.24 -8.06
N LEU A 102 11.93 2.19 -7.24
CA LEU A 102 11.20 3.45 -7.03
C LEU A 102 12.17 4.60 -6.76
N ILE A 103 11.70 5.84 -6.90
CA ILE A 103 12.53 7.02 -6.66
C ILE A 103 11.99 7.88 -5.51
N VAL A 104 12.59 7.72 -4.34
CA VAL A 104 12.24 8.54 -3.17
C VAL A 104 13.28 9.65 -2.94
N PRO A 105 12.99 10.89 -3.39
CA PRO A 105 13.94 12.02 -3.25
C PRO A 105 14.11 12.50 -1.80
N ASN A 106 15.27 13.09 -1.52
CA ASN A 106 15.57 13.63 -0.19
C ASN A 106 15.23 15.12 -0.11
N LEU A 107 14.14 15.45 0.59
CA LEU A 107 13.68 16.84 0.71
C LEU A 107 14.20 17.50 1.99
N GLU A 108 13.79 18.74 2.21
CA GLU A 108 14.21 19.53 3.37
C GLU A 108 13.78 18.88 4.70
N HIS A 109 14.70 18.79 5.64
CA HIS A 109 14.41 18.27 6.99
C HIS A 109 13.66 19.32 7.84
N HIS A 110 12.44 19.67 7.42
CA HIS A 110 11.68 20.72 8.09
C HIS A 110 10.75 20.17 9.17
N HIS A 111 11.24 20.13 10.41
CA HIS A 111 10.43 19.66 11.56
C HIS A 111 9.99 20.84 12.43
N HIS A 112 8.69 20.91 12.75
CA HIS A 112 8.15 21.99 13.59
C HIS A 112 8.52 21.82 15.07
N HIS A 113 8.74 22.93 15.76
CA HIS A 113 8.80 22.94 17.23
C HIS A 113 7.37 22.81 17.78
N HIS A 114 6.44 23.44 17.07
CA HIS A 114 5.00 23.27 17.30
C HIS A 114 4.28 23.07 15.95
N MET A 1 -18.61 -24.31 4.85
CA MET A 1 -17.14 -24.07 4.96
C MET A 1 -16.76 -22.67 4.45
N LYS A 2 -15.54 -22.24 4.78
CA LYS A 2 -15.00 -20.97 4.30
C LYS A 2 -13.46 -20.95 4.38
N ASN A 3 -12.82 -21.49 3.36
CA ASN A 3 -11.35 -21.53 3.30
C ASN A 3 -10.83 -20.76 2.08
N THR A 4 -9.74 -19.99 2.28
CA THR A 4 -9.15 -19.18 1.20
C THR A 4 -7.62 -19.32 1.16
N GLY A 5 -7.09 -19.60 -0.02
CA GLY A 5 -5.64 -19.61 -0.21
C GLY A 5 -5.12 -18.28 -0.77
N ASP A 6 -6.03 -17.47 -1.29
CA ASP A 6 -5.69 -16.16 -1.85
C ASP A 6 -5.43 -15.12 -0.75
N GLU A 7 -4.39 -15.33 0.04
CA GLU A 7 -4.06 -14.43 1.14
C GLU A 7 -3.07 -13.33 0.70
N VAL A 8 -3.52 -12.07 0.76
CA VAL A 8 -2.69 -10.92 0.37
C VAL A 8 -2.55 -9.91 1.51
N VAL A 9 -1.37 -9.28 1.60
CA VAL A 9 -1.09 -8.25 2.60
C VAL A 9 -0.71 -6.91 1.95
N ALA A 10 -1.08 -5.81 2.59
CA ALA A 10 -0.76 -4.46 2.11
C ALA A 10 0.44 -3.88 2.88
N ILE A 11 1.56 -3.70 2.17
CA ILE A 11 2.78 -3.14 2.78
C ILE A 11 2.84 -1.62 2.61
N ILE A 12 2.59 -0.88 3.68
CA ILE A 12 2.65 0.59 3.65
C ILE A 12 4.06 1.10 4.04
N SER A 13 4.69 1.85 3.13
CA SER A 13 6.03 2.40 3.37
C SER A 13 6.03 3.94 3.27
N GLN A 14 7.02 4.58 3.89
CA GLN A 14 7.16 6.04 3.83
C GLN A 14 8.62 6.47 4.02
N ASN A 15 9.03 7.51 3.29
CA ASN A 15 10.39 8.07 3.35
C ASN A 15 11.49 7.03 3.04
N GLY A 16 11.13 5.94 2.39
CA GLY A 16 12.12 4.94 1.98
C GLY A 16 12.07 3.63 2.77
N LYS A 17 11.34 3.62 3.89
CA LYS A 17 11.26 2.42 4.75
C LYS A 17 9.79 2.04 5.07
N VAL A 18 9.57 0.77 5.40
CA VAL A 18 8.22 0.30 5.76
C VAL A 18 7.77 0.86 7.12
N ILE A 19 6.55 1.36 7.18
CA ILE A 19 6.01 1.93 8.43
C ILE A 19 4.88 1.07 9.02
N ARG A 20 4.11 0.39 8.16
CA ARG A 20 2.96 -0.42 8.61
C ARG A 20 2.60 -1.51 7.59
N GLU A 21 2.40 -2.75 8.09
CA GLU A 21 1.97 -3.87 7.23
C GLU A 21 0.59 -4.38 7.67
N ILE A 22 -0.41 -4.23 6.82
CA ILE A 22 -1.79 -4.64 7.17
C ILE A 22 -2.27 -5.79 6.26
N PRO A 23 -2.54 -6.98 6.84
CA PRO A 23 -3.09 -8.13 6.09
C PRO A 23 -4.53 -7.88 5.62
N LEU A 24 -4.77 -8.01 4.32
CA LEU A 24 -6.10 -7.78 3.76
C LEU A 24 -7.00 -9.02 3.92
N THR A 25 -6.53 -10.15 3.40
CA THR A 25 -7.29 -11.40 3.49
C THR A 25 -7.49 -11.84 4.95
N GLY A 26 -8.74 -11.82 5.40
CA GLY A 26 -9.04 -12.17 6.79
C GLY A 26 -9.16 -10.95 7.71
N HIS A 27 -9.14 -9.75 7.13
CA HIS A 27 -9.30 -8.52 7.91
C HIS A 27 -10.80 -8.19 8.10
N LYS A 28 -11.22 -8.06 9.35
CA LYS A 28 -12.64 -7.82 9.67
C LYS A 28 -12.97 -6.33 9.75
N GLY A 29 -14.14 -5.95 9.24
CA GLY A 29 -14.64 -4.58 9.39
C GLY A 29 -13.82 -3.52 8.66
N ASN A 30 -13.85 -2.30 9.19
CA ASN A 30 -13.16 -1.14 8.59
C ASN A 30 -12.07 -0.61 9.53
N GLU A 31 -10.96 -0.16 8.95
CA GLU A 31 -9.80 0.30 9.74
C GLU A 31 -9.11 1.49 9.06
N GLN A 32 -9.14 2.66 9.71
CA GLN A 32 -8.60 3.89 9.11
C GLN A 32 -7.43 4.45 9.95
N PHE A 33 -6.37 4.89 9.28
CA PHE A 33 -5.19 5.46 9.95
C PHE A 33 -4.58 6.62 9.14
N THR A 34 -4.11 7.65 9.84
CA THR A 34 -3.55 8.85 9.20
C THR A 34 -2.02 8.83 9.18
N ILE A 35 -1.44 8.81 7.99
CA ILE A 35 0.01 8.87 7.82
C ILE A 35 0.48 10.32 7.64
N LYS A 36 0.93 10.94 8.72
CA LYS A 36 1.40 12.33 8.69
C LYS A 36 2.83 12.42 8.13
N GLY A 37 3.13 13.52 7.45
CA GLY A 37 4.47 13.75 6.92
C GLY A 37 5.05 15.10 7.33
N LYS A 38 5.93 15.65 6.50
CA LYS A 38 6.52 16.96 6.79
C LYS A 38 5.48 18.09 6.61
N GLY A 39 5.29 18.88 7.67
CA GLY A 39 4.29 19.95 7.64
C GLY A 39 2.86 19.42 7.67
N ALA A 40 1.99 19.97 6.82
CA ALA A 40 0.60 19.50 6.72
C ALA A 40 0.42 18.44 5.61
N GLN A 41 1.53 17.87 5.16
CA GLN A 41 1.52 16.89 4.07
C GLN A 41 1.30 15.45 4.61
N TYR A 42 0.06 14.98 4.51
CA TYR A 42 -0.32 13.67 5.07
C TYR A 42 -1.13 12.83 4.06
N ASN A 43 -1.27 11.54 4.37
CA ASN A 43 -2.16 10.63 3.63
C ASN A 43 -3.12 9.91 4.57
N LEU A 44 -4.41 10.06 4.33
CA LEU A 44 -5.44 9.36 5.14
C LEU A 44 -5.81 8.02 4.49
N MET A 45 -5.42 6.92 5.13
CA MET A 45 -5.62 5.57 4.57
C MET A 45 -6.85 4.88 5.17
N GLU A 46 -7.64 4.24 4.32
CA GLU A 46 -8.83 3.49 4.76
C GLU A 46 -8.79 2.03 4.28
N VAL A 47 -8.71 1.10 5.22
CA VAL A 47 -8.75 -0.33 4.92
C VAL A 47 -10.15 -0.91 5.24
N ASP A 48 -10.92 -1.21 4.22
CA ASP A 48 -12.28 -1.74 4.41
C ASP A 48 -12.36 -3.21 4.00
N GLY A 49 -12.77 -4.07 4.93
CA GLY A 49 -12.83 -5.50 4.66
C GLY A 49 -11.48 -6.06 4.24
N GLU A 50 -11.33 -6.40 2.97
CA GLU A 50 -10.08 -6.97 2.43
C GLU A 50 -9.49 -6.10 1.31
N ARG A 51 -9.83 -4.80 1.32
CA ARG A 51 -9.31 -3.86 0.32
C ARG A 51 -8.92 -2.52 0.97
N ILE A 52 -7.93 -1.84 0.40
CA ILE A 52 -7.39 -0.59 0.96
C ILE A 52 -7.37 0.55 -0.07
N ARG A 53 -7.59 1.78 0.40
CA ARG A 53 -7.51 2.97 -0.47
C ARG A 53 -7.03 4.20 0.32
N ILE A 54 -6.70 5.27 -0.40
CA ILE A 54 -6.45 6.56 0.23
C ILE A 54 -7.76 7.38 0.29
N LYS A 55 -8.26 7.57 1.51
CA LYS A 55 -9.54 8.23 1.74
C LYS A 55 -9.44 9.76 1.53
N GLU A 56 -8.32 10.34 1.97
CA GLU A 56 -8.04 11.77 1.76
C GLU A 56 -6.53 12.00 1.67
N ASP A 57 -6.11 13.00 0.90
CA ASP A 57 -4.69 13.25 0.66
C ASP A 57 -4.42 14.72 0.30
N ASN A 58 -3.44 15.32 0.98
CA ASN A 58 -3.08 16.72 0.75
C ASN A 58 -1.88 16.81 -0.23
N SER A 59 -2.10 16.37 -1.46
CA SER A 59 -1.07 16.42 -2.51
C SER A 59 -1.60 17.09 -3.78
N PRO A 60 -0.80 17.94 -4.45
CA PRO A 60 -1.23 18.64 -5.68
C PRO A 60 -1.65 17.67 -6.80
N ASP A 61 -0.93 16.54 -6.88
CA ASP A 61 -1.16 15.55 -7.93
C ASP A 61 -2.42 14.70 -7.68
N GLN A 62 -2.77 14.50 -6.41
CA GLN A 62 -3.96 13.70 -6.04
C GLN A 62 -3.94 12.27 -6.62
N VAL A 63 -2.76 11.79 -7.00
CA VAL A 63 -2.61 10.44 -7.60
C VAL A 63 -3.22 9.35 -6.71
N GLY A 64 -3.00 9.46 -5.40
CA GLY A 64 -3.56 8.48 -4.46
C GLY A 64 -5.08 8.36 -4.54
N VAL A 65 -5.76 9.51 -4.61
CA VAL A 65 -7.22 9.54 -4.73
C VAL A 65 -7.69 8.92 -6.06
N LYS A 66 -6.93 9.17 -7.13
CA LYS A 66 -7.26 8.64 -8.46
C LYS A 66 -7.16 7.11 -8.52
N MET A 67 -6.14 6.55 -7.86
CA MET A 67 -5.95 5.09 -7.83
C MET A 67 -7.09 4.39 -7.08
N GLY A 68 -7.51 4.99 -5.96
CA GLY A 68 -8.66 4.48 -5.21
C GLY A 68 -8.41 3.13 -4.54
N TRP A 69 -9.33 2.19 -4.75
CA TRP A 69 -9.28 0.88 -4.08
C TRP A 69 -8.24 -0.08 -4.71
N LYS A 70 -7.49 -0.76 -3.86
CA LYS A 70 -6.56 -1.81 -4.28
C LYS A 70 -6.73 -3.06 -3.39
N SER A 71 -6.59 -4.26 -3.97
CA SER A 71 -6.80 -5.50 -3.20
C SER A 71 -6.17 -6.74 -3.86
N LYS A 72 -5.31 -6.54 -4.86
CA LYS A 72 -4.70 -7.67 -5.58
C LYS A 72 -3.16 -7.61 -5.54
N ALA A 73 -2.52 -8.78 -5.59
CA ALA A 73 -1.05 -8.87 -5.63
C ALA A 73 -0.48 -8.12 -6.84
N GLY A 74 0.22 -7.01 -6.57
CA GLY A 74 0.75 -6.17 -7.65
C GLY A 74 0.23 -4.75 -7.59
N ASP A 75 -0.90 -4.56 -6.93
CA ASP A 75 -1.48 -3.23 -6.75
C ASP A 75 -0.56 -2.33 -5.89
N THR A 76 -0.18 -1.18 -6.44
CA THR A 76 0.73 -0.26 -5.74
C THR A 76 0.22 1.18 -5.75
N ILE A 77 0.42 1.88 -4.63
CA ILE A 77 0.05 3.28 -4.48
C ILE A 77 1.30 4.15 -4.31
N VAL A 78 1.54 5.08 -5.24
CA VAL A 78 2.73 5.93 -5.19
C VAL A 78 2.37 7.40 -4.90
N CYS A 79 2.81 7.92 -3.76
CA CYS A 79 2.60 9.32 -3.40
C CYS A 79 3.94 10.03 -3.15
N LEU A 80 4.61 10.41 -4.24
CA LEU A 80 5.96 11.02 -4.17
C LEU A 80 6.00 12.32 -3.33
N PRO A 81 5.05 13.27 -3.53
CA PRO A 81 5.01 14.51 -2.72
C PRO A 81 4.91 14.26 -1.21
N HIS A 82 4.53 13.03 -0.82
CA HIS A 82 4.46 12.65 0.61
C HIS A 82 5.44 11.52 0.93
N LYS A 83 6.15 11.04 -0.10
CA LYS A 83 7.14 9.96 0.04
C LYS A 83 6.51 8.66 0.59
N VAL A 84 5.23 8.46 0.32
CA VAL A 84 4.50 7.26 0.75
C VAL A 84 4.37 6.25 -0.41
N PHE A 85 4.68 4.98 -0.13
CA PHE A 85 4.57 3.92 -1.13
C PHE A 85 3.93 2.66 -0.53
N VAL A 86 2.78 2.26 -1.07
CA VAL A 86 2.08 1.05 -0.62
C VAL A 86 2.10 -0.02 -1.72
N GLU A 87 2.45 -1.26 -1.37
CA GLU A 87 2.43 -2.38 -2.32
C GLU A 87 1.72 -3.60 -1.74
N ILE A 88 0.82 -4.18 -2.53
CA ILE A 88 0.09 -5.38 -2.10
C ILE A 88 0.72 -6.66 -2.67
N LYS A 89 0.97 -7.63 -1.80
CA LYS A 89 1.63 -8.88 -2.18
C LYS A 89 0.94 -10.09 -1.52
N SER A 90 1.05 -11.27 -2.13
CA SER A 90 0.44 -12.47 -1.56
C SER A 90 1.42 -13.19 -0.63
N THR A 91 0.88 -13.89 0.37
CA THR A 91 1.72 -14.69 1.28
C THR A 91 2.35 -15.87 0.53
N GLN A 92 1.73 -16.25 -0.59
CA GLN A 92 2.23 -17.36 -1.41
C GLN A 92 3.13 -16.85 -2.55
N LYS A 93 3.92 -17.77 -3.13
CA LYS A 93 4.91 -17.43 -4.16
C LYS A 93 4.24 -16.97 -5.48
N ASP A 94 4.92 -16.09 -6.20
CA ASP A 94 4.47 -15.68 -7.54
C ASP A 94 5.21 -16.47 -8.62
N SER A 95 4.48 -17.28 -9.39
CA SER A 95 5.08 -18.09 -10.46
C SER A 95 5.18 -17.29 -11.76
N LYS A 96 6.41 -16.88 -12.13
CA LYS A 96 6.61 -16.03 -13.30
C LYS A 96 7.45 -16.72 -14.39
N ASP A 97 7.62 -15.98 -15.48
CA ASP A 97 8.43 -16.39 -16.63
C ASP A 97 9.93 -16.44 -16.30
N PRO A 98 10.68 -17.37 -16.94
CA PRO A 98 12.14 -17.43 -16.82
C PRO A 98 12.86 -16.46 -17.77
N ASP A 99 12.16 -16.00 -18.81
CA ASP A 99 12.75 -15.07 -19.79
C ASP A 99 11.84 -13.85 -20.00
N THR A 100 12.12 -12.77 -19.28
CA THR A 100 11.37 -11.51 -19.47
C THR A 100 11.87 -10.81 -20.74
N ASP A 101 11.59 -11.42 -21.89
CA ASP A 101 12.06 -10.92 -23.18
C ASP A 101 10.89 -10.75 -24.17
N LEU A 102 9.72 -11.20 -23.77
CA LEU A 102 8.50 -11.10 -24.60
C LEU A 102 7.26 -10.83 -23.73
N ILE A 103 6.26 -10.19 -24.32
CA ILE A 103 4.99 -9.90 -23.61
C ILE A 103 4.04 -11.10 -23.70
N VAL A 104 3.87 -11.64 -24.91
CA VAL A 104 3.00 -12.80 -25.13
C VAL A 104 3.83 -14.10 -25.30
N PRO A 105 3.56 -15.12 -24.46
CA PRO A 105 4.27 -16.42 -24.55
C PRO A 105 3.95 -17.17 -25.85
N ASN A 106 4.93 -17.22 -26.76
CA ASN A 106 4.76 -17.88 -28.06
C ASN A 106 5.78 -19.02 -28.28
N LEU A 107 5.65 -19.73 -29.41
CA LEU A 107 6.48 -20.91 -29.68
C LEU A 107 7.78 -20.55 -30.43
N GLU A 108 7.89 -19.32 -30.92
CA GLU A 108 9.07 -18.90 -31.66
C GLU A 108 10.30 -18.74 -30.76
N HIS A 109 11.19 -19.73 -30.78
CA HIS A 109 12.43 -19.67 -30.00
C HIS A 109 13.48 -18.81 -30.72
N HIS A 110 13.25 -17.51 -30.76
CA HIS A 110 14.10 -16.58 -31.51
C HIS A 110 15.57 -16.64 -31.05
N HIS A 111 16.45 -17.04 -31.98
CA HIS A 111 17.90 -17.12 -31.73
C HIS A 111 18.28 -18.30 -30.82
N HIS A 112 17.30 -19.11 -30.44
CA HIS A 112 17.55 -20.25 -29.56
C HIS A 112 17.21 -21.58 -30.25
N HIS A 113 18.23 -22.33 -30.67
CA HIS A 113 18.02 -23.61 -31.36
C HIS A 113 17.93 -24.78 -30.38
N HIS A 114 18.96 -24.96 -29.55
CA HIS A 114 19.00 -26.06 -28.59
C HIS A 114 19.30 -25.55 -27.16
N MET A 1 -22.69 -13.66 3.17
CA MET A 1 -21.24 -13.98 3.06
C MET A 1 -20.93 -14.86 1.83
N LYS A 2 -19.81 -14.56 1.17
CA LYS A 2 -19.28 -15.41 0.09
C LYS A 2 -17.75 -15.53 0.24
N ASN A 3 -17.30 -16.74 0.56
CA ASN A 3 -15.90 -16.99 0.94
C ASN A 3 -14.89 -16.46 -0.11
N THR A 4 -13.89 -15.73 0.38
CA THR A 4 -12.80 -15.23 -0.47
C THR A 4 -11.58 -16.14 -0.40
N GLY A 5 -10.71 -16.06 -1.40
CA GLY A 5 -9.48 -16.86 -1.39
C GLY A 5 -8.26 -16.11 -1.90
N ASP A 6 -8.45 -14.85 -2.27
CA ASP A 6 -7.37 -14.00 -2.78
C ASP A 6 -6.55 -13.41 -1.62
N GLU A 7 -5.66 -14.22 -1.05
CA GLU A 7 -4.96 -13.87 0.20
C GLU A 7 -3.76 -12.93 -0.04
N VAL A 8 -3.94 -11.65 0.29
CA VAL A 8 -2.89 -10.63 0.14
C VAL A 8 -2.81 -9.68 1.35
N VAL A 9 -1.67 -9.00 1.49
CA VAL A 9 -1.46 -8.00 2.55
C VAL A 9 -0.88 -6.69 1.96
N ALA A 10 -1.25 -5.56 2.55
CA ALA A 10 -0.80 -4.26 2.08
C ALA A 10 0.40 -3.73 2.90
N ILE A 11 1.54 -3.57 2.24
CA ILE A 11 2.74 -3.02 2.89
C ILE A 11 2.87 -1.52 2.59
N ILE A 12 2.96 -0.70 3.62
CA ILE A 12 3.09 0.75 3.45
C ILE A 12 4.54 1.23 3.72
N SER A 13 5.21 1.69 2.67
CA SER A 13 6.58 2.21 2.79
C SER A 13 6.61 3.73 2.59
N GLN A 14 7.18 4.46 3.55
CA GLN A 14 7.31 5.92 3.47
C GLN A 14 8.78 6.34 3.47
N ASN A 15 9.14 7.25 2.54
CA ASN A 15 10.51 7.79 2.45
C ASN A 15 11.55 6.72 2.07
N GLY A 16 11.07 5.55 1.64
CA GLY A 16 11.97 4.47 1.23
C GLY A 16 12.09 3.35 2.25
N LYS A 17 11.23 3.35 3.28
CA LYS A 17 11.21 2.29 4.28
C LYS A 17 9.79 1.97 4.77
N VAL A 18 9.55 0.70 5.08
CA VAL A 18 8.25 0.27 5.61
C VAL A 18 7.93 0.98 6.94
N ILE A 19 6.67 1.40 7.10
CA ILE A 19 6.22 2.05 8.34
C ILE A 19 4.99 1.36 8.95
N ARG A 20 4.35 0.46 8.20
CA ARG A 20 3.17 -0.27 8.69
C ARG A 20 2.71 -1.35 7.70
N GLU A 21 2.25 -2.48 8.23
CA GLU A 21 1.77 -3.60 7.40
C GLU A 21 0.34 -4.01 7.82
N ILE A 22 -0.63 -3.91 6.90
CA ILE A 22 -2.03 -4.28 7.20
C ILE A 22 -2.50 -5.48 6.35
N PRO A 23 -3.00 -6.55 7.00
CA PRO A 23 -3.60 -7.70 6.29
C PRO A 23 -4.96 -7.33 5.64
N LEU A 24 -5.06 -7.54 4.33
CA LEU A 24 -6.30 -7.21 3.59
C LEU A 24 -7.30 -8.37 3.66
N THR A 25 -6.89 -9.55 3.20
CA THR A 25 -7.77 -10.72 3.20
C THR A 25 -8.14 -11.15 4.62
N GLY A 26 -9.42 -11.29 4.89
CA GLY A 26 -9.89 -11.59 6.23
C GLY A 26 -10.17 -10.32 7.06
N HIS A 27 -9.91 -9.15 6.46
CA HIS A 27 -10.15 -7.88 7.15
C HIS A 27 -11.56 -7.33 6.86
N LYS A 28 -12.53 -7.70 7.68
CA LYS A 28 -13.91 -7.23 7.55
C LYS A 28 -14.05 -5.78 8.06
N GLY A 29 -15.20 -5.17 7.80
CA GLY A 29 -15.50 -3.84 8.31
C GLY A 29 -14.62 -2.73 7.75
N ASN A 30 -14.65 -1.57 8.40
CA ASN A 30 -13.91 -0.38 7.98
C ASN A 30 -12.89 0.04 9.05
N GLU A 31 -11.63 0.18 8.65
CA GLU A 31 -10.55 0.58 9.57
C GLU A 31 -9.59 1.58 8.90
N GLN A 32 -9.29 2.68 9.58
CA GLN A 32 -8.50 3.77 9.00
C GLN A 32 -7.24 4.09 9.83
N PHE A 33 -6.21 4.63 9.17
CA PHE A 33 -5.00 5.08 9.86
C PHE A 33 -4.34 6.26 9.12
N THR A 34 -3.87 7.25 9.87
CA THR A 34 -3.33 8.49 9.29
C THR A 34 -1.79 8.51 9.30
N ILE A 35 -1.20 8.67 8.12
CA ILE A 35 0.27 8.78 7.99
C ILE A 35 0.70 10.25 7.90
N LYS A 36 1.68 10.65 8.71
CA LYS A 36 2.18 12.03 8.70
C LYS A 36 3.57 12.13 8.03
N GLY A 37 3.78 13.21 7.29
CA GLY A 37 5.05 13.39 6.57
C GLY A 37 6.07 14.24 7.34
N LYS A 38 7.02 14.84 6.61
CA LYS A 38 8.08 15.64 7.22
C LYS A 38 7.73 17.13 7.28
N GLY A 39 6.44 17.42 7.27
CA GLY A 39 5.97 18.81 7.34
C GLY A 39 4.47 18.92 7.18
N ALA A 40 4.01 19.81 6.30
CA ALA A 40 2.58 19.94 6.01
C ALA A 40 2.11 18.81 5.07
N GLN A 41 2.13 17.58 5.59
CA GLN A 41 1.81 16.39 4.78
C GLN A 41 1.06 15.34 5.62
N TYR A 42 -0.06 14.84 5.10
CA TYR A 42 -0.76 13.72 5.73
C TYR A 42 -1.46 12.84 4.68
N ASN A 43 -1.49 11.54 4.94
CA ASN A 43 -2.20 10.58 4.08
C ASN A 43 -3.14 9.70 4.91
N LEU A 44 -4.44 9.88 4.74
CA LEU A 44 -5.44 9.09 5.45
C LEU A 44 -5.76 7.78 4.70
N MET A 45 -5.24 6.67 5.19
CA MET A 45 -5.45 5.36 4.56
C MET A 45 -6.70 4.67 5.12
N GLU A 46 -7.50 4.09 4.23
CA GLU A 46 -8.75 3.42 4.62
C GLU A 46 -8.83 1.97 4.09
N VAL A 47 -8.88 1.01 5.01
CA VAL A 47 -9.06 -0.41 4.66
C VAL A 47 -10.51 -0.83 4.90
N ASP A 48 -11.26 -1.03 3.82
CA ASP A 48 -12.69 -1.33 3.91
C ASP A 48 -13.05 -2.59 3.10
N GLY A 49 -13.54 -3.62 3.79
CA GLY A 49 -13.97 -4.85 3.13
C GLY A 49 -12.86 -5.56 2.34
N GLU A 50 -11.79 -5.97 3.05
CA GLU A 50 -10.69 -6.74 2.45
C GLU A 50 -9.99 -6.03 1.28
N ARG A 51 -10.18 -4.72 1.16
CA ARG A 51 -9.48 -3.92 0.13
C ARG A 51 -9.19 -2.51 0.66
N ILE A 52 -8.13 -1.89 0.14
CA ILE A 52 -7.63 -0.63 0.69
C ILE A 52 -7.43 0.47 -0.38
N ARG A 53 -7.57 1.73 0.06
CA ARG A 53 -7.22 2.89 -0.77
C ARG A 53 -6.97 4.12 0.10
N ILE A 54 -6.44 5.19 -0.49
CA ILE A 54 -6.27 6.46 0.23
C ILE A 54 -7.58 7.24 0.24
N LYS A 55 -8.08 7.55 1.43
CA LYS A 55 -9.37 8.21 1.60
C LYS A 55 -9.26 9.75 1.45
N GLU A 56 -8.17 10.32 1.97
CA GLU A 56 -7.97 11.77 1.99
C GLU A 56 -6.48 12.13 2.18
N ASP A 57 -5.99 13.12 1.45
CA ASP A 57 -4.62 13.62 1.64
C ASP A 57 -4.46 15.00 0.98
N ASN A 58 -3.42 15.74 1.35
CA ASN A 58 -3.18 17.07 0.78
C ASN A 58 -2.13 17.02 -0.35
N SER A 59 -2.47 16.31 -1.44
CA SER A 59 -1.64 16.29 -2.64
C SER A 59 -2.37 16.98 -3.80
N PRO A 60 -1.66 17.74 -4.65
CA PRO A 60 -2.28 18.40 -5.81
C PRO A 60 -2.69 17.41 -6.93
N ASP A 61 -2.05 16.24 -6.94
CA ASP A 61 -2.31 15.21 -7.95
C ASP A 61 -3.46 14.28 -7.54
N GLN A 62 -3.51 13.92 -6.25
CA GLN A 62 -4.53 13.01 -5.73
C GLN A 62 -4.49 11.62 -6.39
N VAL A 63 -3.33 11.26 -6.94
CA VAL A 63 -3.13 9.93 -7.54
C VAL A 63 -3.45 8.81 -6.54
N GLY A 64 -3.15 9.05 -5.27
CA GLY A 64 -3.41 8.08 -4.22
C GLY A 64 -4.88 7.67 -4.16
N VAL A 65 -5.78 8.65 -4.19
CA VAL A 65 -7.22 8.39 -4.22
C VAL A 65 -7.66 7.88 -5.61
N LYS A 66 -7.00 8.38 -6.65
CA LYS A 66 -7.27 7.97 -8.04
C LYS A 66 -7.04 6.46 -8.23
N MET A 67 -6.12 5.89 -7.44
CA MET A 67 -5.80 4.46 -7.49
C MET A 67 -7.04 3.57 -7.30
N GLY A 68 -7.98 4.03 -6.48
CA GLY A 68 -9.19 3.26 -6.21
C GLY A 68 -8.96 2.07 -5.28
N TRP A 69 -9.91 1.14 -5.25
CA TRP A 69 -9.83 -0.03 -4.37
C TRP A 69 -8.79 -1.05 -4.85
N LYS A 70 -7.69 -1.17 -4.11
CA LYS A 70 -6.64 -2.13 -4.44
C LYS A 70 -6.61 -3.31 -3.45
N SER A 71 -6.44 -4.52 -3.97
CA SER A 71 -6.37 -5.73 -3.15
C SER A 71 -5.73 -6.91 -3.90
N LYS A 72 -4.90 -6.60 -4.89
CA LYS A 72 -4.27 -7.65 -5.71
C LYS A 72 -2.74 -7.66 -5.54
N ALA A 73 -2.16 -8.86 -5.50
CA ALA A 73 -0.70 -9.01 -5.42
C ALA A 73 -0.02 -8.46 -6.68
N GLY A 74 0.63 -7.30 -6.54
CA GLY A 74 1.26 -6.65 -7.69
C GLY A 74 0.81 -5.21 -7.90
N ASP A 75 -0.19 -4.78 -7.13
CA ASP A 75 -0.65 -3.39 -7.17
C ASP A 75 0.06 -2.53 -6.12
N THR A 76 0.37 -1.29 -6.49
CA THR A 76 1.07 -0.35 -5.58
C THR A 76 0.44 1.04 -5.61
N ILE A 77 0.60 1.77 -4.51
CA ILE A 77 0.05 3.13 -4.38
C ILE A 77 1.18 4.16 -4.31
N VAL A 78 1.11 5.20 -5.15
CA VAL A 78 2.18 6.20 -5.25
C VAL A 78 1.70 7.60 -4.81
N CYS A 79 2.35 8.15 -3.78
CA CYS A 79 2.14 9.54 -3.36
C CYS A 79 3.45 10.32 -3.44
N LEU A 80 3.78 10.77 -4.65
CA LEU A 80 5.07 11.42 -4.92
C LEU A 80 5.31 12.67 -4.03
N PRO A 81 4.37 13.65 -4.00
CA PRO A 81 4.55 14.90 -3.22
C PRO A 81 4.61 14.67 -1.70
N HIS A 82 4.28 13.46 -1.25
CA HIS A 82 4.35 13.12 0.18
C HIS A 82 5.43 12.06 0.46
N LYS A 83 6.06 11.54 -0.60
CA LYS A 83 7.07 10.49 -0.48
C LYS A 83 6.52 9.24 0.23
N VAL A 84 5.25 8.94 -0.04
CA VAL A 84 4.59 7.76 0.53
C VAL A 84 4.30 6.71 -0.56
N PHE A 85 4.52 5.44 -0.23
CA PHE A 85 4.35 4.34 -1.19
C PHE A 85 3.72 3.11 -0.50
N VAL A 86 2.93 2.34 -1.23
CA VAL A 86 2.28 1.14 -0.67
C VAL A 86 2.32 -0.04 -1.67
N GLU A 87 3.05 -1.10 -1.35
CA GLU A 87 3.10 -2.29 -2.21
C GLU A 87 2.31 -3.47 -1.60
N ILE A 88 1.38 -4.03 -2.40
CA ILE A 88 0.57 -5.16 -1.95
C ILE A 88 1.17 -6.51 -2.41
N LYS A 89 1.45 -7.39 -1.44
CA LYS A 89 2.05 -8.70 -1.74
C LYS A 89 1.17 -9.85 -1.22
N SER A 90 1.24 -11.01 -1.86
CA SER A 90 0.42 -12.17 -1.48
C SER A 90 0.96 -12.87 -0.22
N THR A 91 0.07 -13.46 0.57
CA THR A 91 0.47 -14.18 1.79
C THR A 91 1.05 -15.55 1.47
N GLN A 92 0.64 -16.13 0.34
CA GLN A 92 1.16 -17.41 -0.12
C GLN A 92 2.63 -17.28 -0.58
N LYS A 93 3.21 -18.38 -1.06
CA LYS A 93 4.61 -18.37 -1.50
C LYS A 93 4.76 -17.73 -2.89
N ASP A 94 4.38 -16.45 -2.99
CA ASP A 94 4.52 -15.69 -4.22
C ASP A 94 6.01 -15.44 -4.51
N SER A 95 6.54 -16.13 -5.52
CA SER A 95 8.00 -16.10 -5.82
C SER A 95 8.48 -14.70 -6.20
N LYS A 96 8.71 -13.86 -5.19
CA LYS A 96 9.21 -12.50 -5.38
C LYS A 96 10.39 -12.19 -4.46
N ASP A 97 11.04 -11.07 -4.72
CA ASP A 97 12.07 -10.54 -3.81
C ASP A 97 11.42 -9.89 -2.57
N PRO A 98 12.06 -9.96 -1.39
CA PRO A 98 11.48 -9.47 -0.14
C PRO A 98 11.49 -7.93 0.01
N ASP A 99 12.67 -7.33 0.19
CA ASP A 99 12.81 -5.90 0.48
C ASP A 99 11.98 -5.47 1.70
N THR A 100 11.57 -6.44 2.51
CA THR A 100 10.78 -6.18 3.72
C THR A 100 11.68 -6.09 4.95
N ASP A 101 12.99 -6.01 4.71
CA ASP A 101 13.98 -5.84 5.77
C ASP A 101 13.76 -4.52 6.53
N LEU A 102 12.92 -4.56 7.55
CA LEU A 102 12.56 -3.35 8.30
C LEU A 102 13.61 -2.98 9.35
N ILE A 103 14.45 -2.00 9.02
CA ILE A 103 15.39 -1.44 9.97
C ILE A 103 14.78 -0.21 10.66
N VAL A 104 14.47 -0.34 11.95
CA VAL A 104 13.86 0.76 12.71
C VAL A 104 14.80 2.00 12.75
N PRO A 105 14.25 3.22 12.63
CA PRO A 105 15.05 4.46 12.59
C PRO A 105 15.82 4.71 13.91
N ASN A 106 17.02 5.29 13.80
CA ASN A 106 17.86 5.55 14.97
C ASN A 106 17.50 6.89 15.65
N LEU A 107 16.33 7.43 15.33
CA LEU A 107 15.84 8.67 15.95
C LEU A 107 15.67 8.52 17.46
N GLU A 108 16.06 9.55 18.21
CA GLU A 108 15.95 9.54 19.67
C GLU A 108 14.48 9.62 20.11
N HIS A 109 14.03 8.59 20.83
CA HIS A 109 12.64 8.56 21.34
C HIS A 109 12.38 9.73 22.30
N HIS A 110 11.32 10.49 21.99
CA HIS A 110 11.08 11.78 22.67
C HIS A 110 10.43 11.64 24.05
N HIS A 111 10.44 10.42 24.61
CA HIS A 111 9.96 10.21 25.99
C HIS A 111 11.09 10.46 27.00
N HIS A 112 12.24 9.81 26.79
CA HIS A 112 13.39 9.98 27.68
C HIS A 112 14.38 11.02 27.12
N HIS A 113 13.99 11.67 26.02
CA HIS A 113 14.80 12.72 25.38
C HIS A 113 13.90 13.65 24.56
N HIS A 114 13.45 14.74 25.17
CA HIS A 114 12.47 15.64 24.54
C HIS A 114 13.07 16.43 23.34
N MET A 1 0.58 -26.12 -0.39
CA MET A 1 -0.01 -25.03 -1.21
C MET A 1 -1.06 -25.54 -2.21
N LYS A 2 -1.39 -26.83 -2.15
CA LYS A 2 -2.50 -27.36 -2.95
C LYS A 2 -3.83 -26.77 -2.47
N ASN A 3 -3.91 -26.48 -1.18
CA ASN A 3 -5.03 -25.77 -0.59
C ASN A 3 -4.99 -24.29 -1.03
N THR A 4 -6.01 -23.85 -1.76
CA THR A 4 -6.06 -22.49 -2.33
C THR A 4 -5.84 -21.40 -1.27
N GLY A 5 -4.81 -20.57 -1.48
CA GLY A 5 -4.46 -19.52 -0.52
C GLY A 5 -4.43 -18.12 -1.11
N ASP A 6 -5.60 -17.58 -1.45
CA ASP A 6 -5.72 -16.21 -1.95
C ASP A 6 -5.55 -15.19 -0.80
N GLU A 7 -4.32 -15.03 -0.32
CA GLU A 7 -4.04 -14.15 0.83
C GLU A 7 -3.07 -13.01 0.47
N VAL A 8 -3.60 -11.80 0.40
CA VAL A 8 -2.80 -10.62 0.04
C VAL A 8 -2.57 -9.67 1.23
N VAL A 9 -1.41 -9.04 1.27
CA VAL A 9 -1.04 -8.12 2.36
C VAL A 9 -0.64 -6.74 1.81
N ALA A 10 -1.09 -5.68 2.48
CA ALA A 10 -0.77 -4.30 2.08
C ALA A 10 0.42 -3.76 2.89
N ILE A 11 1.49 -3.39 2.19
CA ILE A 11 2.71 -2.86 2.83
C ILE A 11 2.80 -1.33 2.66
N ILE A 12 2.69 -0.59 3.77
CA ILE A 12 2.79 0.88 3.73
C ILE A 12 4.19 1.35 4.12
N SER A 13 4.82 2.16 3.27
CA SER A 13 6.20 2.62 3.49
C SER A 13 6.33 4.14 3.35
N GLN A 14 7.31 4.72 4.04
CA GLN A 14 7.60 6.16 3.97
C GLN A 14 9.11 6.41 4.12
N ASN A 15 9.64 7.39 3.39
CA ASN A 15 11.05 7.80 3.50
C ASN A 15 12.02 6.66 3.14
N GLY A 16 11.50 5.61 2.52
CA GLY A 16 12.33 4.47 2.15
C GLY A 16 12.36 3.36 3.20
N LYS A 17 11.40 3.38 4.12
CA LYS A 17 11.28 2.32 5.14
C LYS A 17 9.81 1.93 5.36
N VAL A 18 9.54 0.64 5.55
CA VAL A 18 8.20 0.18 5.88
C VAL A 18 7.76 0.75 7.25
N ILE A 19 6.59 1.37 7.30
CA ILE A 19 6.11 1.99 8.54
C ILE A 19 4.93 1.23 9.15
N ARG A 20 4.14 0.55 8.33
CA ARG A 20 2.98 -0.20 8.81
C ARG A 20 2.49 -1.22 7.77
N GLU A 21 2.13 -2.42 8.23
CA GLU A 21 1.69 -3.52 7.35
C GLU A 21 0.30 -4.04 7.74
N ILE A 22 -0.67 -3.94 6.83
CA ILE A 22 -2.03 -4.45 7.08
C ILE A 22 -2.35 -5.65 6.17
N PRO A 23 -2.56 -6.85 6.75
CA PRO A 23 -3.02 -8.02 5.98
C PRO A 23 -4.47 -7.85 5.49
N LEU A 24 -4.66 -7.75 4.17
CA LEU A 24 -5.98 -7.47 3.61
C LEU A 24 -6.93 -8.68 3.76
N THR A 25 -6.53 -9.82 3.21
CA THR A 25 -7.35 -11.03 3.30
C THR A 25 -7.70 -11.37 4.76
N GLY A 26 -8.97 -11.63 5.02
CA GLY A 26 -9.41 -11.97 6.37
C GLY A 26 -9.81 -10.74 7.21
N HIS A 27 -9.42 -9.55 6.78
CA HIS A 27 -9.75 -8.32 7.53
C HIS A 27 -11.22 -7.93 7.30
N LYS A 28 -12.13 -8.64 7.95
CA LYS A 28 -13.57 -8.40 7.80
C LYS A 28 -14.02 -7.18 8.63
N GLY A 29 -14.03 -6.02 7.99
CA GLY A 29 -14.43 -4.79 8.67
C GLY A 29 -13.77 -3.56 8.08
N ASN A 30 -13.88 -2.42 8.77
CA ASN A 30 -13.30 -1.15 8.28
C ASN A 30 -12.22 -0.61 9.25
N GLU A 31 -11.25 0.10 8.71
CA GLU A 31 -10.14 0.65 9.52
C GLU A 31 -9.63 1.96 8.92
N GLN A 32 -9.15 2.87 9.76
CA GLN A 32 -8.60 4.15 9.28
C GLN A 32 -7.32 4.54 10.05
N PHE A 33 -6.28 4.87 9.31
CA PHE A 33 -5.02 5.34 9.90
C PHE A 33 -4.34 6.39 9.01
N THR A 34 -3.93 7.50 9.61
CA THR A 34 -3.33 8.62 8.87
C THR A 34 -1.81 8.68 9.08
N ILE A 35 -1.07 8.78 7.99
CA ILE A 35 0.39 8.95 8.04
C ILE A 35 0.77 10.43 7.86
N LYS A 36 1.33 11.04 8.90
CA LYS A 36 1.73 12.45 8.84
C LYS A 36 3.24 12.60 8.63
N GLY A 37 3.63 13.03 7.43
CA GLY A 37 5.04 13.31 7.16
C GLY A 37 5.45 14.70 7.65
N LYS A 38 5.61 15.65 6.73
CA LYS A 38 5.91 17.04 7.10
C LYS A 38 4.64 17.82 7.48
N GLY A 39 4.15 17.60 8.69
CA GLY A 39 2.97 18.29 9.21
C GLY A 39 1.76 18.22 8.29
N ALA A 40 1.67 19.16 7.35
CA ALA A 40 0.55 19.23 6.41
C ALA A 40 0.57 18.09 5.38
N GLN A 41 1.73 17.48 5.18
CA GLN A 41 1.86 16.35 4.24
C GLN A 41 1.35 15.04 4.87
N TYR A 42 0.02 14.94 4.99
CA TYR A 42 -0.62 13.75 5.58
C TYR A 42 -1.15 12.79 4.50
N ASN A 43 -1.43 11.55 4.90
CA ASN A 43 -2.06 10.55 4.03
C ASN A 43 -3.14 9.77 4.81
N LEU A 44 -4.40 9.95 4.43
CA LEU A 44 -5.52 9.26 5.09
C LEU A 44 -5.81 7.89 4.44
N MET A 45 -5.37 6.82 5.10
CA MET A 45 -5.55 5.46 4.60
C MET A 45 -6.78 4.78 5.23
N GLU A 46 -7.55 4.06 4.41
CA GLU A 46 -8.72 3.33 4.89
C GLU A 46 -8.70 1.86 4.43
N VAL A 47 -8.83 0.93 5.38
CA VAL A 47 -8.86 -0.50 5.10
C VAL A 47 -10.26 -1.09 5.34
N ASP A 48 -10.90 -1.56 4.30
CA ASP A 48 -12.23 -2.17 4.37
C ASP A 48 -12.11 -3.69 4.15
N GLY A 49 -13.20 -4.42 4.35
CA GLY A 49 -13.20 -5.88 4.20
C GLY A 49 -12.35 -6.41 3.05
N GLU A 50 -11.07 -6.70 3.35
CA GLU A 50 -10.12 -7.28 2.39
C GLU A 50 -9.79 -6.34 1.21
N ARG A 51 -9.79 -5.03 1.49
CA ARG A 51 -9.44 -4.01 0.48
C ARG A 51 -8.94 -2.72 1.15
N ILE A 52 -8.07 -1.97 0.47
CA ILE A 52 -7.48 -0.75 1.04
C ILE A 52 -7.46 0.41 0.02
N ARG A 53 -7.54 1.66 0.51
CA ARG A 53 -7.50 2.84 -0.36
C ARG A 53 -7.01 4.10 0.39
N ILE A 54 -6.72 5.15 -0.38
CA ILE A 54 -6.49 6.48 0.18
C ILE A 54 -7.73 7.36 -0.03
N LYS A 55 -8.33 7.84 1.06
CA LYS A 55 -9.54 8.66 0.97
C LYS A 55 -9.17 10.11 0.59
N GLU A 56 -8.06 10.58 1.15
CA GLU A 56 -7.56 11.93 0.88
C GLU A 56 -6.15 12.13 1.45
N ASP A 57 -5.30 12.79 0.68
CA ASP A 57 -3.99 13.23 1.17
C ASP A 57 -3.65 14.61 0.62
N ASN A 58 -2.71 15.30 1.25
CA ASN A 58 -2.35 16.66 0.84
C ASN A 58 -1.33 16.65 -0.31
N SER A 59 -1.75 16.15 -1.47
CA SER A 59 -0.88 16.07 -2.66
C SER A 59 -1.55 16.69 -3.89
N PRO A 60 -0.77 17.32 -4.78
CA PRO A 60 -1.31 17.95 -6.01
C PRO A 60 -1.81 16.91 -7.05
N ASP A 61 -1.12 15.78 -7.13
CA ASP A 61 -1.48 14.73 -8.10
C ASP A 61 -2.68 13.90 -7.62
N GLN A 62 -2.68 13.53 -6.34
CA GLN A 62 -3.77 12.73 -5.75
C GLN A 62 -3.88 11.35 -6.39
N VAL A 63 -2.76 10.84 -6.92
CA VAL A 63 -2.74 9.53 -7.60
C VAL A 63 -3.34 8.42 -6.73
N GLY A 64 -3.00 8.44 -5.43
CA GLY A 64 -3.54 7.47 -4.49
C GLY A 64 -5.08 7.49 -4.42
N VAL A 65 -5.65 8.69 -4.48
CA VAL A 65 -7.11 8.84 -4.46
C VAL A 65 -7.74 8.36 -5.77
N LYS A 66 -7.07 8.66 -6.90
CA LYS A 66 -7.53 8.20 -8.22
C LYS A 66 -7.51 6.66 -8.31
N MET A 67 -6.59 6.03 -7.57
CA MET A 67 -6.48 4.57 -7.54
C MET A 67 -7.77 3.90 -7.01
N GLY A 68 -8.33 4.45 -5.93
CA GLY A 68 -9.54 3.89 -5.34
C GLY A 68 -9.28 2.65 -4.50
N TRP A 69 -10.26 1.73 -4.46
CA TRP A 69 -10.13 0.49 -3.68
C TRP A 69 -9.22 -0.53 -4.36
N LYS A 70 -8.05 -0.76 -3.76
CA LYS A 70 -7.13 -1.80 -4.25
C LYS A 70 -7.17 -3.05 -3.35
N SER A 71 -7.05 -4.22 -3.96
CA SER A 71 -7.21 -5.48 -3.23
C SER A 71 -6.77 -6.70 -4.04
N LYS A 72 -5.97 -6.48 -5.08
CA LYS A 72 -5.48 -7.55 -5.94
C LYS A 72 -3.95 -7.66 -5.86
N ALA A 73 -3.42 -8.88 -5.94
CA ALA A 73 -1.97 -9.09 -5.88
C ALA A 73 -1.26 -8.43 -7.07
N GLY A 74 -0.80 -7.20 -6.86
CA GLY A 74 -0.16 -6.43 -7.93
C GLY A 74 -0.44 -4.93 -7.85
N ASP A 75 -1.50 -4.54 -7.14
CA ASP A 75 -1.85 -3.13 -6.98
C ASP A 75 -0.79 -2.35 -6.16
N THR A 76 -0.42 -1.16 -6.64
CA THR A 76 0.52 -0.29 -5.92
C THR A 76 0.01 1.16 -5.84
N ILE A 77 0.33 1.82 -4.73
CA ILE A 77 -0.08 3.21 -4.50
C ILE A 77 1.16 4.12 -4.36
N VAL A 78 1.21 5.23 -5.10
CA VAL A 78 2.37 6.12 -5.06
C VAL A 78 1.99 7.57 -4.69
N CYS A 79 2.51 8.05 -3.55
CA CYS A 79 2.42 9.47 -3.18
C CYS A 79 3.82 10.09 -3.13
N LEU A 80 4.32 10.47 -4.31
CA LEU A 80 5.70 10.94 -4.47
C LEU A 80 6.03 12.14 -3.56
N PRO A 81 5.23 13.25 -3.59
CA PRO A 81 5.52 14.45 -2.78
C PRO A 81 5.57 14.18 -1.26
N HIS A 82 5.04 13.02 -0.85
CA HIS A 82 4.98 12.65 0.57
C HIS A 82 6.04 11.59 0.94
N LYS A 83 6.79 11.11 -0.05
CA LYS A 83 7.75 10.02 0.15
C LYS A 83 7.06 8.73 0.63
N VAL A 84 5.75 8.63 0.38
CA VAL A 84 4.95 7.48 0.83
C VAL A 84 4.63 6.53 -0.33
N PHE A 85 4.89 5.24 -0.12
CA PHE A 85 4.63 4.22 -1.13
C PHE A 85 3.96 2.98 -0.51
N VAL A 86 2.95 2.46 -1.17
CA VAL A 86 2.24 1.26 -0.71
C VAL A 86 2.15 0.21 -1.81
N GLU A 87 2.23 -1.07 -1.47
CA GLU A 87 2.09 -2.15 -2.44
C GLU A 87 1.34 -3.36 -1.86
N ILE A 88 0.55 -4.02 -2.70
CA ILE A 88 -0.20 -5.21 -2.31
C ILE A 88 0.41 -6.48 -2.90
N LYS A 89 0.97 -7.31 -2.03
CA LYS A 89 1.62 -8.57 -2.44
C LYS A 89 0.92 -9.77 -1.82
N SER A 90 0.81 -10.88 -2.56
CA SER A 90 0.18 -12.09 -2.02
C SER A 90 1.19 -12.93 -1.25
N THR A 91 0.91 -13.20 0.02
CA THR A 91 1.83 -13.95 0.89
C THR A 91 1.78 -15.45 0.59
N GLN A 92 0.66 -15.91 0.04
CA GLN A 92 0.47 -17.31 -0.32
C GLN A 92 0.25 -17.47 -1.83
N LYS A 93 0.58 -18.64 -2.37
CA LYS A 93 0.33 -18.93 -3.80
C LYS A 93 -0.97 -19.72 -3.99
N ASP A 94 -1.81 -19.24 -4.90
CA ASP A 94 -3.08 -19.91 -5.21
C ASP A 94 -2.86 -21.06 -6.22
N SER A 95 -3.84 -21.97 -6.31
CA SER A 95 -3.69 -23.20 -7.11
C SER A 95 -4.49 -23.17 -8.42
N LYS A 96 -5.02 -21.99 -8.82
CA LYS A 96 -5.74 -21.88 -10.10
C LYS A 96 -5.11 -20.84 -11.03
N ASP A 97 -5.28 -21.02 -12.34
CA ASP A 97 -4.85 -20.04 -13.33
C ASP A 97 -5.99 -19.03 -13.63
N PRO A 98 -5.67 -17.72 -13.70
CA PRO A 98 -6.70 -16.67 -13.87
C PRO A 98 -7.35 -16.65 -15.27
N ASP A 99 -6.86 -17.48 -16.18
CA ASP A 99 -7.40 -17.52 -17.55
C ASP A 99 -8.42 -18.66 -17.72
N THR A 100 -9.71 -18.35 -17.58
CA THR A 100 -10.77 -19.34 -17.73
C THR A 100 -11.53 -19.18 -19.06
N ASP A 101 -11.74 -20.28 -19.78
CA ASP A 101 -12.52 -20.25 -21.03
C ASP A 101 -13.44 -21.48 -21.15
N LEU A 102 -14.43 -21.38 -22.03
CA LEU A 102 -15.35 -22.49 -22.30
C LEU A 102 -16.00 -22.37 -23.70
N ILE A 103 -15.65 -23.29 -24.59
CA ILE A 103 -16.28 -23.34 -25.92
C ILE A 103 -17.52 -24.24 -25.87
N VAL A 104 -17.39 -25.38 -25.19
CA VAL A 104 -18.51 -26.31 -24.97
C VAL A 104 -18.82 -26.46 -23.47
N PRO A 105 -19.94 -25.89 -22.99
CA PRO A 105 -20.34 -25.98 -21.58
C PRO A 105 -20.68 -27.42 -21.15
N ASN A 106 -19.89 -27.98 -20.23
CA ASN A 106 -20.04 -29.37 -19.80
C ASN A 106 -20.18 -29.49 -18.27
N LEU A 107 -20.74 -30.61 -17.80
CA LEU A 107 -20.92 -30.84 -16.35
C LEU A 107 -19.57 -31.02 -15.64
N GLU A 108 -19.58 -30.82 -14.32
CA GLU A 108 -18.37 -31.00 -13.51
C GLU A 108 -17.91 -32.48 -13.58
N HIS A 109 -16.64 -32.68 -13.92
CA HIS A 109 -16.13 -34.01 -14.27
C HIS A 109 -15.82 -34.89 -13.05
N HIS A 110 -16.52 -34.67 -11.93
CA HIS A 110 -16.43 -35.58 -10.77
C HIS A 110 -16.82 -37.02 -11.16
N HIS A 111 -17.69 -37.15 -12.16
CA HIS A 111 -18.11 -38.45 -12.67
C HIS A 111 -17.18 -38.94 -13.79
N HIS A 112 -16.57 -40.10 -13.60
CA HIS A 112 -15.71 -40.72 -14.63
C HIS A 112 -16.17 -42.14 -14.96
N HIS A 113 -15.99 -42.54 -16.21
CA HIS A 113 -16.32 -43.91 -16.65
C HIS A 113 -15.03 -44.69 -16.99
N HIS A 114 -13.90 -44.20 -16.46
CA HIS A 114 -12.60 -44.82 -16.69
C HIS A 114 -12.26 -45.85 -15.59
N MET A 1 -20.44 -15.52 2.32
CA MET A 1 -20.46 -16.35 1.09
C MET A 1 -19.33 -15.96 0.11
N LYS A 2 -18.59 -14.90 0.43
CA LYS A 2 -17.46 -14.48 -0.40
C LYS A 2 -16.17 -15.20 0.01
N ASN A 3 -15.91 -16.34 -0.63
CA ASN A 3 -14.68 -17.09 -0.38
C ASN A 3 -13.56 -16.59 -1.30
N THR A 4 -12.84 -15.56 -0.85
CA THR A 4 -11.78 -14.94 -1.65
C THR A 4 -10.51 -15.79 -1.70
N GLY A 5 -9.93 -15.92 -2.90
CA GLY A 5 -8.71 -16.69 -3.08
C GLY A 5 -7.44 -15.85 -2.95
N ASP A 6 -7.53 -14.56 -3.30
CA ASP A 6 -6.39 -13.65 -3.19
C ASP A 6 -6.04 -13.36 -1.72
N GLU A 7 -5.06 -14.10 -1.20
CA GLU A 7 -4.54 -13.82 0.15
C GLU A 7 -3.34 -12.86 0.06
N VAL A 8 -3.59 -11.59 0.40
CA VAL A 8 -2.60 -10.52 0.21
C VAL A 8 -2.45 -9.61 1.43
N VAL A 9 -1.25 -9.05 1.60
CA VAL A 9 -0.95 -8.09 2.66
C VAL A 9 -0.46 -6.75 2.09
N ALA A 10 -0.91 -5.65 2.67
CA ALA A 10 -0.51 -4.31 2.23
C ALA A 10 0.68 -3.78 3.07
N ILE A 11 1.83 -3.64 2.43
CA ILE A 11 3.04 -3.13 3.09
C ILE A 11 3.21 -1.62 2.83
N ILE A 12 3.09 -0.82 3.88
CA ILE A 12 3.21 0.64 3.77
C ILE A 12 4.65 1.11 4.10
N SER A 13 5.27 1.82 3.16
CA SER A 13 6.63 2.35 3.36
C SER A 13 6.68 3.86 3.11
N GLN A 14 7.54 4.56 3.86
CA GLN A 14 7.71 6.00 3.69
C GLN A 14 9.21 6.33 3.58
N ASN A 15 9.58 7.13 2.58
CA ASN A 15 11.00 7.45 2.29
C ASN A 15 11.84 6.18 2.06
N GLY A 16 11.18 5.05 1.81
CA GLY A 16 11.88 3.80 1.54
C GLY A 16 11.80 2.79 2.69
N LYS A 17 11.49 3.25 3.90
CA LYS A 17 11.43 2.37 5.07
C LYS A 17 9.99 1.94 5.40
N VAL A 18 9.81 0.68 5.80
CA VAL A 18 8.47 0.16 6.14
C VAL A 18 7.99 0.69 7.50
N ILE A 19 6.83 1.34 7.49
CA ILE A 19 6.30 1.98 8.72
C ILE A 19 5.04 1.27 9.28
N ARG A 20 4.36 0.49 8.44
CA ARG A 20 3.14 -0.22 8.87
C ARG A 20 2.70 -1.29 7.85
N GLU A 21 2.16 -2.40 8.35
CA GLU A 21 1.71 -3.51 7.49
C GLU A 21 0.26 -3.93 7.85
N ILE A 22 -0.65 -3.89 6.87
CA ILE A 22 -2.05 -4.30 7.08
C ILE A 22 -2.44 -5.50 6.19
N PRO A 23 -2.73 -6.67 6.78
CA PRO A 23 -3.28 -7.82 6.05
C PRO A 23 -4.74 -7.55 5.59
N LEU A 24 -4.99 -7.69 4.29
CA LEU A 24 -6.31 -7.31 3.72
C LEU A 24 -7.29 -8.49 3.67
N THR A 25 -6.84 -9.63 3.18
CA THR A 25 -7.73 -10.79 2.99
C THR A 25 -8.36 -11.26 4.31
N GLY A 26 -9.69 -11.28 4.35
CA GLY A 26 -10.41 -11.68 5.55
C GLY A 26 -10.48 -10.58 6.62
N HIS A 27 -10.00 -9.39 6.28
CA HIS A 27 -9.99 -8.26 7.23
C HIS A 27 -11.42 -7.73 7.47
N LYS A 28 -12.09 -8.33 8.43
CA LYS A 28 -13.49 -7.97 8.75
C LYS A 28 -13.64 -6.52 9.25
N GLY A 29 -14.48 -5.74 8.57
CA GLY A 29 -14.78 -4.37 9.01
C GLY A 29 -13.98 -3.29 8.29
N ASN A 30 -13.96 -2.09 8.87
CA ASN A 30 -13.29 -0.93 8.27
C ASN A 30 -12.17 -0.40 9.17
N GLU A 31 -10.97 -0.23 8.61
CA GLU A 31 -9.81 0.22 9.38
C GLU A 31 -9.09 1.39 8.70
N GLN A 32 -9.10 2.55 9.36
CA GLN A 32 -8.49 3.77 8.82
C GLN A 32 -7.23 4.16 9.61
N PHE A 33 -6.21 4.71 8.92
CA PHE A 33 -4.97 5.15 9.58
C PHE A 33 -4.31 6.32 8.83
N THR A 34 -3.67 7.23 9.58
CA THR A 34 -3.09 8.46 9.01
C THR A 34 -1.55 8.39 8.88
N ILE A 35 -1.08 8.38 7.64
CA ILE A 35 0.35 8.45 7.34
C ILE A 35 0.82 9.91 7.24
N LYS A 36 1.58 10.38 8.22
CA LYS A 36 2.05 11.76 8.22
C LYS A 36 3.26 11.96 7.28
N GLY A 37 3.04 12.61 6.14
CA GLY A 37 4.13 12.90 5.22
C GLY A 37 5.04 14.03 5.72
N LYS A 38 5.94 14.49 4.86
CA LYS A 38 6.90 15.53 5.25
C LYS A 38 6.20 16.87 5.52
N GLY A 39 5.96 17.18 6.79
CA GLY A 39 5.34 18.43 7.16
C GLY A 39 3.83 18.34 7.33
N ALA A 40 3.08 19.08 6.51
CA ALA A 40 1.62 19.11 6.59
C ALA A 40 0.95 18.15 5.58
N GLN A 41 1.76 17.54 4.72
CA GLN A 41 1.22 16.65 3.69
C GLN A 41 0.95 15.23 4.25
N TYR A 42 -0.20 15.08 4.89
CA TYR A 42 -0.63 13.80 5.47
C TYR A 42 -1.32 12.90 4.44
N ASN A 43 -1.49 11.62 4.78
CA ASN A 43 -2.26 10.68 3.96
C ASN A 43 -3.18 9.82 4.83
N LEU A 44 -4.48 10.04 4.74
CA LEU A 44 -5.45 9.24 5.50
C LEU A 44 -5.91 8.02 4.68
N MET A 45 -5.38 6.86 5.02
CA MET A 45 -5.70 5.62 4.32
C MET A 45 -6.92 4.92 4.96
N GLU A 46 -7.74 4.28 4.14
CA GLU A 46 -8.94 3.58 4.63
C GLU A 46 -9.06 2.18 4.03
N VAL A 47 -9.20 1.19 4.90
CA VAL A 47 -9.42 -0.20 4.48
C VAL A 47 -10.88 -0.61 4.67
N ASP A 48 -11.54 -0.98 3.57
CA ASP A 48 -12.92 -1.45 3.62
C ASP A 48 -12.97 -2.96 3.36
N GLY A 49 -13.04 -3.73 4.45
CA GLY A 49 -13.00 -5.18 4.32
C GLY A 49 -11.66 -5.69 3.81
N GLU A 50 -11.61 -6.09 2.54
CA GLU A 50 -10.40 -6.67 1.94
C GLU A 50 -9.80 -5.75 0.86
N ARG A 51 -10.24 -4.49 0.83
CA ARG A 51 -9.76 -3.51 -0.16
C ARG A 51 -9.35 -2.20 0.52
N ILE A 52 -8.39 -1.48 -0.07
CA ILE A 52 -7.84 -0.27 0.54
C ILE A 52 -7.58 0.86 -0.49
N ARG A 53 -7.80 2.12 -0.06
CA ARG A 53 -7.46 3.30 -0.88
C ARG A 53 -7.32 4.56 -0.01
N ILE A 54 -6.79 5.63 -0.59
CA ILE A 54 -6.63 6.91 0.12
C ILE A 54 -7.98 7.62 0.31
N LYS A 55 -8.33 7.89 1.56
CA LYS A 55 -9.57 8.57 1.91
C LYS A 55 -9.45 10.09 1.77
N GLU A 56 -8.42 10.65 2.38
CA GLU A 56 -8.20 12.11 2.38
C GLU A 56 -6.71 12.42 2.56
N ASP A 57 -6.18 13.37 1.80
CA ASP A 57 -4.77 13.74 1.94
C ASP A 57 -4.48 15.16 1.42
N ASN A 58 -3.21 15.54 1.46
CA ASN A 58 -2.77 16.87 1.04
C ASN A 58 -1.87 16.78 -0.20
N SER A 59 -2.47 16.54 -1.35
CA SER A 59 -1.74 16.52 -2.62
C SER A 59 -2.50 17.26 -3.74
N PRO A 60 -1.78 17.89 -4.68
CA PRO A 60 -2.42 18.51 -5.86
C PRO A 60 -2.89 17.44 -6.87
N ASP A 61 -2.37 16.23 -6.71
CA ASP A 61 -2.73 15.11 -7.58
C ASP A 61 -3.65 14.10 -6.86
N GLN A 62 -3.32 13.80 -5.59
CA GLN A 62 -4.07 12.83 -4.80
C GLN A 62 -4.18 11.49 -5.57
N VAL A 63 -3.03 10.94 -5.93
CA VAL A 63 -2.95 9.76 -6.79
C VAL A 63 -3.79 8.59 -6.29
N GLY A 64 -3.70 8.27 -5.00
CA GLY A 64 -4.47 7.18 -4.43
C GLY A 64 -5.98 7.36 -4.58
N VAL A 65 -6.44 8.62 -4.57
CA VAL A 65 -7.84 8.95 -4.79
C VAL A 65 -8.25 8.59 -6.23
N LYS A 66 -7.35 8.83 -7.18
CA LYS A 66 -7.54 8.43 -8.58
C LYS A 66 -7.32 6.92 -8.78
N MET A 67 -6.45 6.32 -7.95
CA MET A 67 -6.13 4.88 -8.04
C MET A 67 -7.35 3.97 -7.81
N GLY A 68 -8.11 4.26 -6.75
CA GLY A 68 -9.29 3.44 -6.45
C GLY A 68 -8.99 2.31 -5.46
N TRP A 69 -9.92 1.36 -5.36
CA TRP A 69 -9.79 0.25 -4.39
C TRP A 69 -8.77 -0.81 -4.84
N LYS A 70 -7.69 -0.93 -4.07
CA LYS A 70 -6.67 -1.96 -4.29
C LYS A 70 -6.94 -3.20 -3.42
N SER A 71 -6.67 -4.41 -3.94
CA SER A 71 -6.95 -5.65 -3.15
C SER A 71 -6.32 -6.93 -3.73
N LYS A 72 -5.39 -6.80 -4.69
CA LYS A 72 -4.74 -7.98 -5.29
C LYS A 72 -3.21 -7.83 -5.34
N ALA A 73 -2.48 -8.96 -5.33
CA ALA A 73 -1.02 -8.95 -5.37
C ALA A 73 -0.48 -8.30 -6.65
N GLY A 74 -0.07 -7.04 -6.55
CA GLY A 74 0.35 -6.27 -7.71
C GLY A 74 -0.10 -4.82 -7.63
N ASP A 75 -1.17 -4.59 -6.87
CA ASP A 75 -1.66 -3.24 -6.60
C ASP A 75 -0.68 -2.45 -5.72
N THR A 76 -0.30 -1.26 -6.17
CA THR A 76 0.61 -0.39 -5.40
C THR A 76 0.11 1.07 -5.42
N ILE A 77 0.38 1.79 -4.33
CA ILE A 77 -0.02 3.20 -4.21
C ILE A 77 1.20 4.11 -4.19
N VAL A 78 1.37 4.89 -5.25
CA VAL A 78 2.52 5.79 -5.38
C VAL A 78 2.13 7.24 -5.00
N CYS A 79 2.74 7.76 -3.94
CA CYS A 79 2.51 9.15 -3.52
C CYS A 79 3.79 9.97 -3.58
N LEU A 80 4.22 10.30 -4.79
CA LEU A 80 5.47 11.05 -5.01
C LEU A 80 5.53 12.37 -4.20
N PRO A 81 4.48 13.24 -4.26
CA PRO A 81 4.48 14.51 -3.51
C PRO A 81 4.60 14.32 -1.98
N HIS A 82 4.42 13.08 -1.50
CA HIS A 82 4.52 12.77 -0.07
C HIS A 82 5.68 11.80 0.25
N LYS A 83 6.27 11.21 -0.80
CA LYS A 83 7.36 10.22 -0.65
C LYS A 83 6.88 8.95 0.07
N VAL A 84 5.59 8.64 -0.09
CA VAL A 84 5.01 7.42 0.51
C VAL A 84 4.69 6.38 -0.58
N PHE A 85 5.02 5.13 -0.32
CA PHE A 85 4.77 4.04 -1.28
C PHE A 85 4.20 2.79 -0.57
N VAL A 86 3.09 2.28 -1.09
CA VAL A 86 2.45 1.09 -0.52
C VAL A 86 2.32 -0.03 -1.55
N GLU A 87 2.75 -1.24 -1.19
CA GLU A 87 2.59 -2.40 -2.09
C GLU A 87 1.61 -3.42 -1.51
N ILE A 88 0.89 -4.12 -2.37
CA ILE A 88 0.07 -5.26 -1.97
C ILE A 88 0.64 -6.56 -2.53
N LYS A 89 1.14 -7.41 -1.64
CA LYS A 89 1.83 -8.63 -2.05
C LYS A 89 1.13 -9.89 -1.50
N SER A 90 1.45 -11.05 -2.08
CA SER A 90 0.78 -12.31 -1.74
C SER A 90 1.41 -13.01 -0.52
N THR A 91 0.60 -13.73 0.23
CA THR A 91 1.08 -14.55 1.37
C THR A 91 1.57 -15.92 0.87
N GLN A 92 1.18 -16.27 -0.35
CA GLN A 92 1.57 -17.55 -0.96
C GLN A 92 2.98 -17.48 -1.56
N LYS A 93 3.40 -18.53 -2.25
CA LYS A 93 4.73 -18.58 -2.87
C LYS A 93 4.76 -17.83 -4.20
N ASP A 94 4.75 -16.50 -4.12
CA ASP A 94 4.83 -15.64 -5.31
C ASP A 94 6.08 -14.73 -5.23
N SER A 95 7.03 -14.95 -6.14
CA SER A 95 8.26 -14.14 -6.21
C SER A 95 8.20 -13.14 -7.38
N LYS A 96 7.01 -12.97 -7.96
CA LYS A 96 6.81 -12.03 -9.06
C LYS A 96 6.41 -10.63 -8.56
N ASP A 97 6.99 -10.23 -7.42
CA ASP A 97 6.75 -8.91 -6.82
C ASP A 97 7.09 -7.77 -7.81
N PRO A 98 6.39 -6.62 -7.70
CA PRO A 98 6.59 -5.48 -8.61
C PRO A 98 7.91 -4.72 -8.37
N ASP A 99 8.40 -4.71 -7.13
CA ASP A 99 9.60 -3.96 -6.77
C ASP A 99 10.67 -4.85 -6.12
N THR A 100 11.82 -4.24 -5.78
CA THR A 100 12.99 -5.00 -5.30
C THR A 100 12.92 -5.33 -3.79
N ASP A 101 12.77 -6.62 -3.48
CA ASP A 101 12.85 -7.10 -2.09
C ASP A 101 13.11 -8.62 -2.07
N LEU A 102 14.14 -9.05 -1.34
CA LEU A 102 14.53 -10.47 -1.31
C LEU A 102 14.27 -11.10 0.07
N ILE A 103 13.37 -12.08 0.10
CA ILE A 103 13.02 -12.80 1.34
C ILE A 103 14.23 -13.57 1.91
N VAL A 104 14.48 -13.40 3.21
CA VAL A 104 15.58 -14.12 3.88
C VAL A 104 15.13 -15.51 4.37
N PRO A 105 15.83 -16.58 3.96
CA PRO A 105 15.47 -17.95 4.32
C PRO A 105 16.07 -18.41 5.66
N ASN A 106 16.11 -17.51 6.65
CA ASN A 106 16.71 -17.81 7.96
C ASN A 106 15.83 -18.79 8.78
N LEU A 107 16.01 -20.09 8.54
CA LEU A 107 15.30 -21.13 9.31
C LEU A 107 15.99 -21.39 10.66
N GLU A 108 17.21 -20.88 10.81
CA GLU A 108 17.99 -21.02 12.04
C GLU A 108 17.39 -20.19 13.19
N HIS A 109 17.74 -20.53 14.42
CA HIS A 109 17.23 -19.81 15.59
C HIS A 109 18.24 -18.74 16.07
N HIS A 110 17.73 -17.54 16.34
CA HIS A 110 18.55 -16.44 16.86
C HIS A 110 18.47 -16.38 18.39
N HIS A 111 19.58 -16.73 19.05
CA HIS A 111 19.62 -16.86 20.51
C HIS A 111 19.11 -15.59 21.22
N HIS A 112 19.59 -14.43 20.80
CA HIS A 112 19.19 -13.15 21.43
C HIS A 112 17.82 -12.67 20.94
N HIS A 113 16.94 -12.32 21.88
CA HIS A 113 15.64 -11.72 21.55
C HIS A 113 15.76 -10.21 21.36
N HIS A 114 14.87 -9.61 20.59
CA HIS A 114 14.87 -8.16 20.37
C HIS A 114 14.05 -7.42 21.46
N MET A 1 -20.05 -18.20 -5.59
CA MET A 1 -19.00 -17.31 -5.04
C MET A 1 -17.59 -17.83 -5.36
N LYS A 2 -16.59 -16.95 -5.30
CA LYS A 2 -15.19 -17.36 -5.40
C LYS A 2 -14.56 -17.43 -4.00
N ASN A 3 -14.46 -18.64 -3.45
CA ASN A 3 -13.96 -18.83 -2.08
C ASN A 3 -12.48 -19.25 -2.04
N THR A 4 -11.80 -19.16 -3.18
CA THR A 4 -10.35 -19.46 -3.23
C THR A 4 -9.56 -18.39 -2.45
N GLY A 5 -8.70 -18.85 -1.53
CA GLY A 5 -8.00 -17.94 -0.64
C GLY A 5 -6.65 -17.45 -1.16
N ASP A 6 -6.66 -16.68 -2.25
CA ASP A 6 -5.43 -16.01 -2.71
C ASP A 6 -5.11 -14.82 -1.79
N GLU A 7 -4.52 -15.14 -0.65
CA GLU A 7 -4.32 -14.18 0.45
C GLU A 7 -3.23 -13.13 0.14
N VAL A 8 -3.60 -11.86 0.33
CA VAL A 8 -2.68 -10.74 0.12
C VAL A 8 -2.74 -9.74 1.29
N VAL A 9 -1.67 -8.95 1.44
CA VAL A 9 -1.60 -7.93 2.51
C VAL A 9 -1.08 -6.59 1.94
N ALA A 10 -1.54 -5.48 2.53
CA ALA A 10 -1.14 -4.14 2.09
C ALA A 10 0.06 -3.62 2.90
N ILE A 11 1.18 -3.41 2.22
CA ILE A 11 2.41 -2.91 2.86
C ILE A 11 2.57 -1.40 2.64
N ILE A 12 2.53 -0.63 3.72
CA ILE A 12 2.67 0.83 3.65
C ILE A 12 4.09 1.28 4.00
N SER A 13 4.79 1.86 3.03
CA SER A 13 6.16 2.35 3.22
C SER A 13 6.23 3.88 3.10
N GLN A 14 7.13 4.49 3.88
CA GLN A 14 7.34 5.95 3.85
C GLN A 14 8.83 6.27 3.99
N ASN A 15 9.31 7.26 3.23
CA ASN A 15 10.71 7.70 3.29
C ASN A 15 11.69 6.58 2.89
N GLY A 16 11.16 5.51 2.27
CA GLY A 16 12.02 4.41 1.80
C GLY A 16 11.91 3.13 2.65
N LYS A 17 11.25 3.23 3.81
CA LYS A 17 11.13 2.06 4.71
C LYS A 17 9.66 1.79 5.08
N VAL A 18 9.37 0.54 5.45
CA VAL A 18 8.01 0.14 5.82
C VAL A 18 7.64 0.67 7.22
N ILE A 19 6.44 1.26 7.34
CA ILE A 19 5.99 1.84 8.61
C ILE A 19 4.72 1.15 9.17
N ARG A 20 3.91 0.57 8.28
CA ARG A 20 2.62 -0.02 8.68
C ARG A 20 2.19 -1.12 7.69
N GLU A 21 1.79 -2.28 8.22
CA GLU A 21 1.42 -3.45 7.39
C GLU A 21 0.06 -4.03 7.80
N ILE A 22 -0.93 -3.94 6.92
CA ILE A 22 -2.30 -4.44 7.22
C ILE A 22 -2.68 -5.62 6.32
N PRO A 23 -3.18 -6.73 6.91
CA PRO A 23 -3.69 -7.87 6.13
C PRO A 23 -5.03 -7.54 5.42
N LEU A 24 -5.14 -7.89 4.13
CA LEU A 24 -6.35 -7.62 3.36
C LEU A 24 -7.28 -8.85 3.30
N THR A 25 -6.82 -9.92 2.65
CA THR A 25 -7.63 -11.13 2.51
C THR A 25 -7.92 -11.77 3.87
N GLY A 26 -9.21 -12.01 4.15
CA GLY A 26 -9.60 -12.57 5.44
C GLY A 26 -9.66 -11.52 6.55
N HIS A 27 -9.59 -10.24 6.17
CA HIS A 27 -9.65 -9.14 7.13
C HIS A 27 -11.10 -8.66 7.34
N LYS A 28 -11.68 -9.04 8.47
CA LYS A 28 -13.07 -8.66 8.80
C LYS A 28 -13.12 -7.29 9.52
N GLY A 29 -13.89 -6.36 8.95
CA GLY A 29 -14.05 -5.04 9.56
C GLY A 29 -13.31 -3.93 8.81
N ASN A 30 -13.26 -2.75 9.42
CA ASN A 30 -12.63 -1.56 8.79
C ASN A 30 -11.43 -1.08 9.62
N GLU A 31 -10.44 -0.48 8.95
CA GLU A 31 -9.21 -0.02 9.60
C GLU A 31 -8.70 1.28 8.96
N GLN A 32 -8.70 2.38 9.73
CA GLN A 32 -8.29 3.69 9.22
C GLN A 32 -7.07 4.24 9.97
N PHE A 33 -6.11 4.83 9.23
CA PHE A 33 -4.91 5.43 9.84
C PHE A 33 -4.35 6.57 8.99
N THR A 34 -3.97 7.67 9.65
CA THR A 34 -3.42 8.85 8.96
C THR A 34 -1.89 8.84 8.97
N ILE A 35 -1.28 8.74 7.79
CA ILE A 35 0.17 8.80 7.64
C ILE A 35 0.67 10.25 7.68
N LYS A 36 1.25 10.66 8.80
CA LYS A 36 1.76 12.03 8.96
C LYS A 36 3.24 12.12 8.56
N GLY A 37 3.52 12.81 7.46
CA GLY A 37 4.90 13.02 7.04
C GLY A 37 5.59 14.12 7.82
N LYS A 38 6.60 14.76 7.22
CA LYS A 38 7.34 15.83 7.88
C LYS A 38 6.74 17.21 7.54
N GLY A 39 5.79 17.67 8.35
CA GLY A 39 5.20 19.00 8.16
C GLY A 39 3.88 18.99 7.38
N ALA A 40 2.80 18.58 8.05
CA ALA A 40 1.42 18.64 7.50
C ALA A 40 1.14 17.58 6.39
N GLN A 41 2.09 17.35 5.49
CA GLN A 41 1.93 16.38 4.40
C GLN A 41 1.46 15.01 4.92
N TYR A 42 0.20 14.65 4.67
CA TYR A 42 -0.39 13.43 5.22
C TYR A 42 -1.10 12.57 4.17
N ASN A 43 -1.28 11.28 4.49
CA ASN A 43 -2.12 10.37 3.70
C ASN A 43 -3.06 9.56 4.61
N LEU A 44 -4.35 9.85 4.55
CA LEU A 44 -5.35 9.09 5.32
C LEU A 44 -5.75 7.81 4.58
N MET A 45 -5.23 6.68 5.06
CA MET A 45 -5.49 5.38 4.43
C MET A 45 -6.71 4.68 5.05
N GLU A 46 -7.55 4.09 4.19
CA GLU A 46 -8.75 3.38 4.63
C GLU A 46 -8.76 1.93 4.14
N VAL A 47 -8.70 0.99 5.08
CA VAL A 47 -8.77 -0.44 4.76
C VAL A 47 -10.14 -1.01 5.13
N ASP A 48 -10.96 -1.31 4.15
CA ASP A 48 -12.30 -1.85 4.38
C ASP A 48 -12.39 -3.30 3.91
N GLY A 49 -12.65 -4.22 4.84
CA GLY A 49 -12.69 -5.64 4.49
C GLY A 49 -11.39 -6.15 3.89
N GLU A 50 -11.42 -6.48 2.60
CA GLU A 50 -10.25 -7.03 1.91
C GLU A 50 -9.69 -6.06 0.85
N ARG A 51 -10.10 -4.79 0.96
CA ARG A 51 -9.71 -3.76 -0.03
C ARG A 51 -9.24 -2.47 0.65
N ILE A 52 -8.20 -1.84 0.10
CA ILE A 52 -7.60 -0.63 0.68
C ILE A 52 -7.57 0.55 -0.32
N ARG A 53 -7.70 1.77 0.19
CA ARG A 53 -7.64 2.99 -0.64
C ARG A 53 -7.11 4.18 0.17
N ILE A 54 -6.79 5.28 -0.53
CA ILE A 54 -6.52 6.56 0.13
C ILE A 54 -7.82 7.37 0.26
N LYS A 55 -8.21 7.64 1.50
CA LYS A 55 -9.46 8.35 1.77
C LYS A 55 -9.31 9.87 1.61
N GLU A 56 -8.19 10.41 2.10
CA GLU A 56 -7.95 11.86 2.05
C GLU A 56 -6.45 12.19 2.18
N ASP A 57 -5.96 13.16 1.40
CA ASP A 57 -4.57 13.60 1.49
C ASP A 57 -4.37 14.96 0.79
N ASN A 58 -3.24 15.60 1.05
CA ASN A 58 -2.95 16.91 0.45
C ASN A 58 -1.81 16.84 -0.59
N SER A 59 -2.04 16.10 -1.68
CA SER A 59 -1.07 16.03 -2.79
C SER A 59 -1.59 16.79 -4.02
N PRO A 60 -0.73 17.56 -4.72
CA PRO A 60 -1.13 18.34 -5.91
C PRO A 60 -1.59 17.46 -7.09
N ASP A 61 -1.07 16.23 -7.16
CA ASP A 61 -1.44 15.29 -8.23
C ASP A 61 -2.70 14.48 -7.87
N GLN A 62 -2.77 14.00 -6.62
CA GLN A 62 -3.89 13.18 -6.16
C GLN A 62 -3.96 11.82 -6.90
N VAL A 63 -2.79 11.35 -7.36
CA VAL A 63 -2.71 10.03 -8.02
C VAL A 63 -3.20 8.91 -7.09
N GLY A 64 -2.82 9.00 -5.82
CA GLY A 64 -3.27 8.03 -4.83
C GLY A 64 -4.79 7.90 -4.75
N VAL A 65 -5.48 9.04 -4.68
CA VAL A 65 -6.95 9.05 -4.68
C VAL A 65 -7.52 8.47 -5.99
N LYS A 66 -6.93 8.87 -7.12
CA LYS A 66 -7.36 8.36 -8.44
C LYS A 66 -7.20 6.84 -8.53
N MET A 67 -6.18 6.29 -7.86
CA MET A 67 -5.97 4.84 -7.83
C MET A 67 -7.19 4.09 -7.25
N GLY A 68 -7.89 4.74 -6.32
CA GLY A 68 -9.09 4.14 -5.73
C GLY A 68 -8.80 2.92 -4.87
N TRP A 69 -9.61 1.88 -5.03
CA TRP A 69 -9.47 0.65 -4.23
C TRP A 69 -8.49 -0.35 -4.88
N LYS A 70 -7.50 -0.78 -4.11
CA LYS A 70 -6.59 -1.87 -4.51
C LYS A 70 -6.81 -3.08 -3.58
N SER A 71 -6.69 -4.30 -4.09
CA SER A 71 -7.02 -5.49 -3.27
C SER A 71 -6.33 -6.79 -3.74
N LYS A 72 -5.42 -6.70 -4.72
CA LYS A 72 -4.74 -7.91 -5.23
C LYS A 72 -3.22 -7.73 -5.28
N ALA A 73 -2.49 -8.85 -5.24
CA ALA A 73 -1.02 -8.84 -5.28
C ALA A 73 -0.51 -8.14 -6.55
N GLY A 74 0.36 -7.15 -6.36
CA GLY A 74 0.86 -6.36 -7.48
C GLY A 74 0.34 -4.93 -7.48
N ASP A 75 -0.79 -4.70 -6.80
CA ASP A 75 -1.37 -3.36 -6.70
C ASP A 75 -0.49 -2.42 -5.86
N THR A 76 -0.23 -1.23 -6.38
CA THR A 76 0.60 -0.24 -5.68
C THR A 76 -0.08 1.13 -5.56
N ILE A 77 0.50 1.98 -4.71
CA ILE A 77 0.03 3.37 -4.50
C ILE A 77 1.24 4.32 -4.43
N VAL A 78 1.27 5.33 -5.30
CA VAL A 78 2.42 6.26 -5.35
C VAL A 78 2.04 7.69 -4.91
N CYS A 79 2.66 8.17 -3.83
CA CYS A 79 2.48 9.56 -3.37
C CYS A 79 3.83 10.29 -3.28
N LEU A 80 4.27 10.87 -4.41
CA LEU A 80 5.59 11.53 -4.50
C LEU A 80 5.73 12.73 -3.51
N PRO A 81 4.82 13.72 -3.53
CA PRO A 81 4.92 14.92 -2.66
C PRO A 81 4.70 14.61 -1.16
N HIS A 82 4.45 13.34 -0.84
CA HIS A 82 4.33 12.90 0.56
C HIS A 82 5.39 11.85 0.92
N LYS A 83 6.15 11.40 -0.10
CA LYS A 83 7.21 10.40 0.09
C LYS A 83 6.66 9.06 0.61
N VAL A 84 5.41 8.76 0.24
CA VAL A 84 4.74 7.52 0.67
C VAL A 84 4.50 6.57 -0.51
N PHE A 85 4.73 5.28 -0.28
CA PHE A 85 4.53 4.24 -1.31
C PHE A 85 3.94 2.97 -0.68
N VAL A 86 2.82 2.50 -1.23
CA VAL A 86 2.14 1.29 -0.73
C VAL A 86 2.13 0.19 -1.81
N GLU A 87 2.45 -1.05 -1.41
CA GLU A 87 2.40 -2.19 -2.32
C GLU A 87 1.67 -3.39 -1.68
N ILE A 88 0.88 -4.10 -2.47
CA ILE A 88 0.14 -5.27 -1.99
C ILE A 88 0.83 -6.56 -2.41
N LYS A 89 1.29 -7.33 -1.43
CA LYS A 89 2.01 -8.59 -1.67
C LYS A 89 1.15 -9.79 -1.24
N SER A 90 1.54 -10.99 -1.66
CA SER A 90 0.82 -12.21 -1.25
C SER A 90 1.50 -12.89 -0.06
N THR A 91 0.72 -13.55 0.77
CA THR A 91 1.26 -14.33 1.90
C THR A 91 1.78 -15.69 1.42
N GLN A 92 1.55 -15.99 0.15
CA GLN A 92 1.99 -17.25 -0.45
C GLN A 92 3.41 -17.15 -1.01
N LYS A 93 3.50 -16.64 -2.22
CA LYS A 93 4.78 -16.50 -2.93
C LYS A 93 4.69 -15.49 -4.08
N ASP A 94 5.64 -14.55 -4.12
CA ASP A 94 5.75 -13.59 -5.22
C ASP A 94 7.17 -13.64 -5.82
N SER A 95 7.26 -13.63 -7.15
CA SER A 95 8.57 -13.71 -7.83
C SER A 95 9.17 -12.32 -8.05
N LYS A 96 10.50 -12.25 -8.00
CA LYS A 96 11.21 -10.97 -8.09
C LYS A 96 12.47 -11.04 -8.97
N ASP A 97 13.09 -9.89 -9.18
CA ASP A 97 14.31 -9.78 -9.98
C ASP A 97 15.56 -10.04 -9.12
N PRO A 98 16.69 -10.45 -9.75
CA PRO A 98 17.93 -10.76 -9.02
C PRO A 98 18.53 -9.54 -8.28
N ASP A 99 18.35 -8.35 -8.85
CA ASP A 99 18.91 -7.12 -8.28
C ASP A 99 18.24 -6.75 -6.94
N THR A 100 18.74 -7.32 -5.86
CA THR A 100 18.19 -7.08 -4.51
C THR A 100 19.05 -6.06 -3.74
N ASP A 101 18.93 -4.79 -4.10
CA ASP A 101 19.70 -3.72 -3.46
C ASP A 101 18.97 -2.37 -3.59
N LEU A 102 19.23 -1.46 -2.64
CA LEU A 102 18.57 -0.16 -2.62
C LEU A 102 19.51 0.98 -3.06
N ILE A 103 19.11 1.70 -4.12
CA ILE A 103 19.83 2.89 -4.56
C ILE A 103 19.29 4.14 -3.86
N VAL A 104 18.06 4.03 -3.34
CA VAL A 104 17.40 5.13 -2.63
C VAL A 104 18.08 5.43 -1.27
N PRO A 105 18.12 6.72 -0.87
CA PRO A 105 18.71 7.12 0.42
C PRO A 105 17.82 6.72 1.62
N ASN A 106 18.25 5.68 2.35
CA ASN A 106 17.52 5.23 3.53
C ASN A 106 17.48 6.31 4.63
N LEU A 107 16.40 7.08 4.64
CA LEU A 107 16.23 8.15 5.64
C LEU A 107 15.97 7.59 7.03
N GLU A 108 16.19 8.41 8.06
CA GLU A 108 16.05 7.97 9.45
C GLU A 108 14.74 8.42 10.09
N HIS A 109 14.41 7.81 11.23
CA HIS A 109 13.33 8.25 12.09
C HIS A 109 13.37 7.44 13.40
N HIS A 110 13.82 8.08 14.47
CA HIS A 110 14.11 7.38 15.75
C HIS A 110 13.03 6.37 16.17
N HIS A 111 11.75 6.75 16.03
CA HIS A 111 10.64 5.84 16.36
C HIS A 111 10.71 5.39 17.84
N HIS A 112 11.40 6.20 18.64
CA HIS A 112 11.68 5.89 20.06
C HIS A 112 10.74 6.66 20.99
N HIS A 113 9.90 5.94 21.73
CA HIS A 113 8.92 6.57 22.63
C HIS A 113 9.53 6.94 23.99
N HIS A 114 8.74 7.58 24.83
CA HIS A 114 9.16 7.93 26.20
C HIS A 114 9.00 6.71 27.14
N MET A 1 -20.27 -15.58 -0.30
CA MET A 1 -20.20 -14.40 0.59
C MET A 1 -18.78 -14.19 1.13
N LYS A 2 -18.06 -13.21 0.58
CA LYS A 2 -16.66 -12.95 0.95
C LYS A 2 -15.77 -14.18 0.76
N ASN A 3 -15.54 -14.58 -0.49
CA ASN A 3 -14.71 -15.75 -0.80
C ASN A 3 -13.64 -15.43 -1.85
N THR A 4 -12.43 -15.10 -1.39
CA THR A 4 -11.28 -14.90 -2.28
C THR A 4 -10.29 -16.07 -2.17
N GLY A 5 -9.76 -16.50 -3.31
CA GLY A 5 -8.84 -17.64 -3.33
C GLY A 5 -7.44 -17.32 -2.81
N ASP A 6 -7.00 -16.08 -3.01
CA ASP A 6 -5.67 -15.65 -2.58
C ASP A 6 -5.73 -14.64 -1.42
N GLU A 7 -4.77 -14.73 -0.51
CA GLU A 7 -4.65 -13.74 0.58
C GLU A 7 -3.65 -12.64 0.19
N VAL A 8 -4.05 -11.38 0.38
CA VAL A 8 -3.18 -10.25 0.06
C VAL A 8 -2.98 -9.32 1.27
N VAL A 9 -1.76 -8.80 1.42
CA VAL A 9 -1.43 -7.85 2.49
C VAL A 9 -0.95 -6.51 1.92
N ALA A 10 -1.38 -5.41 2.54
CA ALA A 10 -0.99 -4.07 2.11
C ALA A 10 0.23 -3.54 2.89
N ILE A 11 1.34 -3.35 2.18
CA ILE A 11 2.57 -2.84 2.79
C ILE A 11 2.73 -1.33 2.56
N ILE A 12 2.60 -0.54 3.62
CA ILE A 12 2.73 0.92 3.53
C ILE A 12 4.12 1.41 4.01
N SER A 13 4.81 2.15 3.15
CA SER A 13 6.15 2.67 3.46
C SER A 13 6.21 4.21 3.34
N GLN A 14 7.08 4.84 4.11
CA GLN A 14 7.31 6.29 4.04
C GLN A 14 8.82 6.60 3.90
N ASN A 15 9.17 7.51 2.99
CA ASN A 15 10.58 7.83 2.67
C ASN A 15 11.34 6.59 2.15
N GLY A 16 10.62 5.49 1.90
CA GLY A 16 11.25 4.26 1.44
C GLY A 16 11.18 3.12 2.47
N LYS A 17 11.17 3.48 3.76
CA LYS A 17 11.13 2.49 4.84
C LYS A 17 9.68 2.08 5.18
N VAL A 18 9.47 0.80 5.43
CA VAL A 18 8.14 0.28 5.77
C VAL A 18 7.73 0.72 7.19
N ILE A 19 6.52 1.26 7.33
CA ILE A 19 6.04 1.79 8.62
C ILE A 19 4.75 1.09 9.10
N ARG A 20 3.92 0.62 8.17
CA ARG A 20 2.63 0.02 8.53
C ARG A 20 2.18 -1.04 7.51
N GLU A 21 1.94 -2.25 7.98
CA GLU A 21 1.49 -3.37 7.13
C GLU A 21 0.15 -3.94 7.63
N ILE A 22 -0.85 -4.02 6.76
CA ILE A 22 -2.17 -4.56 7.15
C ILE A 22 -2.56 -5.78 6.29
N PRO A 23 -2.85 -6.93 6.93
CA PRO A 23 -3.43 -8.09 6.24
C PRO A 23 -4.86 -7.78 5.75
N LEU A 24 -5.04 -7.71 4.43
CA LEU A 24 -6.34 -7.36 3.85
C LEU A 24 -7.32 -8.54 3.92
N THR A 25 -6.94 -9.67 3.32
CA THR A 25 -7.76 -10.88 3.34
C THR A 25 -7.99 -11.37 4.77
N GLY A 26 -9.26 -11.41 5.19
CA GLY A 26 -9.58 -11.78 6.56
C GLY A 26 -9.84 -10.59 7.48
N HIS A 27 -9.57 -9.38 6.98
CA HIS A 27 -9.80 -8.15 7.76
C HIS A 27 -11.29 -7.75 7.72
N LYS A 28 -12.02 -8.16 8.76
CA LYS A 28 -13.44 -7.81 8.89
C LYS A 28 -13.64 -6.31 9.19
N GLY A 29 -14.74 -5.75 8.67
CA GLY A 29 -15.09 -4.36 8.95
C GLY A 29 -14.15 -3.33 8.30
N ASN A 30 -14.14 -2.11 8.85
CA ASN A 30 -13.33 -1.02 8.30
C ASN A 30 -12.28 -0.53 9.32
N GLU A 31 -11.17 -0.01 8.82
CA GLU A 31 -10.05 0.44 9.67
C GLU A 31 -9.35 1.66 9.05
N GLN A 32 -9.05 2.68 9.85
CA GLN A 32 -8.46 3.92 9.32
C GLN A 32 -7.24 4.38 10.14
N PHE A 33 -6.24 4.91 9.44
CA PHE A 33 -5.06 5.48 10.10
C PHE A 33 -4.42 6.61 9.27
N THR A 34 -4.05 7.71 9.93
CA THR A 34 -3.46 8.88 9.26
C THR A 34 -1.94 8.87 9.38
N ILE A 35 -1.24 8.99 8.26
CA ILE A 35 0.24 9.03 8.26
C ILE A 35 0.75 10.43 7.87
N LYS A 36 1.52 11.04 8.76
CA LYS A 36 2.08 12.38 8.50
C LYS A 36 3.53 12.29 7.99
N GLY A 37 3.81 12.96 6.88
CA GLY A 37 5.14 12.98 6.31
C GLY A 37 5.93 14.24 6.64
N LYS A 38 6.22 15.05 5.62
CA LYS A 38 6.97 16.30 5.82
C LYS A 38 6.03 17.52 5.86
N GLY A 39 6.34 18.48 6.74
CA GLY A 39 5.57 19.71 6.83
C GLY A 39 4.08 19.49 7.16
N ALA A 40 3.23 19.56 6.14
CA ALA A 40 1.78 19.40 6.31
C ALA A 40 1.21 18.30 5.39
N GLN A 41 2.10 17.44 4.90
CA GLN A 41 1.73 16.37 3.97
C GLN A 41 1.25 15.13 4.72
N TYR A 42 -0.02 14.76 4.54
CA TYR A 42 -0.60 13.60 5.24
C TYR A 42 -1.33 12.64 4.29
N ASN A 43 -1.36 11.36 4.66
CA ASN A 43 -2.11 10.34 3.91
C ASN A 43 -3.05 9.56 4.84
N LEU A 44 -4.35 9.67 4.60
CA LEU A 44 -5.34 8.93 5.39
C LEU A 44 -5.71 7.61 4.70
N MET A 45 -5.18 6.51 5.21
CA MET A 45 -5.40 5.19 4.62
C MET A 45 -6.60 4.49 5.26
N GLU A 46 -7.44 3.87 4.44
CA GLU A 46 -8.63 3.16 4.92
C GLU A 46 -8.64 1.70 4.45
N VAL A 47 -8.55 0.77 5.40
CA VAL A 47 -8.64 -0.66 5.12
C VAL A 47 -10.06 -1.20 5.37
N ASP A 48 -10.72 -1.66 4.31
CA ASP A 48 -12.08 -2.20 4.41
C ASP A 48 -12.06 -3.72 4.19
N GLY A 49 -13.20 -4.37 4.44
CA GLY A 49 -13.31 -5.82 4.29
C GLY A 49 -12.54 -6.39 3.09
N GLU A 50 -11.32 -6.87 3.36
CA GLU A 50 -10.46 -7.53 2.36
C GLU A 50 -10.09 -6.59 1.19
N ARG A 51 -9.86 -5.31 1.50
CA ARG A 51 -9.48 -4.31 0.50
C ARG A 51 -8.93 -3.03 1.18
N ILE A 52 -8.20 -2.20 0.41
CA ILE A 52 -7.63 -0.96 0.97
C ILE A 52 -7.69 0.22 -0.02
N ARG A 53 -7.77 1.44 0.50
CA ARG A 53 -7.78 2.65 -0.32
C ARG A 53 -7.18 3.86 0.43
N ILE A 54 -6.94 4.95 -0.30
CA ILE A 54 -6.61 6.24 0.33
C ILE A 54 -7.89 7.09 0.48
N LYS A 55 -8.29 7.33 1.73
CA LYS A 55 -9.53 8.09 2.00
C LYS A 55 -9.33 9.59 1.76
N GLU A 56 -8.24 10.14 2.29
CA GLU A 56 -7.95 11.58 2.15
C GLU A 56 -6.45 11.83 1.96
N ASP A 57 -6.11 12.78 1.10
CA ASP A 57 -4.71 13.08 0.76
C ASP A 57 -4.58 14.46 0.09
N ASN A 58 -3.58 15.24 0.51
CA ASN A 58 -3.36 16.58 -0.05
C ASN A 58 -2.11 16.63 -0.96
N SER A 59 -2.05 15.70 -1.93
CA SER A 59 -1.01 15.73 -2.97
C SER A 59 -1.56 16.38 -4.25
N PRO A 60 -0.91 17.44 -4.77
CA PRO A 60 -1.41 18.19 -5.93
C PRO A 60 -1.73 17.30 -7.15
N ASP A 61 -0.96 16.21 -7.30
CA ASP A 61 -1.17 15.26 -8.40
C ASP A 61 -2.40 14.37 -8.16
N GLN A 62 -2.68 14.07 -6.88
CA GLN A 62 -3.84 13.24 -6.48
C GLN A 62 -3.78 11.82 -7.06
N VAL A 63 -2.58 11.35 -7.42
CA VAL A 63 -2.41 10.02 -8.03
C VAL A 63 -3.05 8.91 -7.17
N GLY A 64 -2.71 8.87 -5.90
CA GLY A 64 -3.26 7.85 -5.00
C GLY A 64 -4.78 7.92 -4.87
N VAL A 65 -5.31 9.13 -4.79
CA VAL A 65 -6.76 9.34 -4.67
C VAL A 65 -7.52 8.88 -5.92
N LYS A 66 -6.89 9.04 -7.09
CA LYS A 66 -7.49 8.60 -8.35
C LYS A 66 -7.53 7.06 -8.45
N MET A 67 -6.47 6.41 -7.95
CA MET A 67 -6.37 4.94 -7.97
C MET A 67 -7.52 4.28 -7.18
N GLY A 68 -7.95 4.92 -6.09
CA GLY A 68 -9.08 4.44 -5.32
C GLY A 68 -8.80 3.17 -4.53
N TRP A 69 -9.55 2.10 -4.82
CA TRP A 69 -9.43 0.84 -4.07
C TRP A 69 -8.48 -0.15 -4.75
N LYS A 70 -7.67 -0.83 -3.92
CA LYS A 70 -6.78 -1.91 -4.41
C LYS A 70 -6.92 -3.16 -3.52
N SER A 71 -6.68 -4.34 -4.08
CA SER A 71 -6.89 -5.61 -3.33
C SER A 71 -6.22 -6.82 -3.99
N LYS A 72 -5.30 -6.59 -4.93
CA LYS A 72 -4.63 -7.69 -5.64
C LYS A 72 -3.09 -7.62 -5.49
N ALA A 73 -2.45 -8.79 -5.51
CA ALA A 73 -0.99 -8.86 -5.47
C ALA A 73 -0.37 -8.19 -6.70
N GLY A 74 0.27 -7.04 -6.50
CA GLY A 74 0.81 -6.27 -7.60
C GLY A 74 0.33 -4.83 -7.60
N ASP A 75 -0.77 -4.57 -6.89
CA ASP A 75 -1.33 -3.21 -6.77
C ASP A 75 -0.42 -2.31 -5.92
N THR A 76 0.15 -1.27 -6.53
CA THR A 76 1.03 -0.33 -5.83
C THR A 76 0.47 1.10 -5.88
N ILE A 77 0.76 1.88 -4.84
CA ILE A 77 0.34 3.28 -4.76
C ILE A 77 1.55 4.20 -4.50
N VAL A 78 1.86 5.07 -5.45
CA VAL A 78 3.02 5.97 -5.33
C VAL A 78 2.58 7.43 -5.10
N CYS A 79 2.96 7.99 -3.96
CA CYS A 79 2.68 9.40 -3.65
C CYS A 79 3.98 10.18 -3.39
N LEU A 80 4.61 10.65 -4.47
CA LEU A 80 5.91 11.36 -4.39
C LEU A 80 5.86 12.60 -3.49
N PRO A 81 4.88 13.53 -3.66
CA PRO A 81 4.80 14.76 -2.83
C PRO A 81 4.71 14.46 -1.31
N HIS A 82 4.36 13.22 -0.96
CA HIS A 82 4.27 12.81 0.45
C HIS A 82 5.35 11.76 0.78
N LYS A 83 6.09 11.33 -0.25
CA LYS A 83 7.15 10.31 -0.11
C LYS A 83 6.61 8.97 0.44
N VAL A 84 5.33 8.70 0.18
CA VAL A 84 4.69 7.46 0.63
C VAL A 84 4.57 6.44 -0.51
N PHE A 85 4.93 5.20 -0.23
CA PHE A 85 4.85 4.12 -1.21
C PHE A 85 4.15 2.89 -0.61
N VAL A 86 3.09 2.44 -1.27
CA VAL A 86 2.34 1.26 -0.82
C VAL A 86 2.40 0.14 -1.88
N GLU A 87 2.60 -1.10 -1.44
CA GLU A 87 2.58 -2.25 -2.35
C GLU A 87 1.81 -3.43 -1.73
N ILE A 88 0.91 -4.02 -2.50
CA ILE A 88 0.14 -5.18 -2.05
C ILE A 88 0.73 -6.49 -2.60
N LYS A 89 1.00 -7.43 -1.71
CA LYS A 89 1.60 -8.73 -2.10
C LYS A 89 0.76 -9.91 -1.61
N SER A 90 0.94 -11.07 -2.24
CA SER A 90 0.26 -12.30 -1.82
C SER A 90 0.96 -12.93 -0.62
N THR A 91 0.19 -13.61 0.24
CA THR A 91 0.77 -14.38 1.36
C THR A 91 1.50 -15.63 0.85
N GLN A 92 1.13 -16.07 -0.36
CA GLN A 92 1.80 -17.20 -1.03
C GLN A 92 3.21 -16.81 -1.47
N LYS A 93 4.01 -17.79 -1.90
CA LYS A 93 5.31 -17.49 -2.51
C LYS A 93 5.09 -16.74 -3.84
N ASP A 94 5.38 -15.43 -3.82
CA ASP A 94 5.04 -14.57 -4.95
C ASP A 94 5.97 -14.80 -6.16
N SER A 95 5.52 -14.36 -7.33
CA SER A 95 6.24 -14.62 -8.59
C SER A 95 7.20 -13.48 -8.95
N LYS A 96 7.14 -12.37 -8.22
CA LYS A 96 7.99 -11.21 -8.49
C LYS A 96 9.48 -11.52 -8.37
N ASP A 97 10.28 -10.76 -9.10
CA ASP A 97 11.73 -10.96 -9.17
C ASP A 97 12.43 -10.46 -7.90
N PRO A 98 13.45 -11.20 -7.40
CA PRO A 98 14.23 -10.80 -6.22
C PRO A 98 15.01 -9.49 -6.44
N ASP A 99 14.30 -8.38 -6.35
CA ASP A 99 14.90 -7.06 -6.51
C ASP A 99 15.68 -6.63 -5.25
N THR A 100 16.85 -6.06 -5.48
CA THR A 100 17.70 -5.53 -4.40
C THR A 100 18.74 -4.57 -4.98
N ASP A 101 18.44 -4.05 -6.16
CA ASP A 101 19.37 -3.21 -6.92
C ASP A 101 19.01 -1.73 -6.81
N LEU A 102 19.90 -0.95 -6.18
CA LEU A 102 19.65 0.48 -5.98
C LEU A 102 20.89 1.32 -6.27
N ILE A 103 20.72 2.64 -6.32
CA ILE A 103 21.82 3.58 -6.55
C ILE A 103 22.23 4.27 -5.25
N VAL A 104 23.45 4.01 -4.78
CA VAL A 104 23.95 4.58 -3.52
C VAL A 104 24.07 6.12 -3.60
N PRO A 105 23.34 6.85 -2.74
CA PRO A 105 23.36 8.32 -2.72
C PRO A 105 24.68 8.88 -2.17
N ASN A 106 25.39 9.66 -2.98
CA ASN A 106 26.63 10.30 -2.54
C ASN A 106 26.34 11.41 -1.52
N LEU A 107 26.47 11.09 -0.24
CA LEU A 107 26.25 12.06 0.84
C LEU A 107 27.17 13.29 0.69
N GLU A 108 26.61 14.46 0.94
CA GLU A 108 27.37 15.72 0.82
C GLU A 108 28.42 15.85 1.93
N HIS A 109 29.58 16.40 1.59
CA HIS A 109 30.64 16.65 2.58
C HIS A 109 30.24 17.86 3.46
N HIS A 110 29.21 17.67 4.27
CA HIS A 110 28.56 18.78 5.00
C HIS A 110 29.31 19.15 6.29
N HIS A 111 30.34 18.38 6.65
CA HIS A 111 31.13 18.69 7.84
C HIS A 111 32.05 19.91 7.62
N HIS A 112 31.46 21.10 7.62
CA HIS A 112 32.22 22.35 7.43
C HIS A 112 32.58 22.96 8.79
N HIS A 113 33.83 23.41 8.93
CA HIS A 113 34.28 24.05 10.17
C HIS A 113 33.74 25.48 10.29
N HIS A 114 34.13 26.18 11.36
CA HIS A 114 33.64 27.55 11.61
C HIS A 114 34.79 28.56 11.73
N MET A 1 -16.50 -6.15 -8.04
CA MET A 1 -15.57 -6.55 -6.95
C MET A 1 -14.95 -7.92 -7.21
N LYS A 2 -13.68 -8.09 -6.83
CA LYS A 2 -12.98 -9.37 -6.98
C LYS A 2 -12.11 -9.67 -5.75
N ASN A 3 -12.47 -10.71 -5.00
CA ASN A 3 -11.66 -11.17 -3.85
C ASN A 3 -10.43 -11.95 -4.33
N THR A 4 -9.36 -11.92 -3.55
CA THR A 4 -8.10 -12.58 -3.92
C THR A 4 -8.20 -14.11 -3.89
N GLY A 5 -8.88 -14.64 -2.87
CA GLY A 5 -8.92 -16.09 -2.67
C GLY A 5 -7.63 -16.62 -2.03
N ASP A 6 -6.71 -15.71 -1.75
CA ASP A 6 -5.41 -16.05 -1.13
C ASP A 6 -4.99 -14.94 -0.17
N GLU A 7 -4.30 -15.31 0.91
CA GLU A 7 -3.95 -14.36 1.98
C GLU A 7 -2.97 -13.27 1.50
N VAL A 8 -3.49 -12.09 1.13
CA VAL A 8 -2.64 -10.96 0.73
C VAL A 8 -2.55 -9.91 1.86
N VAL A 9 -1.43 -9.17 1.89
CA VAL A 9 -1.19 -8.15 2.91
C VAL A 9 -0.82 -6.79 2.26
N ALA A 10 -1.29 -5.71 2.87
CA ALA A 10 -0.99 -4.35 2.39
C ALA A 10 0.26 -3.78 3.10
N ILE A 11 1.30 -3.53 2.32
CA ILE A 11 2.57 -3.01 2.85
C ILE A 11 2.69 -1.49 2.65
N ILE A 12 2.56 -0.74 3.75
CA ILE A 12 2.67 0.72 3.70
C ILE A 12 4.09 1.19 4.09
N SER A 13 4.67 2.04 3.25
CA SER A 13 6.05 2.52 3.45
C SER A 13 6.14 4.04 3.33
N GLN A 14 7.19 4.62 3.94
CA GLN A 14 7.43 6.06 3.89
C GLN A 14 8.93 6.36 3.97
N ASN A 15 9.39 7.38 3.23
CA ASN A 15 10.82 7.74 3.17
C ASN A 15 11.70 6.60 2.63
N GLY A 16 11.08 5.64 1.94
CA GLY A 16 11.84 4.53 1.37
C GLY A 16 11.94 3.31 2.30
N LYS A 17 11.27 3.36 3.45
CA LYS A 17 11.26 2.23 4.39
C LYS A 17 9.83 1.81 4.77
N VAL A 18 9.64 0.52 5.06
CA VAL A 18 8.34 0.00 5.49
C VAL A 18 7.99 0.53 6.89
N ILE A 19 6.76 1.02 7.05
CA ILE A 19 6.34 1.61 8.34
C ILE A 19 5.08 0.93 8.93
N ARG A 20 4.30 0.23 8.09
CA ARG A 20 3.05 -0.38 8.56
C ARG A 20 2.58 -1.51 7.62
N GLU A 21 2.11 -2.63 8.20
CA GLU A 21 1.64 -3.78 7.39
C GLU A 21 0.29 -4.32 7.93
N ILE A 22 -0.73 -4.38 7.07
CA ILE A 22 -2.06 -4.90 7.46
C ILE A 22 -2.48 -6.10 6.59
N PRO A 23 -2.85 -7.24 7.20
CA PRO A 23 -3.41 -8.39 6.47
C PRO A 23 -4.82 -8.10 5.92
N LEU A 24 -4.98 -8.13 4.59
CA LEU A 24 -6.25 -7.78 3.95
C LEU A 24 -7.22 -8.99 3.90
N THR A 25 -6.80 -10.05 3.22
CA THR A 25 -7.64 -11.25 3.05
C THR A 25 -8.00 -11.89 4.39
N GLY A 26 -9.27 -11.81 4.78
CA GLY A 26 -9.71 -12.32 6.08
C GLY A 26 -10.06 -11.22 7.07
N HIS A 27 -9.62 -9.99 6.77
CA HIS A 27 -9.87 -8.83 7.63
C HIS A 27 -11.36 -8.42 7.59
N LYS A 28 -11.96 -8.26 8.77
CA LYS A 28 -13.36 -7.84 8.86
C LYS A 28 -13.50 -6.37 9.30
N GLY A 29 -14.62 -5.75 8.95
CA GLY A 29 -14.91 -4.37 9.35
C GLY A 29 -14.10 -3.33 8.60
N ASN A 30 -14.09 -2.10 9.13
CA ASN A 30 -13.38 -0.99 8.51
C ASN A 30 -12.29 -0.44 9.45
N GLU A 31 -11.12 -0.15 8.91
CA GLU A 31 -9.97 0.28 9.72
C GLU A 31 -9.13 1.35 8.99
N GLN A 32 -9.08 2.56 9.56
CA GLN A 32 -8.41 3.70 8.91
C GLN A 32 -7.15 4.12 9.67
N PHE A 33 -6.11 4.52 8.93
CA PHE A 33 -4.88 5.05 9.54
C PHE A 33 -4.24 6.13 8.65
N THR A 34 -3.76 7.21 9.29
CA THR A 34 -3.23 8.37 8.57
C THR A 34 -1.69 8.43 8.63
N ILE A 35 -1.06 8.39 7.45
CA ILE A 35 0.39 8.56 7.36
C ILE A 35 0.74 10.03 7.12
N LYS A 36 1.27 10.68 8.15
CA LYS A 36 1.60 12.11 8.05
C LYS A 36 3.02 12.30 7.50
N GLY A 37 3.14 13.14 6.47
CA GLY A 37 4.44 13.41 5.86
C GLY A 37 5.13 14.64 6.41
N LYS A 38 6.30 14.95 5.88
CA LYS A 38 7.09 16.11 6.33
C LYS A 38 6.37 17.44 6.01
N GLY A 39 5.61 17.94 6.99
CA GLY A 39 4.84 19.17 6.80
C GLY A 39 3.34 18.93 6.83
N ALA A 40 2.65 19.28 5.74
CA ALA A 40 1.21 19.05 5.63
C ALA A 40 0.91 17.90 4.64
N GLN A 41 1.95 17.16 4.27
CA GLN A 41 1.86 16.11 3.24
C GLN A 41 1.36 14.77 3.83
N TYR A 42 0.10 14.73 4.27
CA TYR A 42 -0.45 13.52 4.90
C TYR A 42 -1.28 12.66 3.92
N ASN A 43 -1.43 11.37 4.25
CA ASN A 43 -2.27 10.43 3.48
C ASN A 43 -3.20 9.65 4.42
N LEU A 44 -4.49 9.54 4.08
CA LEU A 44 -5.45 8.77 4.88
C LEU A 44 -5.80 7.45 4.19
N MET A 45 -5.30 6.34 4.74
CA MET A 45 -5.54 5.01 4.19
C MET A 45 -6.74 4.33 4.88
N GLU A 46 -7.75 3.96 4.09
CA GLU A 46 -8.92 3.25 4.61
C GLU A 46 -8.94 1.77 4.19
N VAL A 47 -8.87 0.88 5.16
CA VAL A 47 -9.00 -0.55 4.92
C VAL A 47 -10.45 -1.02 5.14
N ASP A 48 -11.15 -1.35 4.07
CA ASP A 48 -12.53 -1.80 4.15
C ASP A 48 -12.63 -3.29 3.85
N GLY A 49 -12.89 -4.08 4.88
CA GLY A 49 -12.92 -5.53 4.72
C GLY A 49 -11.60 -6.10 4.22
N GLU A 50 -11.57 -6.51 2.96
CA GLU A 50 -10.37 -7.12 2.36
C GLU A 50 -9.81 -6.27 1.20
N ARG A 51 -10.06 -4.96 1.27
CA ARG A 51 -9.58 -4.01 0.24
C ARG A 51 -9.16 -2.68 0.89
N ILE A 52 -8.16 -2.01 0.30
CA ILE A 52 -7.61 -0.76 0.87
C ILE A 52 -7.55 0.37 -0.17
N ARG A 53 -7.77 1.61 0.28
CA ARG A 53 -7.73 2.80 -0.61
C ARG A 53 -7.27 4.05 0.14
N ILE A 54 -6.98 5.12 -0.61
CA ILE A 54 -6.75 6.44 -0.01
C ILE A 54 -8.04 7.28 -0.05
N LYS A 55 -8.54 7.67 1.11
CA LYS A 55 -9.76 8.48 1.20
C LYS A 55 -9.46 9.98 1.08
N GLU A 56 -8.33 10.40 1.63
CA GLU A 56 -7.99 11.83 1.68
C GLU A 56 -6.46 12.04 1.72
N ASP A 57 -5.96 13.01 0.98
CA ASP A 57 -4.54 13.38 1.04
C ASP A 57 -4.34 14.85 0.65
N ASN A 58 -3.30 15.48 1.17
CA ASN A 58 -3.00 16.87 0.85
C ASN A 58 -1.85 16.96 -0.17
N SER A 59 -2.14 16.65 -1.42
CA SER A 59 -1.18 16.84 -2.51
C SER A 59 -1.78 17.71 -3.61
N PRO A 60 -0.95 18.46 -4.35
CA PRO A 60 -1.41 19.28 -5.49
C PRO A 60 -1.93 18.41 -6.64
N ASP A 61 -1.36 17.21 -6.76
CA ASP A 61 -1.69 16.27 -7.83
C ASP A 61 -2.97 15.47 -7.52
N GLN A 62 -3.15 15.12 -6.25
CA GLN A 62 -4.32 14.33 -5.79
C GLN A 62 -4.35 12.92 -6.42
N VAL A 63 -3.19 12.45 -6.86
CA VAL A 63 -3.07 11.11 -7.47
C VAL A 63 -3.54 10.01 -6.49
N GLY A 64 -3.22 10.17 -5.22
CA GLY A 64 -3.55 9.16 -4.21
C GLY A 64 -5.02 8.75 -4.23
N VAL A 65 -5.92 9.72 -4.06
CA VAL A 65 -7.36 9.44 -4.13
C VAL A 65 -7.78 8.92 -5.51
N LYS A 66 -7.12 9.43 -6.56
CA LYS A 66 -7.41 9.01 -7.94
C LYS A 66 -7.06 7.54 -8.20
N MET A 67 -6.08 7.00 -7.49
CA MET A 67 -5.66 5.60 -7.69
C MET A 67 -6.79 4.60 -7.32
N GLY A 68 -7.71 5.04 -6.46
CA GLY A 68 -8.90 4.24 -6.16
C GLY A 68 -8.65 3.08 -5.21
N TRP A 69 -9.49 2.05 -5.31
CA TRP A 69 -9.39 0.87 -4.44
C TRP A 69 -8.30 -0.11 -4.93
N LYS A 70 -7.60 -0.72 -3.99
CA LYS A 70 -6.59 -1.74 -4.29
C LYS A 70 -6.90 -3.01 -3.48
N SER A 71 -6.86 -4.19 -4.11
CA SER A 71 -7.35 -5.41 -3.46
C SER A 71 -6.74 -6.71 -4.01
N LYS A 72 -5.52 -6.66 -4.53
CA LYS A 72 -4.80 -7.89 -4.90
C LYS A 72 -3.28 -7.69 -5.02
N ALA A 73 -2.53 -8.80 -4.99
CA ALA A 73 -1.07 -8.76 -5.11
C ALA A 73 -0.63 -8.14 -6.44
N GLY A 74 0.08 -7.02 -6.36
CA GLY A 74 0.48 -6.28 -7.56
C GLY A 74 -0.01 -4.84 -7.56
N ASP A 75 -0.97 -4.53 -6.70
CA ASP A 75 -1.46 -3.15 -6.54
C ASP A 75 -0.47 -2.29 -5.74
N THR A 76 -0.10 -1.14 -6.29
CA THR A 76 0.82 -0.21 -5.63
C THR A 76 0.28 1.22 -5.62
N ILE A 77 0.56 1.95 -4.54
CA ILE A 77 0.17 3.36 -4.41
C ILE A 77 1.42 4.25 -4.35
N VAL A 78 1.48 5.28 -5.19
CA VAL A 78 2.65 6.16 -5.25
C VAL A 78 2.30 7.60 -4.85
N CYS A 79 2.88 8.08 -3.75
CA CYS A 79 2.71 9.48 -3.31
C CYS A 79 4.07 10.18 -3.17
N LEU A 80 4.72 10.46 -4.30
CA LEU A 80 6.05 11.10 -4.31
C LEU A 80 6.08 12.41 -3.49
N PRO A 81 5.12 13.36 -3.70
CA PRO A 81 5.06 14.62 -2.93
C PRO A 81 5.02 14.39 -1.40
N HIS A 82 4.62 13.19 -0.98
CA HIS A 82 4.46 12.87 0.44
C HIS A 82 5.52 11.89 0.95
N LYS A 83 6.40 11.44 0.04
CA LYS A 83 7.43 10.43 0.37
C LYS A 83 6.81 9.08 0.78
N VAL A 84 5.54 8.88 0.45
CA VAL A 84 4.81 7.66 0.86
C VAL A 84 4.67 6.67 -0.32
N PHE A 85 4.87 5.38 -0.04
CA PHE A 85 4.74 4.33 -1.06
C PHE A 85 4.10 3.07 -0.45
N VAL A 86 3.09 2.53 -1.14
CA VAL A 86 2.37 1.34 -0.66
C VAL A 86 2.34 0.24 -1.75
N GLU A 87 2.40 -1.02 -1.34
CA GLU A 87 2.24 -2.14 -2.28
C GLU A 87 1.49 -3.30 -1.62
N ILE A 88 0.83 -4.13 -2.43
CA ILE A 88 0.16 -5.32 -1.92
C ILE A 88 0.87 -6.60 -2.40
N LYS A 89 1.23 -7.47 -1.45
CA LYS A 89 1.85 -8.76 -1.77
C LYS A 89 1.08 -9.90 -1.08
N SER A 90 1.49 -11.14 -1.32
CA SER A 90 0.83 -12.29 -0.69
C SER A 90 1.68 -12.91 0.41
N THR A 91 1.02 -13.51 1.38
CA THR A 91 1.69 -14.26 2.46
C THR A 91 2.49 -15.44 1.89
N GLN A 92 2.08 -15.92 0.71
CA GLN A 92 2.79 -17.02 0.04
C GLN A 92 4.13 -16.53 -0.53
N LYS A 93 4.99 -17.46 -0.93
CA LYS A 93 6.29 -17.13 -1.52
C LYS A 93 6.15 -16.29 -2.80
N ASP A 94 7.12 -15.41 -3.05
CA ASP A 94 7.19 -14.66 -4.31
C ASP A 94 8.62 -14.67 -4.89
N SER A 95 8.70 -14.80 -6.21
CA SER A 95 9.99 -14.92 -6.90
C SER A 95 10.65 -13.54 -7.12
N LYS A 96 11.95 -13.46 -6.83
CA LYS A 96 12.71 -12.22 -6.99
C LYS A 96 14.12 -12.47 -7.59
N ASP A 97 14.69 -11.43 -8.19
CA ASP A 97 16.08 -11.45 -8.63
C ASP A 97 16.97 -10.78 -7.56
N PRO A 98 18.24 -11.22 -7.43
CA PRO A 98 19.20 -10.57 -6.52
C PRO A 98 19.28 -9.05 -6.74
N ASP A 99 19.50 -8.66 -7.99
CA ASP A 99 19.55 -7.23 -8.36
C ASP A 99 18.88 -6.97 -9.72
N THR A 100 18.00 -5.98 -9.74
CA THR A 100 17.44 -5.46 -10.99
C THR A 100 17.76 -3.97 -11.13
N ASP A 101 19.02 -3.63 -10.82
CA ASP A 101 19.48 -2.24 -10.74
C ASP A 101 18.79 -1.49 -9.58
N LEU A 102 18.47 -2.24 -8.52
CA LEU A 102 17.83 -1.68 -7.35
C LEU A 102 18.83 -0.90 -6.49
N ILE A 103 18.92 0.39 -6.72
CA ILE A 103 19.86 1.24 -5.98
C ILE A 103 19.37 1.49 -4.55
N VAL A 104 19.76 0.60 -3.64
CA VAL A 104 19.43 0.75 -2.22
C VAL A 104 20.12 1.98 -1.61
N PRO A 105 19.41 2.73 -0.74
CA PRO A 105 19.92 4.00 -0.17
C PRO A 105 21.37 3.92 0.35
N ASN A 106 22.31 4.41 -0.46
CA ASN A 106 23.70 4.53 -0.03
C ASN A 106 23.94 5.90 0.62
N LEU A 107 24.05 5.91 1.94
CA LEU A 107 24.20 7.16 2.70
C LEU A 107 25.37 8.03 2.18
N GLU A 108 25.02 9.18 1.61
CA GLU A 108 26.00 10.14 1.09
C GLU A 108 27.15 10.39 2.08
N HIS A 109 26.79 10.67 3.33
CA HIS A 109 27.76 10.93 4.38
C HIS A 109 27.11 10.86 5.77
N HIS A 110 27.93 10.84 6.82
CA HIS A 110 27.42 10.81 8.20
C HIS A 110 26.74 12.13 8.58
N HIS A 111 25.68 12.04 9.38
CA HIS A 111 24.98 13.22 9.88
C HIS A 111 25.17 13.34 11.40
N HIS A 112 26.08 14.23 11.81
CA HIS A 112 26.38 14.43 13.22
C HIS A 112 25.11 14.85 14.00
N HIS A 113 24.60 13.92 14.80
CA HIS A 113 23.32 14.12 15.50
C HIS A 113 23.50 14.88 16.82
N HIS A 114 24.27 14.32 17.75
CA HIS A 114 24.45 14.92 19.09
C HIS A 114 25.93 15.21 19.40
N MET A 1 -17.31 -22.78 6.02
CA MET A 1 -17.71 -21.53 6.73
C MET A 1 -16.53 -20.55 6.76
N LYS A 2 -16.66 -19.44 6.04
CA LYS A 2 -15.57 -18.45 5.92
C LYS A 2 -14.28 -19.11 5.39
N ASN A 3 -14.29 -19.49 4.11
CA ASN A 3 -13.16 -20.19 3.50
C ASN A 3 -12.43 -19.30 2.46
N THR A 4 -11.14 -19.08 2.65
CA THR A 4 -10.35 -18.22 1.77
C THR A 4 -9.41 -19.03 0.85
N GLY A 5 -9.30 -18.62 -0.41
CA GLY A 5 -8.38 -19.26 -1.34
C GLY A 5 -6.95 -18.76 -1.18
N ASP A 6 -6.74 -17.48 -1.47
CA ASP A 6 -5.43 -16.84 -1.33
C ASP A 6 -5.48 -15.63 -0.39
N GLU A 7 -4.37 -15.32 0.28
CA GLU A 7 -4.32 -14.20 1.23
C GLU A 7 -3.23 -13.17 0.87
N VAL A 8 -3.64 -11.91 0.72
CA VAL A 8 -2.72 -10.82 0.37
C VAL A 8 -2.62 -9.76 1.50
N VAL A 9 -1.47 -9.08 1.56
CA VAL A 9 -1.24 -8.05 2.58
C VAL A 9 -0.78 -6.72 1.94
N ALA A 10 -1.14 -5.60 2.58
CA ALA A 10 -0.74 -4.28 2.10
C ALA A 10 0.41 -3.70 2.93
N ILE A 11 1.57 -3.51 2.30
CA ILE A 11 2.76 -2.97 2.97
C ILE A 11 2.94 -1.47 2.68
N ILE A 12 2.85 -0.65 3.72
CA ILE A 12 3.01 0.80 3.58
C ILE A 12 4.43 1.26 3.92
N SER A 13 5.05 2.00 3.00
CA SER A 13 6.41 2.53 3.22
C SER A 13 6.45 4.05 3.07
N GLN A 14 7.41 4.68 3.74
CA GLN A 14 7.60 6.13 3.69
C GLN A 14 9.09 6.49 3.64
N ASN A 15 9.47 7.31 2.65
CA ASN A 15 10.85 7.78 2.49
C ASN A 15 11.84 6.62 2.26
N GLY A 16 11.32 5.44 1.89
CA GLY A 16 12.18 4.29 1.64
C GLY A 16 11.97 3.13 2.61
N LYS A 17 11.62 3.45 3.86
CA LYS A 17 11.46 2.42 4.89
C LYS A 17 10.00 2.03 5.09
N VAL A 18 9.74 0.77 5.45
CA VAL A 18 8.40 0.31 5.80
C VAL A 18 7.96 0.90 7.15
N ILE A 19 6.72 1.41 7.22
CA ILE A 19 6.22 2.05 8.44
C ILE A 19 4.98 1.35 9.03
N ARG A 20 4.17 0.73 8.16
CA ARG A 20 2.91 0.11 8.61
C ARG A 20 2.50 -1.06 7.69
N GLU A 21 1.98 -2.13 8.27
CA GLU A 21 1.56 -3.32 7.52
C GLU A 21 0.15 -3.78 7.93
N ILE A 22 -0.75 -3.89 6.94
CA ILE A 22 -2.14 -4.35 7.20
C ILE A 22 -2.49 -5.57 6.32
N PRO A 23 -2.93 -6.69 6.95
CA PRO A 23 -3.44 -7.85 6.19
C PRO A 23 -4.84 -7.57 5.61
N LEU A 24 -4.97 -7.64 4.29
CA LEU A 24 -6.23 -7.33 3.60
C LEU A 24 -7.20 -8.52 3.65
N THR A 25 -6.81 -9.62 3.03
CA THR A 25 -7.66 -10.82 2.97
C THR A 25 -7.98 -11.34 4.38
N GLY A 26 -9.26 -11.44 4.71
CA GLY A 26 -9.68 -11.90 6.02
C GLY A 26 -9.80 -10.78 7.07
N HIS A 27 -9.56 -9.54 6.66
CA HIS A 27 -9.69 -8.39 7.57
C HIS A 27 -11.17 -8.02 7.79
N LYS A 28 -11.56 -7.88 9.05
CA LYS A 28 -12.95 -7.58 9.41
C LYS A 28 -13.18 -6.07 9.60
N GLY A 29 -14.30 -5.56 9.08
CA GLY A 29 -14.67 -4.17 9.29
C GLY A 29 -13.88 -3.16 8.46
N ASN A 30 -14.02 -1.89 8.83
CA ASN A 30 -13.37 -0.78 8.13
C ASN A 30 -12.40 -0.04 9.08
N GLU A 31 -11.12 0.05 8.71
CA GLU A 31 -10.10 0.69 9.55
C GLU A 31 -9.49 1.91 8.84
N GLN A 32 -9.26 3.00 9.60
CA GLN A 32 -8.70 4.23 9.03
C GLN A 32 -7.52 4.75 9.88
N PHE A 33 -6.40 5.05 9.23
CA PHE A 33 -5.22 5.57 9.94
C PHE A 33 -4.53 6.69 9.14
N THR A 34 -4.04 7.71 9.84
CA THR A 34 -3.38 8.86 9.20
C THR A 34 -1.85 8.72 9.23
N ILE A 35 -1.25 8.68 8.04
CA ILE A 35 0.20 8.64 7.90
C ILE A 35 0.80 10.05 8.02
N LYS A 36 1.62 10.27 9.04
CA LYS A 36 2.25 11.57 9.28
C LYS A 36 3.48 11.78 8.37
N GLY A 37 3.47 12.85 7.59
CA GLY A 37 4.62 13.21 6.76
C GLY A 37 5.32 14.47 7.25
N LYS A 38 6.14 15.07 6.40
CA LYS A 38 6.87 16.29 6.76
C LYS A 38 5.94 17.51 6.88
N GLY A 39 5.96 18.15 8.06
CA GLY A 39 5.15 19.34 8.27
C GLY A 39 3.64 19.12 8.07
N ALA A 40 3.13 19.59 6.94
CA ALA A 40 1.68 19.50 6.65
C ALA A 40 1.31 18.27 5.82
N GLN A 41 2.31 17.49 5.40
CA GLN A 41 2.07 16.32 4.53
C GLN A 41 1.49 15.13 5.32
N TYR A 42 0.44 14.50 4.78
CA TYR A 42 -0.15 13.31 5.41
C TYR A 42 -0.94 12.46 4.39
N ASN A 43 -1.24 11.22 4.76
CA ASN A 43 -2.06 10.31 3.94
C ASN A 43 -3.06 9.54 4.80
N LEU A 44 -4.36 9.79 4.59
CA LEU A 44 -5.42 9.07 5.30
C LEU A 44 -5.80 7.77 4.56
N MET A 45 -5.31 6.64 5.09
CA MET A 45 -5.55 5.34 4.47
C MET A 45 -6.80 4.65 5.06
N GLU A 46 -7.52 3.92 4.22
CA GLU A 46 -8.71 3.19 4.65
C GLU A 46 -8.67 1.73 4.18
N VAL A 47 -8.84 0.81 5.12
CA VAL A 47 -8.93 -0.62 4.81
C VAL A 47 -10.36 -1.13 5.05
N ASP A 48 -11.07 -1.42 3.97
CA ASP A 48 -12.47 -1.85 4.04
C ASP A 48 -12.59 -3.35 3.71
N GLY A 49 -12.89 -4.16 4.70
CA GLY A 49 -12.94 -5.61 4.50
C GLY A 49 -11.61 -6.16 3.98
N GLU A 50 -11.59 -6.60 2.72
CA GLU A 50 -10.38 -7.18 2.11
C GLU A 50 -9.80 -6.25 1.02
N ARG A 51 -10.19 -4.97 1.05
CA ARG A 51 -9.73 -4.00 0.04
C ARG A 51 -9.23 -2.69 0.71
N ILE A 52 -8.24 -2.04 0.11
CA ILE A 52 -7.64 -0.82 0.69
C ILE A 52 -7.53 0.32 -0.35
N ARG A 53 -7.66 1.55 0.14
CA ARG A 53 -7.52 2.74 -0.72
C ARG A 53 -7.22 4.00 0.12
N ILE A 54 -6.79 5.06 -0.55
CA ILE A 54 -6.58 6.36 0.12
C ILE A 54 -7.86 7.19 0.07
N LYS A 55 -8.38 7.56 1.24
CA LYS A 55 -9.65 8.27 1.32
C LYS A 55 -9.45 9.80 1.23
N GLU A 56 -8.31 10.29 1.71
CA GLU A 56 -8.06 11.73 1.76
C GLU A 56 -6.58 12.06 2.08
N ASP A 57 -6.05 13.06 1.39
CA ASP A 57 -4.69 13.54 1.65
C ASP A 57 -4.50 14.96 1.07
N ASN A 58 -3.31 15.52 1.22
CA ASN A 58 -3.05 16.89 0.73
C ASN A 58 -2.02 16.92 -0.42
N SER A 59 -2.13 16.01 -1.37
CA SER A 59 -1.29 16.03 -2.58
C SER A 59 -1.97 16.89 -3.66
N PRO A 60 -1.24 17.83 -4.29
CA PRO A 60 -1.82 18.74 -5.31
C PRO A 60 -2.56 17.98 -6.42
N ASP A 61 -1.99 16.86 -6.86
CA ASP A 61 -2.57 16.05 -7.93
C ASP A 61 -3.49 14.94 -7.38
N GLN A 62 -3.42 14.69 -6.08
CA GLN A 62 -4.14 13.57 -5.44
C GLN A 62 -4.14 12.29 -6.29
N VAL A 63 -2.96 11.69 -6.44
CA VAL A 63 -2.80 10.48 -7.26
C VAL A 63 -3.38 9.24 -6.57
N GLY A 64 -3.06 9.08 -5.29
CA GLY A 64 -3.53 7.91 -4.53
C GLY A 64 -5.04 7.76 -4.53
N VAL A 65 -5.76 8.86 -4.33
CA VAL A 65 -7.23 8.86 -4.34
C VAL A 65 -7.78 8.40 -5.71
N LYS A 66 -7.12 8.83 -6.78
CA LYS A 66 -7.55 8.48 -8.15
C LYS A 66 -7.29 7.00 -8.48
N MET A 67 -6.28 6.40 -7.83
CA MET A 67 -5.96 4.97 -8.02
C MET A 67 -7.16 4.06 -7.69
N GLY A 68 -8.01 4.52 -6.77
CA GLY A 68 -9.23 3.80 -6.42
C GLY A 68 -8.99 2.63 -5.46
N TRP A 69 -9.89 1.64 -5.49
CA TRP A 69 -9.80 0.49 -4.59
C TRP A 69 -8.83 -0.58 -5.10
N LYS A 70 -7.80 -0.87 -4.31
CA LYS A 70 -6.84 -1.93 -4.62
C LYS A 70 -6.98 -3.08 -3.62
N SER A 71 -6.67 -4.32 -4.03
CA SER A 71 -6.91 -5.48 -3.14
C SER A 71 -6.26 -6.79 -3.61
N LYS A 72 -5.45 -6.76 -4.67
CA LYS A 72 -4.84 -7.99 -5.20
C LYS A 72 -3.31 -7.89 -5.27
N ALA A 73 -2.65 -9.04 -5.18
CA ALA A 73 -1.19 -9.12 -5.24
C ALA A 73 -0.66 -8.56 -6.57
N GLY A 74 -0.19 -7.31 -6.53
CA GLY A 74 0.25 -6.63 -7.73
C GLY A 74 -0.14 -5.16 -7.75
N ASP A 75 -1.14 -4.81 -6.94
CA ASP A 75 -1.57 -3.41 -6.81
C ASP A 75 -0.60 -2.59 -5.95
N THR A 76 -0.26 -1.39 -6.40
CA THR A 76 0.60 -0.48 -5.63
C THR A 76 0.07 0.96 -5.65
N ILE A 77 0.34 1.70 -4.58
CA ILE A 77 -0.09 3.11 -4.46
C ILE A 77 1.14 4.04 -4.40
N VAL A 78 1.17 5.05 -5.26
CA VAL A 78 2.30 5.99 -5.34
C VAL A 78 1.90 7.42 -4.94
N CYS A 79 2.53 7.93 -3.88
CA CYS A 79 2.29 9.32 -3.42
C CYS A 79 3.60 10.13 -3.42
N LEU A 80 4.06 10.53 -4.60
CA LEU A 80 5.33 11.26 -4.76
C LEU A 80 5.41 12.54 -3.89
N PRO A 81 4.39 13.45 -3.94
CA PRO A 81 4.43 14.69 -3.14
C PRO A 81 4.57 14.45 -1.63
N HIS A 82 4.32 13.22 -1.17
CA HIS A 82 4.44 12.87 0.24
C HIS A 82 5.56 11.84 0.49
N LYS A 83 6.19 11.37 -0.59
CA LYS A 83 7.27 10.36 -0.51
C LYS A 83 6.78 9.04 0.11
N VAL A 84 5.50 8.72 -0.09
CA VAL A 84 4.90 7.49 0.46
C VAL A 84 4.58 6.48 -0.65
N PHE A 85 4.85 5.20 -0.39
CA PHE A 85 4.60 4.13 -1.37
C PHE A 85 4.01 2.88 -0.70
N VAL A 86 2.96 2.32 -1.29
CA VAL A 86 2.31 1.13 -0.74
C VAL A 86 2.31 -0.02 -1.76
N GLU A 87 2.66 -1.24 -1.32
CA GLU A 87 2.65 -2.41 -2.19
C GLU A 87 1.77 -3.54 -1.64
N ILE A 88 0.83 -4.02 -2.45
CA ILE A 88 -0.01 -5.16 -2.06
C ILE A 88 0.57 -6.46 -2.62
N LYS A 89 0.97 -7.37 -1.73
CA LYS A 89 1.67 -8.58 -2.11
C LYS A 89 1.02 -9.84 -1.53
N SER A 90 1.32 -10.99 -2.12
CA SER A 90 0.75 -12.27 -1.69
C SER A 90 1.59 -12.91 -0.58
N THR A 91 0.92 -13.65 0.30
CA THR A 91 1.59 -14.38 1.39
C THR A 91 2.04 -15.78 0.95
N GLN A 92 1.50 -16.23 -0.18
CA GLN A 92 1.75 -17.58 -0.70
C GLN A 92 2.65 -17.54 -1.95
N LYS A 93 2.93 -18.71 -2.53
CA LYS A 93 3.72 -18.80 -3.76
C LYS A 93 2.88 -18.54 -5.01
N ASP A 94 3.31 -17.59 -5.83
CA ASP A 94 2.59 -17.23 -7.06
C ASP A 94 3.50 -16.45 -8.03
N SER A 95 3.00 -16.21 -9.25
CA SER A 95 3.79 -15.55 -10.30
C SER A 95 3.65 -14.01 -10.27
N LYS A 96 4.71 -13.32 -9.88
CA LYS A 96 4.74 -11.84 -9.87
C LYS A 96 6.10 -11.30 -10.31
N ASP A 97 6.16 -9.98 -10.53
CA ASP A 97 7.41 -9.29 -10.86
C ASP A 97 8.00 -8.59 -9.62
N PRO A 98 9.15 -9.07 -9.11
CA PRO A 98 9.83 -8.45 -7.95
C PRO A 98 10.40 -7.05 -8.27
N ASP A 99 10.60 -6.80 -9.56
CA ASP A 99 11.16 -5.52 -10.03
C ASP A 99 10.19 -4.83 -11.01
N THR A 100 9.94 -3.54 -10.81
CA THR A 100 9.01 -2.79 -11.67
C THR A 100 9.34 -1.29 -11.71
N ASP A 101 9.57 -0.78 -12.92
CA ASP A 101 9.76 0.67 -13.12
C ASP A 101 9.32 1.07 -14.54
N LEU A 102 8.60 2.18 -14.64
CA LEU A 102 8.20 2.73 -15.94
C LEU A 102 7.99 4.24 -15.86
N ILE A 103 9.08 5.00 -15.98
CA ILE A 103 9.02 6.46 -16.00
C ILE A 103 8.71 6.98 -17.41
N VAL A 104 7.47 7.43 -17.62
CA VAL A 104 7.01 7.84 -18.96
C VAL A 104 7.46 9.26 -19.34
N PRO A 105 7.87 9.46 -20.61
CA PRO A 105 8.24 10.79 -21.13
C PRO A 105 7.07 11.79 -21.08
N ASN A 106 7.36 13.05 -20.83
CA ASN A 106 6.31 14.07 -20.69
C ASN A 106 6.76 15.46 -21.15
N LEU A 107 5.79 16.36 -21.29
CA LEU A 107 6.03 17.73 -21.75
C LEU A 107 6.75 18.58 -20.68
N GLU A 108 7.80 19.28 -21.10
CA GLU A 108 8.51 20.20 -20.21
C GLU A 108 7.68 21.46 -19.93
N HIS A 109 7.39 21.72 -18.65
CA HIS A 109 6.59 22.89 -18.27
C HIS A 109 7.46 24.15 -18.09
N HIS A 110 7.44 25.04 -19.08
CA HIS A 110 8.18 26.31 -19.02
C HIS A 110 7.24 27.50 -19.20
N HIS A 111 7.54 28.60 -18.50
CA HIS A 111 6.66 29.77 -18.45
C HIS A 111 6.92 30.75 -19.59
N HIS A 112 5.85 31.29 -20.16
CA HIS A 112 5.94 32.28 -21.24
C HIS A 112 5.87 33.71 -20.69
N HIS A 113 6.80 34.57 -21.10
CA HIS A 113 6.79 35.99 -20.71
C HIS A 113 6.31 36.87 -21.88
N HIS A 114 6.79 36.55 -23.08
CA HIS A 114 6.37 37.24 -24.30
C HIS A 114 6.78 36.43 -25.55
N MET A 1 -19.34 -20.30 4.11
CA MET A 1 -19.45 -19.55 2.82
C MET A 1 -18.27 -18.56 2.63
N LYS A 2 -17.13 -18.86 3.26
CA LYS A 2 -15.92 -18.06 3.09
C LYS A 2 -15.17 -18.47 1.81
N ASN A 3 -15.60 -17.93 0.67
CA ASN A 3 -14.97 -18.24 -0.62
C ASN A 3 -13.67 -17.42 -0.83
N THR A 4 -12.87 -17.34 0.21
CA THR A 4 -11.61 -16.56 0.19
C THR A 4 -10.53 -17.27 -0.61
N GLY A 5 -10.08 -16.63 -1.70
CA GLY A 5 -9.01 -17.18 -2.53
C GLY A 5 -7.63 -16.62 -2.17
N ASP A 6 -7.28 -15.48 -2.77
CA ASP A 6 -5.96 -14.88 -2.58
C ASP A 6 -5.93 -13.96 -1.33
N GLU A 7 -5.19 -14.38 -0.31
CA GLU A 7 -5.03 -13.57 0.91
C GLU A 7 -3.84 -12.61 0.77
N VAL A 8 -4.13 -11.36 0.45
CA VAL A 8 -3.07 -10.35 0.17
C VAL A 8 -2.82 -9.39 1.34
N VAL A 9 -1.66 -8.72 1.29
CA VAL A 9 -1.26 -7.75 2.31
C VAL A 9 -0.78 -6.43 1.64
N ALA A 10 -0.92 -5.32 2.37
CA ALA A 10 -0.45 -4.02 1.89
C ALA A 10 0.79 -3.55 2.69
N ILE A 11 1.91 -3.35 1.99
CA ILE A 11 3.15 -2.89 2.63
C ILE A 11 3.35 -1.38 2.42
N ILE A 12 3.26 -0.60 3.49
CA ILE A 12 3.41 0.85 3.40
C ILE A 12 4.80 1.32 3.87
N SER A 13 5.62 1.79 2.93
CA SER A 13 6.93 2.37 3.26
C SER A 13 6.91 3.89 3.06
N GLN A 14 7.55 4.63 3.96
CA GLN A 14 7.55 6.09 3.89
C GLN A 14 8.93 6.67 4.27
N ASN A 15 9.43 7.60 3.45
CA ASN A 15 10.77 8.20 3.66
C ASN A 15 11.89 7.14 3.67
N GLY A 16 11.58 5.94 3.16
CA GLY A 16 12.57 4.86 3.14
C GLY A 16 12.37 3.84 4.27
N LYS A 17 11.54 4.17 5.25
CA LYS A 17 11.29 3.28 6.40
C LYS A 17 9.87 2.67 6.35
N VAL A 18 9.77 1.36 6.56
CA VAL A 18 8.47 0.67 6.57
C VAL A 18 7.67 1.03 7.84
N ILE A 19 6.54 1.70 7.66
CA ILE A 19 5.77 2.21 8.81
C ILE A 19 4.54 1.35 9.14
N ARG A 20 4.03 0.57 8.18
CA ARG A 20 2.79 -0.17 8.39
C ARG A 20 2.65 -1.39 7.44
N GLU A 21 2.40 -2.56 8.02
CA GLU A 21 2.10 -3.77 7.25
C GLU A 21 0.69 -4.28 7.60
N ILE A 22 -0.20 -4.33 6.61
CA ILE A 22 -1.61 -4.68 6.87
C ILE A 22 -2.08 -5.92 6.08
N PRO A 23 -2.64 -6.93 6.77
CA PRO A 23 -3.32 -8.06 6.12
C PRO A 23 -4.72 -7.66 5.60
N LEU A 24 -4.87 -7.61 4.28
CA LEU A 24 -6.11 -7.12 3.66
C LEU A 24 -7.22 -8.18 3.65
N THR A 25 -7.04 -9.22 2.83
CA THR A 25 -8.04 -10.27 2.67
C THR A 25 -8.36 -10.96 4.01
N GLY A 26 -9.63 -10.98 4.38
CA GLY A 26 -10.02 -11.54 5.67
C GLY A 26 -10.38 -10.46 6.69
N HIS A 27 -9.87 -9.25 6.50
CA HIS A 27 -10.18 -8.14 7.41
C HIS A 27 -11.58 -7.56 7.14
N LYS A 28 -12.57 -8.10 7.84
CA LYS A 28 -13.93 -7.59 7.74
C LYS A 28 -14.12 -6.33 8.59
N GLY A 29 -15.05 -5.47 8.20
CA GLY A 29 -15.28 -4.22 8.91
C GLY A 29 -14.47 -3.05 8.33
N ASN A 30 -14.34 -1.98 9.11
CA ASN A 30 -13.64 -0.77 8.65
C ASN A 30 -12.41 -0.47 9.51
N GLU A 31 -11.37 0.06 8.87
CA GLU A 31 -10.14 0.47 9.57
C GLU A 31 -9.61 1.79 8.97
N GLN A 32 -9.14 2.70 9.84
CA GLN A 32 -8.69 4.02 9.39
C GLN A 32 -7.44 4.48 10.15
N PHE A 33 -6.44 4.98 9.41
CA PHE A 33 -5.21 5.50 10.02
C PHE A 33 -4.60 6.63 9.20
N THR A 34 -4.05 7.64 9.89
CA THR A 34 -3.46 8.80 9.24
C THR A 34 -1.93 8.68 9.13
N ILE A 35 -1.42 8.60 7.90
CA ILE A 35 0.02 8.51 7.65
C ILE A 35 0.67 9.91 7.74
N LYS A 36 1.50 10.09 8.75
CA LYS A 36 2.20 11.36 9.00
C LYS A 36 3.42 11.51 8.06
N GLY A 37 3.32 12.41 7.09
CA GLY A 37 4.39 12.58 6.10
C GLY A 37 5.41 13.65 6.49
N LYS A 38 5.11 14.89 6.15
CA LYS A 38 6.04 16.01 6.41
C LYS A 38 5.26 17.31 6.67
N GLY A 39 5.37 17.82 7.90
CA GLY A 39 4.65 19.03 8.28
C GLY A 39 3.13 18.91 8.13
N ALA A 40 2.57 19.56 7.12
CA ALA A 40 1.12 19.52 6.88
C ALA A 40 0.74 18.40 5.89
N GLN A 41 1.74 17.78 5.27
CA GLN A 41 1.52 16.69 4.30
C GLN A 41 1.24 15.35 5.01
N TYR A 42 0.12 14.72 4.65
CA TYR A 42 -0.27 13.43 5.24
C TYR A 42 -1.00 12.54 4.21
N ASN A 43 -1.27 11.30 4.58
CA ASN A 43 -2.09 10.38 3.76
C ASN A 43 -3.08 9.61 4.64
N LEU A 44 -4.37 9.91 4.51
CA LEU A 44 -5.41 9.21 5.28
C LEU A 44 -5.83 7.91 4.59
N MET A 45 -5.42 6.78 5.15
CA MET A 45 -5.70 5.46 4.55
C MET A 45 -6.88 4.77 5.23
N GLU A 46 -7.60 3.94 4.47
CA GLU A 46 -8.75 3.20 4.99
C GLU A 46 -8.78 1.75 4.48
N VAL A 47 -8.96 0.80 5.40
CA VAL A 47 -9.09 -0.62 5.05
C VAL A 47 -10.50 -1.13 5.37
N ASP A 48 -11.30 -1.36 4.33
CA ASP A 48 -12.70 -1.78 4.51
C ASP A 48 -13.03 -3.01 3.65
N GLY A 49 -13.80 -3.95 4.20
CA GLY A 49 -14.25 -5.11 3.43
C GLY A 49 -13.13 -5.87 2.73
N GLU A 50 -12.08 -6.21 3.47
CA GLU A 50 -10.95 -7.03 2.95
C GLU A 50 -10.09 -6.27 1.91
N ARG A 51 -10.22 -4.94 1.83
CA ARG A 51 -9.42 -4.17 0.87
C ARG A 51 -9.08 -2.76 1.39
N ILE A 52 -8.14 -2.08 0.71
CA ILE A 52 -7.62 -0.79 1.18
C ILE A 52 -7.73 0.31 0.10
N ARG A 53 -7.88 1.57 0.54
CA ARG A 53 -7.94 2.72 -0.36
C ARG A 53 -7.50 4.01 0.37
N ILE A 54 -7.11 5.02 -0.39
CA ILE A 54 -6.76 6.33 0.17
C ILE A 54 -8.01 7.20 0.34
N LYS A 55 -8.35 7.52 1.58
CA LYS A 55 -9.56 8.26 1.90
C LYS A 55 -9.41 9.77 1.64
N GLU A 56 -8.21 10.31 1.87
CA GLU A 56 -7.94 11.73 1.63
C GLU A 56 -6.44 12.05 1.80
N ASP A 57 -5.89 12.89 0.92
CA ASP A 57 -4.49 13.33 1.05
C ASP A 57 -4.30 14.70 0.41
N ASN A 58 -3.36 15.49 0.93
CA ASN A 58 -3.09 16.82 0.38
C ASN A 58 -1.85 16.83 -0.54
N SER A 59 -2.01 16.28 -1.75
CA SER A 59 -0.93 16.31 -2.75
C SER A 59 -1.40 16.95 -4.07
N PRO A 60 -0.49 17.60 -4.81
CA PRO A 60 -0.80 18.14 -6.15
C PRO A 60 -1.08 17.03 -7.17
N ASP A 61 -0.55 15.84 -6.90
CA ASP A 61 -0.75 14.67 -7.75
C ASP A 61 -2.19 14.12 -7.63
N GLN A 62 -2.59 13.78 -6.41
CA GLN A 62 -3.91 13.20 -6.13
C GLN A 62 -4.11 11.83 -6.82
N VAL A 63 -3.02 11.26 -7.35
CA VAL A 63 -3.06 9.95 -8.01
C VAL A 63 -3.61 8.87 -7.07
N GLY A 64 -3.28 8.99 -5.79
CA GLY A 64 -3.79 8.07 -4.78
C GLY A 64 -5.32 8.03 -4.72
N VAL A 65 -5.93 9.22 -4.69
CA VAL A 65 -7.39 9.35 -4.72
C VAL A 65 -7.98 8.69 -5.98
N LYS A 66 -7.32 8.91 -7.13
CA LYS A 66 -7.75 8.33 -8.41
C LYS A 66 -7.62 6.80 -8.43
N MET A 67 -6.66 6.26 -7.68
CA MET A 67 -6.48 4.80 -7.59
C MET A 67 -7.74 4.11 -7.05
N GLY A 68 -8.36 4.70 -6.03
CA GLY A 68 -9.56 4.12 -5.44
C GLY A 68 -9.28 2.87 -4.61
N TRP A 69 -10.15 1.86 -4.73
CA TRP A 69 -10.00 0.62 -3.96
C TRP A 69 -9.00 -0.34 -4.64
N LYS A 70 -8.05 -0.84 -3.86
CA LYS A 70 -7.05 -1.81 -4.34
C LYS A 70 -6.98 -3.02 -3.41
N SER A 71 -6.67 -4.21 -3.94
CA SER A 71 -6.61 -5.44 -3.11
C SER A 71 -6.13 -6.67 -3.88
N LYS A 72 -5.36 -6.50 -4.95
CA LYS A 72 -4.86 -7.65 -5.72
C LYS A 72 -3.32 -7.68 -5.74
N ALA A 73 -2.76 -8.88 -5.72
CA ALA A 73 -1.30 -9.06 -5.74
C ALA A 73 -0.68 -8.42 -7.00
N GLY A 74 -0.20 -7.20 -6.85
CA GLY A 74 0.35 -6.45 -7.99
C GLY A 74 0.05 -4.96 -7.91
N ASP A 75 -1.04 -4.60 -7.23
CA ASP A 75 -1.41 -3.19 -7.05
C ASP A 75 -0.37 -2.42 -6.23
N THR A 76 -0.02 -1.22 -6.69
CA THR A 76 0.94 -0.35 -5.99
C THR A 76 0.49 1.11 -5.98
N ILE A 77 0.72 1.80 -4.87
CA ILE A 77 0.35 3.21 -4.71
C ILE A 77 1.60 4.10 -4.58
N VAL A 78 1.66 5.18 -5.35
CA VAL A 78 2.82 6.08 -5.33
C VAL A 78 2.43 7.54 -5.00
N CYS A 79 2.99 8.06 -3.90
CA CYS A 79 2.79 9.48 -3.53
C CYS A 79 4.14 10.20 -3.43
N LEU A 80 4.61 10.76 -4.54
CA LEU A 80 5.94 11.40 -4.62
C LEU A 80 6.10 12.57 -3.61
N PRO A 81 5.19 13.58 -3.62
CA PRO A 81 5.34 14.76 -2.74
C PRO A 81 5.29 14.39 -1.24
N HIS A 82 4.74 13.23 -0.93
CA HIS A 82 4.62 12.77 0.46
C HIS A 82 5.67 11.69 0.80
N LYS A 83 6.43 11.25 -0.22
CA LYS A 83 7.46 10.21 -0.06
C LYS A 83 6.87 8.90 0.47
N VAL A 84 5.63 8.60 0.07
CA VAL A 84 4.93 7.38 0.51
C VAL A 84 4.79 6.38 -0.65
N PHE A 85 5.11 5.11 -0.39
CA PHE A 85 4.96 4.04 -1.38
C PHE A 85 4.28 2.82 -0.75
N VAL A 86 3.32 2.22 -1.47
CA VAL A 86 2.59 1.05 -0.97
C VAL A 86 2.51 -0.05 -2.05
N GLU A 87 2.68 -1.31 -1.65
CA GLU A 87 2.50 -2.44 -2.57
C GLU A 87 1.50 -3.46 -1.99
N ILE A 88 0.86 -4.22 -2.86
CA ILE A 88 -0.03 -5.31 -2.44
C ILE A 88 0.48 -6.67 -2.95
N LYS A 89 0.71 -7.60 -2.02
CA LYS A 89 1.28 -8.90 -2.35
C LYS A 89 0.62 -10.03 -1.53
N SER A 90 0.58 -11.23 -2.08
CA SER A 90 -0.08 -12.37 -1.42
C SER A 90 0.74 -12.89 -0.24
N THR A 91 0.04 -13.43 0.77
CA THR A 91 0.70 -14.01 1.96
C THR A 91 1.43 -15.33 1.62
N GLN A 92 1.03 -15.96 0.53
CA GLN A 92 1.69 -17.18 0.06
C GLN A 92 2.88 -16.84 -0.87
N LYS A 93 3.43 -17.85 -1.54
CA LYS A 93 4.52 -17.61 -2.49
C LYS A 93 4.06 -16.72 -3.66
N ASP A 94 4.65 -15.54 -3.74
CA ASP A 94 4.25 -14.52 -4.72
C ASP A 94 5.30 -14.40 -5.84
N SER A 95 4.92 -13.75 -6.94
CA SER A 95 5.83 -13.50 -8.07
C SER A 95 6.69 -12.25 -7.85
N LYS A 96 7.03 -11.96 -6.60
CA LYS A 96 7.88 -10.80 -6.26
C LYS A 96 9.37 -11.19 -6.28
N ASP A 97 10.24 -10.18 -6.38
CA ASP A 97 11.69 -10.38 -6.40
C ASP A 97 12.28 -10.50 -4.97
N PRO A 98 13.34 -11.30 -4.79
CA PRO A 98 13.95 -11.52 -3.46
C PRO A 98 14.99 -10.46 -3.07
N ASP A 99 15.08 -9.37 -3.84
CA ASP A 99 16.06 -8.31 -3.58
C ASP A 99 15.58 -7.33 -2.50
N THR A 100 14.58 -7.72 -1.71
CA THR A 100 14.02 -6.86 -0.66
C THR A 100 14.35 -7.37 0.75
N ASP A 101 14.38 -6.44 1.72
CA ASP A 101 14.53 -6.76 3.15
C ASP A 101 15.95 -7.26 3.50
N LEU A 102 16.75 -6.37 4.08
CA LEU A 102 18.11 -6.69 4.55
C LEU A 102 18.67 -5.55 5.42
N ILE A 103 19.93 -5.69 5.85
CA ILE A 103 20.58 -4.63 6.65
C ILE A 103 20.80 -3.36 5.81
N VAL A 104 19.98 -2.34 6.06
CA VAL A 104 20.08 -1.07 5.34
C VAL A 104 21.36 -0.29 5.72
N PRO A 105 22.13 0.20 4.71
CA PRO A 105 23.35 1.00 4.97
C PRO A 105 23.03 2.39 5.55
N ASN A 106 23.33 2.57 6.84
CA ASN A 106 23.12 3.87 7.49
C ASN A 106 24.14 4.91 6.97
N LEU A 107 23.80 5.57 5.87
CA LEU A 107 24.67 6.59 5.26
C LEU A 107 24.83 7.81 6.19
N GLU A 108 26.05 8.35 6.24
CA GLU A 108 26.33 9.54 7.05
C GLU A 108 25.69 10.80 6.46
N HIS A 109 24.39 10.98 6.72
CA HIS A 109 23.68 12.19 6.29
C HIS A 109 22.85 12.76 7.45
N HIS A 110 23.16 13.99 7.84
CA HIS A 110 22.52 14.62 9.00
C HIS A 110 21.06 15.01 8.73
N HIS A 111 20.13 14.40 9.45
CA HIS A 111 18.72 14.77 9.41
C HIS A 111 18.00 14.38 10.72
N HIS A 112 17.63 15.40 11.50
CA HIS A 112 17.00 15.19 12.80
C HIS A 112 15.66 14.44 12.67
N HIS A 113 15.67 13.16 13.06
CA HIS A 113 14.46 12.33 13.07
C HIS A 113 13.83 12.28 14.47
N HIS A 114 12.63 12.82 14.60
CA HIS A 114 11.92 12.84 15.89
C HIS A 114 11.16 11.53 16.14
N MET A 1 -17.81 -19.05 6.82
CA MET A 1 -16.52 -18.91 7.55
C MET A 1 -15.32 -19.33 6.70
N LYS A 2 -15.53 -19.50 5.39
CA LYS A 2 -14.45 -19.90 4.48
C LYS A 2 -13.57 -18.69 4.13
N ASN A 3 -12.42 -18.59 4.80
CA ASN A 3 -11.45 -17.51 4.53
C ASN A 3 -10.81 -17.68 3.14
N THR A 4 -10.44 -16.57 2.52
CA THR A 4 -9.77 -16.59 1.20
C THR A 4 -8.43 -17.34 1.28
N GLY A 5 -8.23 -18.31 0.40
CA GLY A 5 -6.98 -19.05 0.38
C GLY A 5 -5.80 -18.20 -0.10
N ASP A 6 -6.04 -17.44 -1.16
CA ASP A 6 -5.02 -16.54 -1.71
C ASP A 6 -4.94 -15.25 -0.87
N GLU A 7 -4.12 -15.29 0.17
CA GLU A 7 -4.03 -14.18 1.12
C GLU A 7 -3.12 -13.05 0.59
N VAL A 8 -3.57 -11.81 0.75
CA VAL A 8 -2.81 -10.64 0.33
C VAL A 8 -2.61 -9.64 1.47
N VAL A 9 -1.41 -9.07 1.56
CA VAL A 9 -1.07 -8.11 2.62
C VAL A 9 -0.63 -6.77 2.02
N ALA A 10 -1.08 -5.66 2.62
CA ALA A 10 -0.72 -4.32 2.16
C ALA A 10 0.47 -3.75 2.97
N ILE A 11 1.60 -3.58 2.30
CA ILE A 11 2.81 -3.04 2.93
C ILE A 11 2.91 -1.52 2.70
N ILE A 12 2.83 -0.73 3.77
CA ILE A 12 2.90 0.74 3.67
C ILE A 12 4.32 1.26 3.95
N SER A 13 4.95 1.83 2.94
CA SER A 13 6.30 2.41 3.07
C SER A 13 6.29 3.93 2.88
N GLN A 14 6.99 4.65 3.76
CA GLN A 14 7.10 6.11 3.66
C GLN A 14 8.57 6.56 3.67
N ASN A 15 8.94 7.42 2.73
CA ASN A 15 10.30 7.99 2.67
C ASN A 15 11.39 6.91 2.60
N GLY A 16 11.04 5.75 2.04
CA GLY A 16 12.02 4.67 1.86
C GLY A 16 12.12 3.72 3.05
N LYS A 17 11.08 3.66 3.88
CA LYS A 17 11.03 2.70 5.00
C LYS A 17 9.59 2.22 5.28
N VAL A 18 9.43 0.95 5.58
CA VAL A 18 8.12 0.39 5.94
C VAL A 18 7.69 0.86 7.34
N ILE A 19 6.57 1.58 7.41
CA ILE A 19 6.07 2.12 8.68
C ILE A 19 4.96 1.26 9.30
N ARG A 20 4.28 0.48 8.46
CA ARG A 20 3.20 -0.41 8.92
C ARG A 20 2.71 -1.32 7.78
N GLU A 21 2.28 -2.53 8.12
CA GLU A 21 1.71 -3.45 7.12
C GLU A 21 0.39 -4.06 7.61
N ILE A 22 -0.65 -3.95 6.78
CA ILE A 22 -2.00 -4.44 7.12
C ILE A 22 -2.42 -5.61 6.22
N PRO A 23 -2.62 -6.82 6.81
CA PRO A 23 -3.17 -7.96 6.06
C PRO A 23 -4.62 -7.72 5.61
N LEU A 24 -4.87 -7.76 4.31
CA LEU A 24 -6.20 -7.50 3.77
C LEU A 24 -7.11 -8.73 3.88
N THR A 25 -6.59 -9.88 3.46
CA THR A 25 -7.36 -11.13 3.51
C THR A 25 -7.77 -11.49 4.93
N GLY A 26 -9.06 -11.40 5.22
CA GLY A 26 -9.56 -11.71 6.55
C GLY A 26 -9.73 -10.49 7.45
N HIS A 27 -9.44 -9.31 6.93
CA HIS A 27 -9.60 -8.07 7.69
C HIS A 27 -11.09 -7.72 7.83
N LYS A 28 -11.73 -8.28 8.85
CA LYS A 28 -13.16 -8.09 9.06
C LYS A 28 -13.51 -6.67 9.55
N GLY A 29 -14.24 -5.93 8.72
CA GLY A 29 -14.67 -4.58 9.11
C GLY A 29 -13.91 -3.46 8.39
N ASN A 30 -14.06 -2.24 8.89
CA ASN A 30 -13.42 -1.06 8.31
C ASN A 30 -12.43 -0.43 9.31
N GLU A 31 -11.25 -0.05 8.83
CA GLU A 31 -10.21 0.52 9.70
C GLU A 31 -9.38 1.59 8.96
N GLN A 32 -9.24 2.76 9.59
CA GLN A 32 -8.52 3.89 8.97
C GLN A 32 -7.33 4.34 9.83
N PHE A 33 -6.27 4.82 9.19
CA PHE A 33 -5.10 5.36 9.90
C PHE A 33 -4.44 6.49 9.10
N THR A 34 -3.93 7.51 9.80
CA THR A 34 -3.33 8.69 9.16
C THR A 34 -1.80 8.66 9.22
N ILE A 35 -1.15 8.79 8.06
CA ILE A 35 0.30 8.89 7.99
C ILE A 35 0.75 10.35 8.05
N LYS A 36 1.76 10.63 8.89
CA LYS A 36 2.30 12.00 9.03
C LYS A 36 3.61 12.16 8.26
N GLY A 37 3.67 13.17 7.39
CA GLY A 37 4.83 13.39 6.56
C GLY A 37 5.59 14.68 6.88
N LYS A 38 6.46 15.10 5.96
CA LYS A 38 7.27 16.31 6.14
C LYS A 38 6.41 17.56 6.32
N GLY A 39 6.47 18.15 7.52
CA GLY A 39 5.71 19.37 7.80
C GLY A 39 4.21 19.12 8.01
N ALA A 40 3.39 19.82 7.24
CA ALA A 40 1.92 19.70 7.36
C ALA A 40 1.33 18.62 6.44
N GLN A 41 2.22 17.82 5.84
CA GLN A 41 1.79 16.72 4.95
C GLN A 41 1.21 15.54 5.75
N TYR A 42 0.05 15.03 5.31
CA TYR A 42 -0.54 13.83 5.91
C TYR A 42 -1.08 12.88 4.84
N ASN A 43 -1.54 11.70 5.25
CA ASN A 43 -2.14 10.74 4.31
C ASN A 43 -3.16 9.84 5.02
N LEU A 44 -4.44 10.02 4.73
CA LEU A 44 -5.51 9.23 5.35
C LEU A 44 -5.74 7.91 4.59
N MET A 45 -5.27 6.81 5.16
CA MET A 45 -5.42 5.49 4.54
C MET A 45 -6.64 4.76 5.09
N GLU A 46 -7.43 4.13 4.22
CA GLU A 46 -8.63 3.40 4.62
C GLU A 46 -8.61 1.93 4.16
N VAL A 47 -8.82 1.03 5.10
CA VAL A 47 -8.91 -0.41 4.80
C VAL A 47 -10.34 -0.92 5.04
N ASP A 48 -11.06 -1.22 3.96
CA ASP A 48 -12.43 -1.71 4.06
C ASP A 48 -12.52 -3.17 3.59
N GLY A 49 -12.79 -4.08 4.52
CA GLY A 49 -12.83 -5.51 4.20
C GLY A 49 -11.48 -6.03 3.73
N GLU A 50 -11.43 -6.57 2.51
CA GLU A 50 -10.19 -7.15 1.97
C GLU A 50 -9.57 -6.24 0.88
N ARG A 51 -9.86 -4.95 0.95
CA ARG A 51 -9.31 -3.97 -0.01
C ARG A 51 -8.93 -2.65 0.69
N ILE A 52 -7.86 -2.02 0.20
CA ILE A 52 -7.33 -0.78 0.81
C ILE A 52 -7.26 0.37 -0.23
N ARG A 53 -7.32 1.61 0.25
CA ARG A 53 -7.22 2.79 -0.61
C ARG A 53 -6.77 4.04 0.18
N ILE A 54 -6.42 5.10 -0.54
CA ILE A 54 -6.21 6.42 0.07
C ILE A 54 -7.53 7.21 0.05
N LYS A 55 -7.97 7.65 1.22
CA LYS A 55 -9.29 8.27 1.35
C LYS A 55 -9.24 9.80 1.23
N GLU A 56 -8.15 10.40 1.71
CA GLU A 56 -7.99 11.86 1.70
C GLU A 56 -6.54 12.27 2.05
N ASP A 57 -6.00 13.27 1.35
CA ASP A 57 -4.67 13.80 1.66
C ASP A 57 -4.47 15.20 1.07
N ASN A 58 -3.48 15.93 1.58
CA ASN A 58 -3.19 17.28 1.09
C ASN A 58 -2.06 17.28 0.04
N SER A 59 -2.36 16.81 -1.16
CA SER A 59 -1.40 16.86 -2.28
C SER A 59 -2.02 17.56 -3.50
N PRO A 60 -1.20 18.25 -4.32
CA PRO A 60 -1.68 18.95 -5.53
C PRO A 60 -2.01 17.97 -6.68
N ASP A 61 -1.76 16.69 -6.45
CA ASP A 61 -2.01 15.64 -7.45
C ASP A 61 -3.18 14.74 -7.06
N GLN A 62 -3.22 14.32 -5.79
CA GLN A 62 -4.26 13.41 -5.28
C GLN A 62 -4.19 12.04 -5.98
N VAL A 63 -2.97 11.64 -6.38
CA VAL A 63 -2.76 10.38 -7.12
C VAL A 63 -3.40 9.18 -6.41
N GLY A 64 -3.24 9.12 -5.09
CA GLY A 64 -3.87 8.05 -4.31
C GLY A 64 -5.38 7.97 -4.52
N VAL A 65 -6.03 9.12 -4.53
CA VAL A 65 -7.48 9.20 -4.75
C VAL A 65 -7.85 8.73 -6.17
N LYS A 66 -7.02 9.09 -7.15
CA LYS A 66 -7.22 8.66 -8.55
C LYS A 66 -7.06 7.13 -8.69
N MET A 67 -6.06 6.58 -8.01
CA MET A 67 -5.77 5.13 -8.09
C MET A 67 -6.97 4.27 -7.68
N GLY A 68 -7.64 4.64 -6.59
CA GLY A 68 -8.81 3.89 -6.13
C GLY A 68 -8.45 2.63 -5.33
N TRP A 69 -9.41 1.70 -5.22
CA TRP A 69 -9.25 0.51 -4.38
C TRP A 69 -8.16 -0.46 -4.92
N LYS A 70 -7.48 -1.13 -4.00
CA LYS A 70 -6.45 -2.14 -4.34
C LYS A 70 -6.63 -3.39 -3.47
N SER A 71 -6.43 -4.58 -4.06
CA SER A 71 -6.65 -5.83 -3.31
C SER A 71 -6.04 -7.07 -4.01
N LYS A 72 -5.23 -6.86 -5.04
CA LYS A 72 -4.65 -7.98 -5.79
C LYS A 72 -3.12 -8.05 -5.63
N ALA A 73 -2.57 -9.26 -5.78
CA ALA A 73 -1.12 -9.47 -5.65
C ALA A 73 -0.36 -8.81 -6.80
N GLY A 74 0.04 -7.56 -6.59
CA GLY A 74 0.68 -6.79 -7.64
C GLY A 74 0.26 -5.32 -7.61
N ASP A 75 -0.89 -5.05 -7.01
CA ASP A 75 -1.41 -3.68 -6.88
C ASP A 75 -0.47 -2.81 -6.01
N THR A 76 -0.32 -1.54 -6.38
CA THR A 76 0.51 -0.59 -5.63
C THR A 76 -0.11 0.82 -5.64
N ILE A 77 0.33 1.65 -4.69
CA ILE A 77 -0.10 3.05 -4.59
C ILE A 77 1.13 3.97 -4.51
N VAL A 78 1.34 4.80 -5.54
CA VAL A 78 2.50 5.70 -5.57
C VAL A 78 2.07 7.17 -5.37
N CYS A 79 2.51 7.78 -4.27
CA CYS A 79 2.24 9.20 -3.99
C CYS A 79 3.55 9.98 -3.78
N LEU A 80 4.14 10.48 -4.87
CA LEU A 80 5.43 11.18 -4.81
C LEU A 80 5.38 12.47 -3.96
N PRO A 81 4.35 13.34 -4.11
CA PRO A 81 4.24 14.58 -3.31
C PRO A 81 4.31 14.34 -1.78
N HIS A 82 3.94 13.13 -1.34
CA HIS A 82 4.00 12.78 0.09
C HIS A 82 5.06 11.70 0.38
N LYS A 83 5.73 11.24 -0.67
CA LYS A 83 6.79 10.22 -0.55
C LYS A 83 6.24 8.91 0.06
N VAL A 84 4.98 8.60 -0.25
CA VAL A 84 4.33 7.38 0.26
C VAL A 84 4.20 6.31 -0.86
N PHE A 85 4.53 5.06 -0.52
CA PHE A 85 4.44 3.94 -1.46
C PHE A 85 3.87 2.69 -0.76
N VAL A 86 2.70 2.23 -1.22
CA VAL A 86 2.07 1.04 -0.66
C VAL A 86 2.02 -0.10 -1.70
N GLU A 87 2.53 -1.28 -1.34
CA GLU A 87 2.52 -2.43 -2.25
C GLU A 87 1.74 -3.62 -1.64
N ILE A 88 0.92 -4.27 -2.45
CA ILE A 88 0.18 -5.46 -2.01
C ILE A 88 0.81 -6.75 -2.53
N LYS A 89 1.21 -7.62 -1.63
CA LYS A 89 1.85 -8.90 -1.97
C LYS A 89 1.09 -10.08 -1.35
N SER A 90 1.07 -11.21 -2.05
CA SER A 90 0.35 -12.40 -1.57
C SER A 90 1.24 -13.33 -0.75
N THR A 91 0.63 -14.05 0.19
CA THR A 91 1.33 -15.08 0.98
C THR A 91 1.46 -16.38 0.17
N GLN A 92 0.70 -16.48 -0.93
CA GLN A 92 0.77 -17.64 -1.82
C GLN A 92 1.85 -17.45 -2.90
N LYS A 93 2.65 -18.49 -3.11
CA LYS A 93 3.75 -18.44 -4.08
C LYS A 93 3.28 -18.15 -5.53
N ASP A 94 4.16 -17.53 -6.31
CA ASP A 94 3.87 -17.16 -7.70
C ASP A 94 4.25 -18.29 -8.69
N SER A 95 4.06 -18.02 -9.99
CA SER A 95 4.41 -18.99 -11.05
C SER A 95 4.44 -18.32 -12.43
N LYS A 96 4.99 -19.03 -13.42
CA LYS A 96 5.11 -18.50 -14.79
C LYS A 96 5.06 -19.62 -15.83
N ASP A 97 4.79 -19.26 -17.09
CA ASP A 97 4.77 -20.23 -18.19
C ASP A 97 6.11 -20.30 -18.93
N PRO A 98 6.82 -21.45 -18.88
CA PRO A 98 8.01 -21.69 -19.70
C PRO A 98 7.66 -21.76 -21.20
N ASP A 99 6.41 -22.11 -21.49
CA ASP A 99 5.91 -22.18 -22.86
C ASP A 99 5.74 -20.78 -23.47
N THR A 100 6.78 -20.30 -24.13
CA THR A 100 6.75 -18.99 -24.80
C THR A 100 6.05 -19.07 -26.16
N ASP A 101 5.59 -17.94 -26.67
CA ASP A 101 4.94 -17.89 -27.97
C ASP A 101 5.96 -17.66 -29.10
N LEU A 102 5.96 -18.54 -30.08
CA LEU A 102 6.84 -18.40 -31.25
C LEU A 102 6.11 -17.72 -32.41
N ILE A 103 6.50 -16.48 -32.71
CA ILE A 103 5.89 -15.72 -33.81
C ILE A 103 6.88 -15.51 -34.96
N VAL A 104 6.68 -16.23 -36.06
CA VAL A 104 7.52 -16.15 -37.26
C VAL A 104 9.02 -16.38 -36.95
N PRO A 105 9.50 -17.61 -37.13
CA PRO A 105 10.93 -17.95 -37.04
C PRO A 105 11.72 -17.49 -38.28
N ASN A 106 13.03 -17.29 -38.13
CA ASN A 106 13.88 -16.82 -39.23
C ASN A 106 14.06 -17.89 -40.32
N LEU A 107 14.23 -17.44 -41.56
CA LEU A 107 14.49 -18.34 -42.69
C LEU A 107 16.01 -18.48 -42.94
N GLU A 108 16.38 -19.17 -44.01
CA GLU A 108 17.79 -19.35 -44.37
C GLU A 108 18.10 -18.77 -45.76
N HIS A 109 19.28 -19.07 -46.28
CA HIS A 109 19.69 -18.61 -47.62
C HIS A 109 19.98 -19.80 -48.55
N HIS A 110 19.03 -20.08 -49.45
CA HIS A 110 19.15 -21.24 -50.36
C HIS A 110 20.27 -21.05 -51.40
N HIS A 111 21.46 -21.52 -51.08
CA HIS A 111 22.58 -21.57 -52.02
C HIS A 111 23.06 -23.02 -52.24
N HIS A 112 22.58 -23.93 -51.39
CA HIS A 112 22.98 -25.34 -51.46
C HIS A 112 22.29 -26.09 -52.61
N HIS A 113 23.11 -26.75 -53.43
CA HIS A 113 22.61 -27.58 -54.53
C HIS A 113 23.74 -28.49 -55.05
N HIS A 114 23.50 -29.81 -55.02
CA HIS A 114 24.51 -30.81 -55.42
C HIS A 114 25.15 -30.50 -56.80
N MET A 1 -19.93 -13.62 2.80
CA MET A 1 -20.53 -13.80 1.45
C MET A 1 -19.55 -13.41 0.34
N LYS A 2 -18.43 -12.80 0.71
CA LYS A 2 -17.41 -12.38 -0.25
C LYS A 2 -16.37 -13.51 -0.44
N ASN A 3 -16.48 -14.26 -1.52
CA ASN A 3 -15.54 -15.33 -1.83
C ASN A 3 -14.19 -14.76 -2.31
N THR A 4 -13.35 -14.38 -1.35
CA THR A 4 -12.03 -13.80 -1.63
C THR A 4 -11.12 -14.79 -2.38
N GLY A 5 -10.47 -14.30 -3.43
CA GLY A 5 -9.64 -15.15 -4.27
C GLY A 5 -8.40 -15.70 -3.57
N ASP A 6 -7.62 -14.83 -2.94
CA ASP A 6 -6.35 -15.22 -2.32
C ASP A 6 -6.03 -14.35 -1.08
N GLU A 7 -5.11 -14.84 -0.24
CA GLU A 7 -4.70 -14.10 0.96
C GLU A 7 -3.50 -13.18 0.70
N VAL A 8 -3.77 -11.87 0.66
CA VAL A 8 -2.74 -10.86 0.36
C VAL A 8 -2.57 -9.85 1.51
N VAL A 9 -1.38 -9.26 1.59
CA VAL A 9 -1.08 -8.24 2.60
C VAL A 9 -0.63 -6.92 1.94
N ALA A 10 -0.95 -5.79 2.57
CA ALA A 10 -0.59 -4.46 2.05
C ALA A 10 0.52 -3.81 2.90
N ILE A 11 1.66 -3.55 2.28
CA ILE A 11 2.80 -2.92 2.97
C ILE A 11 2.89 -1.42 2.63
N ILE A 12 2.84 -0.57 3.65
CA ILE A 12 2.95 0.89 3.46
C ILE A 12 4.32 1.40 3.96
N SER A 13 5.14 1.89 3.03
CA SER A 13 6.47 2.42 3.36
C SER A 13 6.60 3.89 2.94
N GLN A 14 7.17 4.71 3.82
CA GLN A 14 7.37 6.14 3.53
C GLN A 14 8.86 6.51 3.58
N ASN A 15 9.31 7.33 2.63
CA ASN A 15 10.73 7.72 2.52
C ASN A 15 11.65 6.50 2.30
N GLY A 16 11.07 5.38 1.90
CA GLY A 16 11.84 4.17 1.66
C GLY A 16 11.90 3.22 2.86
N LYS A 17 11.20 3.56 3.94
CA LYS A 17 11.16 2.71 5.15
C LYS A 17 9.71 2.37 5.53
N VAL A 18 9.50 1.12 5.96
CA VAL A 18 8.16 0.64 6.33
C VAL A 18 7.61 1.39 7.56
N ILE A 19 6.39 1.91 7.44
CA ILE A 19 5.73 2.61 8.54
C ILE A 19 4.50 1.83 9.07
N ARG A 20 3.83 1.10 8.18
CA ARG A 20 2.65 0.32 8.56
C ARG A 20 2.38 -0.82 7.56
N GLU A 21 1.89 -1.95 8.06
CA GLU A 21 1.52 -3.09 7.20
C GLU A 21 0.20 -3.72 7.68
N ILE A 22 -0.73 -3.95 6.74
CA ILE A 22 -2.05 -4.51 7.08
C ILE A 22 -2.36 -5.75 6.25
N PRO A 23 -2.58 -6.92 6.91
CA PRO A 23 -3.05 -8.12 6.22
C PRO A 23 -4.51 -7.96 5.74
N LEU A 24 -4.68 -7.70 4.44
CA LEU A 24 -5.99 -7.38 3.87
C LEU A 24 -6.98 -8.54 4.02
N THR A 25 -6.67 -9.68 3.40
CA THR A 25 -7.57 -10.85 3.44
C THR A 25 -7.83 -11.31 4.88
N GLY A 26 -9.10 -11.51 5.21
CA GLY A 26 -9.49 -11.85 6.58
C GLY A 26 -9.83 -10.62 7.41
N HIS A 27 -9.15 -9.51 7.13
CA HIS A 27 -9.38 -8.25 7.86
C HIS A 27 -10.70 -7.60 7.42
N LYS A 28 -11.78 -8.03 8.05
CA LYS A 28 -13.13 -7.57 7.70
C LYS A 28 -13.49 -6.27 8.42
N GLY A 29 -14.58 -5.63 7.99
CA GLY A 29 -14.99 -4.36 8.59
C GLY A 29 -14.13 -3.18 8.11
N ASN A 30 -14.18 -2.07 8.85
CA ASN A 30 -13.46 -0.86 8.46
C ASN A 30 -12.39 -0.46 9.50
N GLU A 31 -11.29 0.11 9.01
CA GLU A 31 -10.20 0.56 9.87
C GLU A 31 -9.31 1.56 9.11
N GLN A 32 -9.26 2.80 9.60
CA GLN A 32 -8.49 3.87 8.95
C GLN A 32 -7.31 4.33 9.83
N PHE A 33 -6.19 4.69 9.19
CA PHE A 33 -5.03 5.22 9.93
C PHE A 33 -4.40 6.41 9.20
N THR A 34 -3.99 7.42 9.98
CA THR A 34 -3.46 8.67 9.43
C THR A 34 -1.92 8.70 9.43
N ILE A 35 -1.34 8.87 8.25
CA ILE A 35 0.11 8.95 8.09
C ILE A 35 0.60 10.40 8.16
N LYS A 36 1.53 10.69 9.09
CA LYS A 36 2.13 12.03 9.20
C LYS A 36 3.54 12.06 8.60
N GLY A 37 3.77 12.97 7.65
CA GLY A 37 5.08 13.06 7.00
C GLY A 37 5.73 14.44 7.11
N LYS A 38 6.41 14.85 6.05
CA LYS A 38 7.14 16.13 6.03
C LYS A 38 6.21 17.33 6.24
N GLY A 39 6.29 17.93 7.42
CA GLY A 39 5.47 19.11 7.74
C GLY A 39 3.98 18.80 7.85
N ALA A 40 3.19 19.40 6.95
CA ALA A 40 1.73 19.23 6.95
C ALA A 40 1.29 18.11 5.99
N GLN A 41 2.25 17.40 5.41
CA GLN A 41 1.96 16.32 4.46
C GLN A 41 1.43 15.06 5.18
N TYR A 42 0.15 14.74 4.98
CA TYR A 42 -0.45 13.56 5.60
C TYR A 42 -1.14 12.66 4.55
N ASN A 43 -1.44 11.42 4.95
CA ASN A 43 -2.17 10.48 4.09
C ASN A 43 -3.19 9.67 4.89
N LEU A 44 -4.45 9.72 4.47
CA LEU A 44 -5.52 8.96 5.15
C LEU A 44 -5.78 7.63 4.43
N MET A 45 -5.30 6.54 5.01
CA MET A 45 -5.47 5.21 4.42
C MET A 45 -6.71 4.50 5.00
N GLU A 46 -7.58 3.99 4.13
CA GLU A 46 -8.81 3.31 4.56
C GLU A 46 -8.81 1.82 4.18
N VAL A 47 -8.88 0.96 5.18
CA VAL A 47 -9.07 -0.48 4.96
C VAL A 47 -10.52 -0.87 5.29
N ASP A 48 -11.27 -1.30 4.28
CA ASP A 48 -12.69 -1.64 4.48
C ASP A 48 -13.07 -2.98 3.82
N GLY A 49 -12.99 -4.05 4.60
CA GLY A 49 -13.40 -5.37 4.11
C GLY A 49 -12.42 -6.00 3.12
N GLU A 50 -11.23 -6.36 3.61
CA GLU A 50 -10.22 -7.08 2.81
C GLU A 50 -9.76 -6.27 1.57
N ARG A 51 -9.85 -4.95 1.65
CA ARG A 51 -9.42 -4.05 0.58
C ARG A 51 -8.92 -2.72 1.15
N ILE A 52 -7.98 -2.06 0.48
CA ILE A 52 -7.39 -0.81 0.99
C ILE A 52 -7.29 0.28 -0.10
N ARG A 53 -7.34 1.54 0.33
CA ARG A 53 -7.18 2.68 -0.59
C ARG A 53 -6.72 3.95 0.17
N ILE A 54 -6.31 4.97 -0.59
CA ILE A 54 -6.06 6.30 -0.02
C ILE A 54 -7.34 7.15 -0.13
N LYS A 55 -7.97 7.42 1.01
CA LYS A 55 -9.27 8.12 1.02
C LYS A 55 -9.10 9.64 1.00
N GLU A 56 -8.10 10.14 1.74
CA GLU A 56 -7.82 11.58 1.79
C GLU A 56 -6.29 11.83 1.75
N ASP A 57 -5.89 12.93 1.14
CA ASP A 57 -4.48 13.25 0.92
C ASP A 57 -4.32 14.71 0.45
N ASN A 58 -3.29 15.40 0.93
CA ASN A 58 -3.06 16.81 0.57
C ASN A 58 -1.88 16.98 -0.40
N SER A 59 -1.72 16.05 -1.34
CA SER A 59 -0.73 16.20 -2.41
C SER A 59 -1.31 17.04 -3.56
N PRO A 60 -0.53 17.96 -4.15
CA PRO A 60 -1.00 18.81 -5.25
C PRO A 60 -1.52 18.00 -6.46
N ASP A 61 -1.02 16.78 -6.61
CA ASP A 61 -1.45 15.88 -7.68
C ASP A 61 -2.71 15.10 -7.31
N GLN A 62 -2.87 14.78 -6.01
CA GLN A 62 -4.05 14.06 -5.51
C GLN A 62 -4.24 12.67 -6.15
N VAL A 63 -3.21 12.18 -6.85
CA VAL A 63 -3.28 10.91 -7.58
C VAL A 63 -3.69 9.73 -6.67
N GLY A 64 -3.14 9.70 -5.46
CA GLY A 64 -3.43 8.61 -4.53
C GLY A 64 -4.93 8.38 -4.31
N VAL A 65 -5.68 9.46 -4.16
CA VAL A 65 -7.13 9.39 -3.97
C VAL A 65 -7.84 8.90 -5.25
N LYS A 66 -7.28 9.27 -6.41
CA LYS A 66 -7.85 8.91 -7.72
C LYS A 66 -7.64 7.42 -8.05
N MET A 67 -6.57 6.83 -7.52
CA MET A 67 -6.22 5.42 -7.80
C MET A 67 -7.40 4.47 -7.53
N GLY A 68 -8.06 4.62 -6.39
CA GLY A 68 -9.22 3.80 -6.06
C GLY A 68 -8.89 2.63 -5.12
N TRP A 69 -9.80 1.65 -5.05
CA TRP A 69 -9.61 0.48 -4.18
C TRP A 69 -8.61 -0.53 -4.78
N LYS A 70 -7.76 -1.09 -3.92
CA LYS A 70 -6.80 -2.14 -4.34
C LYS A 70 -6.93 -3.37 -3.43
N SER A 71 -6.71 -4.57 -4.00
CA SER A 71 -6.89 -5.82 -3.23
C SER A 71 -6.41 -7.06 -4.00
N LYS A 72 -5.46 -6.88 -4.92
CA LYS A 72 -4.90 -7.98 -5.70
C LYS A 72 -3.36 -8.04 -5.57
N ALA A 73 -2.81 -9.26 -5.61
CA ALA A 73 -1.35 -9.46 -5.53
C ALA A 73 -0.63 -8.78 -6.69
N GLY A 74 -0.13 -7.57 -6.45
CA GLY A 74 0.52 -6.79 -7.50
C GLY A 74 0.14 -5.32 -7.48
N ASP A 75 -0.98 -5.00 -6.85
CA ASP A 75 -1.46 -3.61 -6.75
C ASP A 75 -0.48 -2.75 -5.93
N THR A 76 0.06 -1.70 -6.56
CA THR A 76 0.96 -0.77 -5.89
C THR A 76 0.52 0.68 -6.09
N ILE A 77 0.68 1.50 -5.05
CA ILE A 77 0.30 2.92 -5.09
C ILE A 77 1.51 3.80 -4.76
N VAL A 78 1.80 4.78 -5.64
CA VAL A 78 2.94 5.68 -5.44
C VAL A 78 2.49 7.15 -5.33
N CYS A 79 2.77 7.77 -4.19
CA CYS A 79 2.51 9.21 -4.01
C CYS A 79 3.82 9.96 -3.76
N LEU A 80 4.47 10.39 -4.86
CA LEU A 80 5.78 11.05 -4.78
C LEU A 80 5.81 12.27 -3.83
N PRO A 81 4.86 13.24 -3.96
CA PRO A 81 4.84 14.45 -3.11
C PRO A 81 4.94 14.14 -1.60
N HIS A 82 4.36 13.04 -1.17
CA HIS A 82 4.41 12.64 0.25
C HIS A 82 5.42 11.50 0.49
N LYS A 83 6.03 10.99 -0.58
CA LYS A 83 7.01 9.90 -0.50
C LYS A 83 6.42 8.62 0.13
N VAL A 84 5.14 8.38 -0.13
CA VAL A 84 4.45 7.18 0.37
C VAL A 84 4.33 6.11 -0.74
N PHE A 85 4.66 4.87 -0.39
CA PHE A 85 4.61 3.74 -1.33
C PHE A 85 3.85 2.56 -0.71
N VAL A 86 2.83 2.07 -1.40
CA VAL A 86 2.04 0.93 -0.92
C VAL A 86 2.14 -0.26 -1.89
N GLU A 87 2.54 -1.43 -1.38
CA GLU A 87 2.63 -2.65 -2.21
C GLU A 87 1.76 -3.77 -1.64
N ILE A 88 0.81 -4.26 -2.45
CA ILE A 88 -0.02 -5.42 -2.06
C ILE A 88 0.56 -6.72 -2.63
N LYS A 89 0.93 -7.63 -1.75
CA LYS A 89 1.64 -8.85 -2.16
C LYS A 89 0.98 -10.11 -1.56
N SER A 90 1.09 -11.23 -2.28
CA SER A 90 0.48 -12.50 -1.88
C SER A 90 1.27 -13.21 -0.77
N THR A 91 0.57 -13.96 0.06
CA THR A 91 1.20 -14.79 1.09
C THR A 91 1.64 -16.15 0.53
N GLN A 92 1.39 -16.37 -0.77
CA GLN A 92 1.83 -17.59 -1.45
C GLN A 92 3.24 -17.45 -2.03
N LYS A 93 3.69 -18.50 -2.71
CA LYS A 93 4.95 -18.46 -3.47
C LYS A 93 4.74 -19.09 -4.85
N ASP A 94 5.42 -18.57 -5.86
CA ASP A 94 5.21 -19.02 -7.24
C ASP A 94 6.53 -19.07 -8.02
N SER A 95 6.91 -20.26 -8.48
CA SER A 95 8.15 -20.43 -9.24
C SER A 95 7.90 -21.25 -10.52
N LYS A 96 7.71 -20.54 -11.64
CA LYS A 96 7.45 -21.19 -12.93
C LYS A 96 8.71 -21.13 -13.82
N ASP A 97 9.45 -22.24 -13.83
CA ASP A 97 10.75 -22.32 -14.52
C ASP A 97 10.59 -22.26 -16.06
N PRO A 98 11.54 -21.58 -16.76
CA PRO A 98 11.54 -21.52 -18.23
C PRO A 98 11.62 -22.91 -18.89
N ASP A 99 12.55 -23.73 -18.41
CA ASP A 99 12.71 -25.12 -18.90
C ASP A 99 11.99 -26.12 -17.97
N THR A 100 12.73 -26.72 -17.02
CA THR A 100 12.16 -27.69 -16.06
C THR A 100 13.25 -28.35 -15.21
N ASP A 101 14.44 -28.47 -15.77
CA ASP A 101 15.55 -29.15 -15.09
C ASP A 101 16.33 -28.20 -14.16
N LEU A 102 17.36 -28.74 -13.50
CA LEU A 102 18.15 -27.97 -12.53
C LEU A 102 19.55 -28.57 -12.35
N ILE A 103 20.29 -28.06 -11.36
CA ILE A 103 21.60 -28.61 -11.02
C ILE A 103 21.50 -29.59 -9.83
N VAL A 104 21.83 -30.86 -10.07
CA VAL A 104 21.67 -31.91 -9.05
C VAL A 104 22.62 -31.69 -7.85
N PRO A 105 22.07 -31.82 -6.61
CA PRO A 105 22.88 -31.68 -5.38
C PRO A 105 24.04 -32.70 -5.28
N ASN A 106 24.89 -32.52 -4.26
CA ASN A 106 26.03 -33.42 -4.03
C ASN A 106 25.61 -34.89 -3.81
N LEU A 107 26.58 -35.74 -3.48
CA LEU A 107 26.30 -37.15 -3.18
C LEU A 107 25.28 -37.29 -2.03
N GLU A 108 24.03 -37.55 -2.39
CA GLU A 108 22.94 -37.69 -1.41
C GLU A 108 22.86 -39.12 -0.86
N HIS A 109 22.48 -39.25 0.41
CA HIS A 109 22.44 -40.55 1.09
C HIS A 109 21.07 -41.25 0.94
N HIS A 110 20.04 -40.51 0.51
CA HIS A 110 18.71 -41.11 0.34
C HIS A 110 18.66 -42.07 -0.86
N HIS A 111 18.68 -43.37 -0.55
CA HIS A 111 18.61 -44.41 -1.59
C HIS A 111 17.16 -44.73 -1.95
N HIS A 112 16.67 -44.14 -3.04
CA HIS A 112 15.27 -44.30 -3.46
C HIS A 112 14.90 -45.79 -3.62
N HIS A 113 13.93 -46.23 -2.83
CA HIS A 113 13.46 -47.62 -2.87
C HIS A 113 12.93 -48.00 -4.27
N HIS A 114 13.13 -49.26 -4.66
CA HIS A 114 12.67 -49.74 -5.97
C HIS A 114 11.34 -50.51 -5.86
N MET A 1 -17.90 -15.44 8.49
CA MET A 1 -16.91 -16.55 8.32
C MET A 1 -16.79 -16.94 6.84
N LYS A 2 -15.73 -16.48 6.17
CA LYS A 2 -15.53 -16.77 4.74
C LYS A 2 -14.27 -17.63 4.51
N ASN A 3 -14.27 -18.37 3.40
CA ASN A 3 -13.09 -19.15 2.99
C ASN A 3 -12.47 -18.55 1.72
N THR A 4 -11.25 -18.05 1.85
CA THR A 4 -10.54 -17.40 0.73
C THR A 4 -9.05 -17.78 0.72
N GLY A 5 -8.53 -18.10 -0.46
CA GLY A 5 -7.17 -18.64 -0.56
C GLY A 5 -6.07 -17.58 -0.76
N ASP A 6 -6.27 -16.68 -1.72
CA ASP A 6 -5.22 -15.69 -2.06
C ASP A 6 -5.08 -14.60 -0.97
N GLU A 7 -4.33 -14.95 0.08
CA GLU A 7 -4.08 -14.02 1.19
C GLU A 7 -3.05 -12.95 0.83
N VAL A 8 -3.52 -11.72 0.63
CA VAL A 8 -2.65 -10.59 0.29
C VAL A 8 -2.57 -9.56 1.44
N VAL A 9 -1.43 -8.87 1.54
CA VAL A 9 -1.21 -7.85 2.57
C VAL A 9 -0.72 -6.52 1.96
N ALA A 10 -1.19 -5.41 2.50
CA ALA A 10 -0.78 -4.09 2.05
C ALA A 10 0.45 -3.59 2.83
N ILE A 11 1.57 -3.42 2.14
CA ILE A 11 2.81 -2.93 2.76
C ILE A 11 2.97 -1.41 2.57
N ILE A 12 2.87 -0.65 3.65
CA ILE A 12 2.99 0.81 3.59
C ILE A 12 4.39 1.28 3.98
N SER A 13 5.11 1.86 3.03
CA SER A 13 6.45 2.41 3.30
C SER A 13 6.46 3.94 3.16
N GLN A 14 7.17 4.61 4.06
CA GLN A 14 7.28 6.08 4.04
C GLN A 14 8.75 6.53 4.11
N ASN A 15 9.10 7.50 3.27
CA ASN A 15 10.47 8.08 3.26
C ASN A 15 11.57 7.03 3.04
N GLY A 16 11.18 5.81 2.67
CA GLY A 16 12.16 4.74 2.42
C GLY A 16 12.11 3.61 3.47
N LYS A 17 11.33 3.79 4.51
CA LYS A 17 11.20 2.77 5.58
C LYS A 17 9.79 2.15 5.59
N VAL A 18 9.70 0.86 5.92
CA VAL A 18 8.40 0.20 6.10
C VAL A 18 7.78 0.61 7.44
N ILE A 19 6.60 1.25 7.40
CA ILE A 19 6.00 1.80 8.62
C ILE A 19 4.76 1.01 9.11
N ARG A 20 4.15 0.21 8.24
CA ARG A 20 2.93 -0.52 8.62
C ARG A 20 2.52 -1.58 7.58
N GLU A 21 2.05 -2.74 8.07
CA GLU A 21 1.51 -3.80 7.19
C GLU A 21 0.06 -4.15 7.61
N ILE A 22 -0.85 -4.19 6.63
CA ILE A 22 -2.26 -4.57 6.92
C ILE A 22 -2.70 -5.81 6.10
N PRO A 23 -3.18 -6.87 6.78
CA PRO A 23 -3.77 -8.04 6.09
C PRO A 23 -5.15 -7.73 5.50
N LEU A 24 -5.29 -7.90 4.18
CA LEU A 24 -6.55 -7.56 3.50
C LEU A 24 -7.47 -8.79 3.37
N THR A 25 -6.99 -9.83 2.71
CA THR A 25 -7.78 -11.04 2.45
C THR A 25 -8.30 -11.68 3.74
N GLY A 26 -9.60 -11.94 3.79
CA GLY A 26 -10.22 -12.57 4.97
C GLY A 26 -10.40 -11.62 6.15
N HIS A 27 -10.02 -10.35 5.98
CA HIS A 27 -10.12 -9.35 7.04
C HIS A 27 -11.52 -8.72 7.10
N LYS A 28 -12.32 -9.10 8.09
CA LYS A 28 -13.64 -8.49 8.28
C LYS A 28 -13.53 -7.21 9.14
N GLY A 29 -14.24 -6.17 8.75
CA GLY A 29 -14.22 -4.91 9.48
C GLY A 29 -13.46 -3.79 8.75
N ASN A 30 -13.42 -2.62 9.37
CA ASN A 30 -12.76 -1.45 8.78
C ASN A 30 -11.60 -0.97 9.66
N GLU A 31 -10.49 -0.59 9.03
CA GLU A 31 -9.29 -0.12 9.74
C GLU A 31 -8.67 1.09 9.02
N GLN A 32 -8.51 2.20 9.72
CA GLN A 32 -7.99 3.43 9.11
C GLN A 32 -6.85 4.06 9.94
N PHE A 33 -5.92 4.72 9.25
CA PHE A 33 -4.77 5.36 9.91
C PHE A 33 -4.23 6.53 9.06
N THR A 34 -3.71 7.56 9.73
CA THR A 34 -3.15 8.74 9.05
C THR A 34 -1.62 8.68 8.98
N ILE A 35 -1.06 9.03 7.83
CA ILE A 35 0.40 9.05 7.63
C ILE A 35 0.91 10.49 7.39
N LYS A 36 1.49 11.10 8.43
CA LYS A 36 2.04 12.45 8.31
C LYS A 36 3.38 12.45 7.55
N GLY A 37 3.36 12.93 6.31
CA GLY A 37 4.56 12.96 5.49
C GLY A 37 5.38 14.23 5.66
N LYS A 38 5.81 14.83 4.54
CA LYS A 38 6.61 16.05 4.57
C LYS A 38 5.72 17.27 4.90
N GLY A 39 5.96 17.90 6.03
CA GLY A 39 5.15 19.05 6.46
C GLY A 39 3.73 18.66 6.88
N ALA A 40 2.74 19.44 6.43
CA ALA A 40 1.33 19.14 6.72
C ALA A 40 0.75 18.15 5.70
N GLN A 41 1.61 17.65 4.81
CA GLN A 41 1.21 16.69 3.78
C GLN A 41 0.97 15.29 4.38
N TYR A 42 -0.23 15.08 4.92
CA TYR A 42 -0.61 13.79 5.51
C TYR A 42 -1.25 12.86 4.45
N ASN A 43 -1.37 11.59 4.79
CA ASN A 43 -1.98 10.60 3.90
C ASN A 43 -2.98 9.73 4.69
N LEU A 44 -4.29 9.91 4.43
CA LEU A 44 -5.33 9.19 5.19
C LEU A 44 -5.77 7.90 4.47
N MET A 45 -5.28 6.76 4.97
CA MET A 45 -5.53 5.46 4.35
C MET A 45 -6.76 4.76 4.97
N GLU A 46 -7.54 4.09 4.12
CA GLU A 46 -8.74 3.38 4.57
C GLU A 46 -8.74 1.90 4.12
N VAL A 47 -8.77 0.99 5.08
CA VAL A 47 -8.87 -0.45 4.78
C VAL A 47 -10.29 -0.95 5.10
N ASP A 48 -11.07 -1.24 4.07
CA ASP A 48 -12.45 -1.70 4.24
C ASP A 48 -12.58 -3.18 3.84
N GLY A 49 -12.62 -4.06 4.83
CA GLY A 49 -12.68 -5.49 4.55
C GLY A 49 -11.41 -6.03 3.89
N GLU A 50 -11.51 -6.38 2.61
CA GLU A 50 -10.38 -6.96 1.85
C GLU A 50 -9.81 -5.97 0.82
N ARG A 51 -10.10 -4.68 0.99
CA ARG A 51 -9.67 -3.65 0.04
C ARG A 51 -9.13 -2.40 0.76
N ILE A 52 -8.15 -1.74 0.16
CA ILE A 52 -7.55 -0.52 0.74
C ILE A 52 -7.45 0.62 -0.29
N ARG A 53 -7.67 1.86 0.16
CA ARG A 53 -7.55 3.04 -0.70
C ARG A 53 -7.39 4.33 0.13
N ILE A 54 -7.04 5.42 -0.54
CA ILE A 54 -6.92 6.73 0.11
C ILE A 54 -8.25 7.51 0.04
N LYS A 55 -8.78 7.93 1.20
CA LYS A 55 -10.02 8.72 1.22
C LYS A 55 -9.72 10.23 1.27
N GLU A 56 -8.62 10.60 1.92
CA GLU A 56 -8.22 12.01 2.05
C GLU A 56 -6.69 12.15 1.99
N ASP A 57 -6.20 13.18 1.30
CA ASP A 57 -4.77 13.35 1.05
C ASP A 57 -4.43 14.74 0.50
N ASN A 58 -3.26 15.25 0.88
CA ASN A 58 -2.81 16.59 0.45
C ASN A 58 -1.63 16.50 -0.55
N SER A 59 -1.78 15.70 -1.60
CA SER A 59 -0.80 15.67 -2.69
C SER A 59 -1.38 16.36 -3.94
N PRO A 60 -0.72 17.40 -4.46
CA PRO A 60 -1.23 18.16 -5.63
C PRO A 60 -1.52 17.26 -6.84
N ASP A 61 -0.73 16.19 -6.96
CA ASP A 61 -0.89 15.22 -8.04
C ASP A 61 -2.15 14.35 -7.86
N GLN A 62 -2.47 14.01 -6.60
CA GLN A 62 -3.64 13.19 -6.25
C GLN A 62 -3.61 11.79 -6.92
N VAL A 63 -2.45 11.37 -7.41
CA VAL A 63 -2.31 10.05 -8.07
C VAL A 63 -2.79 8.89 -7.17
N GLY A 64 -2.29 8.85 -5.94
CA GLY A 64 -2.69 7.80 -4.99
C GLY A 64 -4.20 7.76 -4.75
N VAL A 65 -4.82 8.93 -4.67
CA VAL A 65 -6.26 9.03 -4.45
C VAL A 65 -7.05 8.50 -5.66
N LYS A 66 -6.62 8.88 -6.86
CA LYS A 66 -7.26 8.46 -8.10
C LYS A 66 -7.18 6.94 -8.32
N MET A 67 -6.14 6.31 -7.75
CA MET A 67 -5.96 4.84 -7.84
C MET A 67 -7.24 4.06 -7.45
N GLY A 68 -7.98 4.58 -6.48
CA GLY A 68 -9.21 3.94 -6.05
C GLY A 68 -8.98 2.71 -5.17
N TRP A 69 -10.00 1.85 -5.09
CA TRP A 69 -9.93 0.63 -4.25
C TRP A 69 -8.97 -0.41 -4.83
N LYS A 70 -7.89 -0.70 -4.11
CA LYS A 70 -6.94 -1.76 -4.50
C LYS A 70 -7.10 -2.98 -3.58
N SER A 71 -6.81 -4.18 -4.11
CA SER A 71 -6.98 -5.42 -3.32
C SER A 71 -6.16 -6.60 -3.86
N LYS A 72 -5.86 -6.60 -5.16
CA LYS A 72 -5.16 -7.74 -5.79
C LYS A 72 -3.64 -7.68 -5.58
N ALA A 73 -2.99 -8.83 -5.65
CA ALA A 73 -1.54 -8.92 -5.52
C ALA A 73 -0.85 -8.23 -6.70
N GLY A 74 -0.20 -7.09 -6.44
CA GLY A 74 0.40 -6.29 -7.49
C GLY A 74 -0.16 -4.88 -7.52
N ASP A 75 -1.37 -4.70 -7.00
CA ASP A 75 -1.99 -3.37 -6.90
C ASP A 75 -1.21 -2.48 -5.94
N THR A 76 -0.87 -1.27 -6.38
CA THR A 76 -0.06 -0.34 -5.58
C THR A 76 -0.68 1.05 -5.46
N ILE A 77 -0.16 1.82 -4.49
CA ILE A 77 -0.55 3.21 -4.26
C ILE A 77 0.70 4.11 -4.21
N VAL A 78 0.75 5.16 -5.02
CA VAL A 78 1.94 6.02 -5.11
C VAL A 78 1.65 7.47 -4.67
N CYS A 79 2.31 7.91 -3.61
CA CYS A 79 2.22 9.31 -3.15
C CYS A 79 3.60 9.98 -3.19
N LEU A 80 4.00 10.43 -4.38
CA LEU A 80 5.35 10.99 -4.63
C LEU A 80 5.73 12.12 -3.64
N PRO A 81 4.98 13.25 -3.58
CA PRO A 81 5.35 14.39 -2.72
C PRO A 81 5.26 14.07 -1.22
N HIS A 82 4.69 12.90 -0.89
CA HIS A 82 4.60 12.46 0.51
C HIS A 82 5.62 11.35 0.81
N LYS A 83 6.26 10.82 -0.23
CA LYS A 83 7.22 9.71 -0.11
C LYS A 83 6.58 8.46 0.51
N VAL A 84 5.26 8.32 0.31
CA VAL A 84 4.52 7.15 0.79
C VAL A 84 4.19 6.19 -0.37
N PHE A 85 4.59 4.93 -0.22
CA PHE A 85 4.36 3.92 -1.24
C PHE A 85 3.74 2.65 -0.63
N VAL A 86 2.54 2.31 -1.07
CA VAL A 86 1.84 1.12 -0.58
C VAL A 86 1.80 0.04 -1.67
N GLU A 87 2.29 -1.15 -1.36
CA GLU A 87 2.28 -2.27 -2.31
C GLU A 87 1.57 -3.51 -1.74
N ILE A 88 0.59 -4.03 -2.47
CA ILE A 88 -0.12 -5.23 -2.05
C ILE A 88 0.57 -6.50 -2.57
N LYS A 89 1.12 -7.28 -1.65
CA LYS A 89 1.82 -8.52 -2.01
C LYS A 89 1.12 -9.76 -1.42
N SER A 90 1.27 -10.89 -2.08
CA SER A 90 0.61 -12.13 -1.64
C SER A 90 1.47 -12.92 -0.64
N THR A 91 0.89 -13.22 0.53
CA THR A 91 1.55 -14.06 1.53
C THR A 91 1.71 -15.49 1.00
N GLN A 92 0.78 -15.90 0.13
CA GLN A 92 0.86 -17.18 -0.55
C GLN A 92 1.79 -17.07 -1.76
N LYS A 93 2.82 -17.94 -1.82
CA LYS A 93 3.83 -17.87 -2.90
C LYS A 93 3.21 -17.62 -4.28
N ASP A 94 3.62 -16.52 -4.91
CA ASP A 94 3.02 -16.06 -6.17
C ASP A 94 3.72 -16.64 -7.42
N SER A 95 3.18 -16.30 -8.58
CA SER A 95 3.71 -16.74 -9.87
C SER A 95 3.13 -15.89 -11.00
N LYS A 96 3.93 -14.96 -11.55
CA LYS A 96 3.45 -14.07 -12.60
C LYS A 96 4.30 -14.14 -13.87
N ASP A 97 3.71 -13.61 -14.94
CA ASP A 97 4.40 -13.35 -16.19
C ASP A 97 5.70 -12.55 -15.98
N PRO A 98 6.84 -13.06 -16.49
CA PRO A 98 8.13 -12.35 -16.40
C PRO A 98 8.29 -11.28 -17.50
N ASP A 99 7.25 -11.11 -18.31
CA ASP A 99 7.24 -10.11 -19.39
C ASP A 99 6.95 -8.71 -18.82
N THR A 100 7.90 -8.16 -18.06
CA THR A 100 7.72 -6.90 -17.36
C THR A 100 8.07 -5.69 -18.23
N ASP A 101 7.07 -5.13 -18.91
CA ASP A 101 7.22 -3.90 -19.67
C ASP A 101 6.31 -2.80 -19.08
N LEU A 102 6.76 -1.56 -19.10
CA LEU A 102 6.05 -0.48 -18.41
C LEU A 102 5.91 0.80 -19.24
N ILE A 103 4.85 1.56 -18.96
CA ILE A 103 4.65 2.88 -19.57
C ILE A 103 5.34 3.96 -18.73
N VAL A 104 6.40 4.56 -19.29
CA VAL A 104 7.20 5.55 -18.56
C VAL A 104 6.39 6.81 -18.18
N PRO A 105 6.32 7.14 -16.87
CA PRO A 105 5.67 8.36 -16.40
C PRO A 105 6.61 9.58 -16.43
N ASN A 106 6.41 10.49 -17.38
CA ASN A 106 7.25 11.68 -17.51
C ASN A 106 6.88 12.73 -16.45
N LEU A 107 7.84 13.07 -15.59
CA LEU A 107 7.61 14.06 -14.52
C LEU A 107 7.69 15.50 -15.07
N GLU A 108 6.54 16.12 -15.28
CA GLU A 108 6.47 17.48 -15.80
C GLU A 108 6.60 18.54 -14.68
N HIS A 109 7.84 18.84 -14.30
CA HIS A 109 8.10 19.82 -13.24
C HIS A 109 7.99 21.26 -13.77
N HIS A 110 6.77 21.75 -13.90
CA HIS A 110 6.51 23.09 -14.42
C HIS A 110 6.12 24.07 -13.30
N HIS A 111 6.84 25.19 -13.21
CA HIS A 111 6.55 26.24 -12.22
C HIS A 111 5.29 27.03 -12.62
N HIS A 112 4.62 27.63 -11.63
CA HIS A 112 3.35 28.32 -11.87
C HIS A 112 3.09 29.42 -10.81
N HIS A 113 3.04 30.67 -11.25
CA HIS A 113 2.69 31.81 -10.38
C HIS A 113 1.57 32.66 -11.01
N HIS A 114 1.02 33.60 -10.22
CA HIS A 114 0.02 34.55 -10.73
C HIS A 114 0.51 36.01 -10.61
N MET A 1 -20.87 -12.79 2.77
CA MET A 1 -19.40 -13.03 2.67
C MET A 1 -19.10 -14.32 1.90
N LYS A 2 -18.59 -14.19 0.68
CA LYS A 2 -18.15 -15.34 -0.11
C LYS A 2 -16.67 -15.64 0.21
N ASN A 3 -16.42 -16.83 0.77
CA ASN A 3 -15.07 -17.20 1.24
C ASN A 3 -14.00 -17.06 0.14
N THR A 4 -12.90 -16.39 0.47
CA THR A 4 -11.77 -16.23 -0.45
C THR A 4 -10.50 -16.89 0.08
N GLY A 5 -9.75 -17.53 -0.80
CA GLY A 5 -8.49 -18.16 -0.42
C GLY A 5 -7.26 -17.34 -0.84
N ASP A 6 -7.50 -16.28 -1.60
CA ASP A 6 -6.42 -15.41 -2.08
C ASP A 6 -5.99 -14.42 -0.97
N GLU A 7 -5.07 -14.84 -0.11
CA GLU A 7 -4.66 -14.03 1.03
C GLU A 7 -3.57 -13.01 0.67
N VAL A 8 -3.87 -11.73 0.87
CA VAL A 8 -2.93 -10.63 0.56
C VAL A 8 -2.78 -9.64 1.74
N VAL A 9 -1.68 -8.89 1.73
CA VAL A 9 -1.40 -7.87 2.75
C VAL A 9 -0.97 -6.55 2.11
N ALA A 10 -1.33 -5.43 2.74
CA ALA A 10 -0.97 -4.10 2.24
C ALA A 10 0.30 -3.56 2.93
N ILE A 11 1.37 -3.38 2.16
CA ILE A 11 2.65 -2.91 2.70
C ILE A 11 2.84 -1.40 2.45
N ILE A 12 2.67 -0.61 3.51
CA ILE A 12 2.82 0.86 3.41
C ILE A 12 4.23 1.30 3.83
N SER A 13 4.94 1.95 2.90
CA SER A 13 6.30 2.44 3.16
C SER A 13 6.40 3.95 2.94
N GLN A 14 7.22 4.62 3.75
CA GLN A 14 7.42 6.07 3.63
C GLN A 14 8.91 6.42 3.75
N ASN A 15 9.36 7.40 2.96
CA ASN A 15 10.77 7.84 2.96
C ASN A 15 11.74 6.67 2.60
N GLY A 16 11.20 5.61 2.01
CA GLY A 16 12.01 4.46 1.62
C GLY A 16 11.96 3.30 2.63
N LYS A 17 11.36 3.54 3.80
CA LYS A 17 11.29 2.51 4.84
C LYS A 17 9.84 2.11 5.14
N VAL A 18 9.61 0.83 5.47
CA VAL A 18 8.27 0.34 5.78
C VAL A 18 7.78 0.86 7.14
N ILE A 19 6.59 1.45 7.16
CA ILE A 19 6.04 2.05 8.40
C ILE A 19 4.82 1.28 8.93
N ARG A 20 4.08 0.60 8.05
CA ARG A 20 2.88 -0.14 8.47
C ARG A 20 2.48 -1.23 7.47
N GLU A 21 2.19 -2.43 7.97
CA GLU A 21 1.74 -3.55 7.12
C GLU A 21 0.39 -4.12 7.63
N ILE A 22 -0.67 -3.99 6.82
CA ILE A 22 -2.02 -4.41 7.23
C ILE A 22 -2.44 -5.74 6.57
N PRO A 23 -2.92 -6.71 7.37
CA PRO A 23 -3.51 -7.96 6.83
C PRO A 23 -4.92 -7.73 6.25
N LEU A 24 -5.03 -7.85 4.93
CA LEU A 24 -6.30 -7.58 4.23
C LEU A 24 -7.26 -8.77 4.29
N THR A 25 -6.84 -9.90 3.73
CA THR A 25 -7.70 -11.10 3.68
C THR A 25 -8.01 -11.63 5.08
N GLY A 26 -9.30 -11.65 5.43
CA GLY A 26 -9.73 -12.09 6.76
C GLY A 26 -10.09 -10.93 7.67
N HIS A 27 -9.66 -9.73 7.30
CA HIS A 27 -9.96 -8.52 8.08
C HIS A 27 -11.41 -8.06 7.87
N LYS A 28 -12.35 -8.73 8.53
CA LYS A 28 -13.76 -8.39 8.41
C LYS A 28 -14.10 -7.09 9.17
N GLY A 29 -14.30 -6.01 8.43
CA GLY A 29 -14.59 -4.72 9.03
C GLY A 29 -13.86 -3.57 8.34
N ASN A 30 -13.90 -2.38 8.94
CA ASN A 30 -13.25 -1.20 8.37
C ASN A 30 -12.14 -0.68 9.31
N GLU A 31 -11.09 -0.10 8.73
CA GLU A 31 -9.94 0.36 9.52
C GLU A 31 -9.19 1.49 8.83
N GLN A 32 -8.95 2.59 9.55
CA GLN A 32 -8.28 3.76 8.98
C GLN A 32 -7.03 4.15 9.80
N PHE A 33 -6.07 4.79 9.15
CA PHE A 33 -4.91 5.37 9.83
C PHE A 33 -4.32 6.54 9.04
N THR A 34 -3.90 7.59 9.74
CA THR A 34 -3.47 8.84 9.11
C THR A 34 -1.95 9.05 9.22
N ILE A 35 -1.26 8.99 8.09
CA ILE A 35 0.19 9.14 8.04
C ILE A 35 0.60 10.60 7.74
N LYS A 36 1.08 11.31 8.75
CA LYS A 36 1.50 12.71 8.58
C LYS A 36 3.00 12.78 8.20
N GLY A 37 3.26 13.17 6.95
CA GLY A 37 4.64 13.24 6.44
C GLY A 37 5.23 14.64 6.45
N LYS A 38 5.92 15.00 5.37
CA LYS A 38 6.62 16.28 5.28
C LYS A 38 5.70 17.40 4.74
N GLY A 39 5.98 18.64 5.14
CA GLY A 39 5.19 19.79 4.70
C GLY A 39 3.72 19.70 5.09
N ALA A 40 3.45 19.17 6.29
CA ALA A 40 2.08 19.01 6.80
C ALA A 40 1.23 18.07 5.92
N GLN A 41 1.87 17.39 4.97
CA GLN A 41 1.18 16.51 4.02
C GLN A 41 0.89 15.12 4.62
N TYR A 42 -0.39 14.87 4.94
CA TYR A 42 -0.79 13.57 5.50
C TYR A 42 -1.52 12.70 4.46
N ASN A 43 -1.45 11.38 4.64
CA ASN A 43 -2.23 10.42 3.86
C ASN A 43 -3.28 9.74 4.74
N LEU A 44 -4.52 9.72 4.30
CA LEU A 44 -5.60 9.01 5.03
C LEU A 44 -5.90 7.66 4.39
N MET A 45 -5.43 6.58 5.02
CA MET A 45 -5.64 5.23 4.50
C MET A 45 -6.96 4.62 5.03
N GLU A 46 -7.66 3.89 4.17
CA GLU A 46 -8.93 3.24 4.55
C GLU A 46 -9.01 1.80 4.03
N VAL A 47 -9.13 0.85 4.96
CA VAL A 47 -9.28 -0.57 4.65
C VAL A 47 -10.73 -1.04 4.87
N ASP A 48 -11.38 -1.53 3.82
CA ASP A 48 -12.76 -2.02 3.92
C ASP A 48 -12.82 -3.52 3.57
N GLY A 49 -12.66 -4.37 4.58
CA GLY A 49 -12.57 -5.80 4.34
C GLY A 49 -11.22 -6.21 3.78
N GLU A 50 -11.20 -6.74 2.55
CA GLU A 50 -9.95 -7.16 1.90
C GLU A 50 -9.40 -6.06 0.97
N ARG A 51 -10.22 -5.07 0.66
CA ARG A 51 -9.84 -4.00 -0.27
C ARG A 51 -9.36 -2.74 0.49
N ILE A 52 -8.26 -2.17 0.04
CA ILE A 52 -7.69 -0.97 0.68
C ILE A 52 -7.55 0.19 -0.31
N ARG A 53 -7.78 1.41 0.16
CA ARG A 53 -7.63 2.62 -0.66
C ARG A 53 -7.10 3.77 0.19
N ILE A 54 -6.71 4.85 -0.47
CA ILE A 54 -6.46 6.11 0.21
C ILE A 54 -7.70 7.01 0.11
N LYS A 55 -8.25 7.42 1.24
CA LYS A 55 -9.53 8.14 1.27
C LYS A 55 -9.34 9.66 1.09
N GLU A 56 -8.23 10.19 1.59
CA GLU A 56 -7.99 11.65 1.53
C GLU A 56 -6.50 11.97 1.74
N ASP A 57 -5.98 12.92 0.97
CA ASP A 57 -4.57 13.32 1.09
C ASP A 57 -4.42 14.84 1.12
N ASN A 58 -3.45 15.31 1.90
CA ASN A 58 -2.98 16.69 1.76
C ASN A 58 -1.98 16.72 0.59
N SER A 59 -2.50 16.59 -0.63
CA SER A 59 -1.67 16.48 -1.83
C SER A 59 -2.21 17.35 -2.97
N PRO A 60 -1.34 18.17 -3.59
CA PRO A 60 -1.73 19.02 -4.73
C PRO A 60 -2.18 18.21 -5.95
N ASP A 61 -1.66 16.99 -6.06
CA ASP A 61 -1.99 16.09 -7.17
C ASP A 61 -3.09 15.07 -6.80
N GLN A 62 -3.36 14.92 -5.50
CA GLN A 62 -4.39 13.99 -5.01
C GLN A 62 -4.20 12.56 -5.56
N VAL A 63 -2.93 12.15 -5.75
CA VAL A 63 -2.60 10.86 -6.37
C VAL A 63 -3.29 9.67 -5.68
N GLY A 64 -3.16 9.57 -4.36
CA GLY A 64 -3.73 8.46 -3.62
C GLY A 64 -5.23 8.30 -3.84
N VAL A 65 -5.99 9.35 -3.58
CA VAL A 65 -7.44 9.36 -3.79
C VAL A 65 -7.81 8.91 -5.22
N LYS A 66 -7.06 9.37 -6.22
CA LYS A 66 -7.32 9.02 -7.63
C LYS A 66 -7.12 7.52 -7.89
N MET A 67 -6.21 6.89 -7.14
CA MET A 67 -5.92 5.46 -7.31
C MET A 67 -7.15 4.58 -7.03
N GLY A 68 -7.92 4.93 -5.99
CA GLY A 68 -9.11 4.16 -5.65
C GLY A 68 -8.82 2.88 -4.88
N TRP A 69 -9.70 1.89 -4.99
CA TRP A 69 -9.58 0.63 -4.25
C TRP A 69 -8.61 -0.35 -4.94
N LYS A 70 -7.67 -0.90 -4.17
CA LYS A 70 -6.74 -1.92 -4.65
C LYS A 70 -6.76 -3.16 -3.73
N SER A 71 -6.48 -4.34 -4.28
CA SER A 71 -6.51 -5.59 -3.47
C SER A 71 -6.02 -6.82 -4.26
N LYS A 72 -5.23 -6.60 -5.31
CA LYS A 72 -4.64 -7.71 -6.07
C LYS A 72 -3.27 -8.09 -5.48
N ALA A 73 -2.78 -9.28 -5.81
CA ALA A 73 -1.46 -9.73 -5.33
C ALA A 73 -0.29 -9.05 -6.07
N GLY A 74 -0.48 -7.79 -6.47
CA GLY A 74 0.51 -7.07 -7.25
C GLY A 74 0.12 -5.62 -7.56
N ASP A 75 -0.67 -5.01 -6.66
CA ASP A 75 -1.04 -3.60 -6.82
C ASP A 75 -0.01 -2.67 -6.19
N THR A 76 0.18 -1.50 -6.77
CA THR A 76 1.16 -0.52 -6.29
C THR A 76 0.57 0.89 -6.21
N ILE A 77 0.93 1.63 -5.17
CA ILE A 77 0.49 3.01 -4.99
C ILE A 77 1.70 3.95 -4.81
N VAL A 78 1.97 4.78 -5.81
CA VAL A 78 3.11 5.71 -5.76
C VAL A 78 2.65 7.14 -5.43
N CYS A 79 3.10 7.65 -4.28
CA CYS A 79 2.81 9.04 -3.87
C CYS A 79 4.11 9.84 -3.66
N LEU A 80 4.69 10.31 -4.77
CA LEU A 80 5.96 11.05 -4.74
C LEU A 80 5.90 12.32 -3.84
N PRO A 81 4.85 13.18 -3.97
CA PRO A 81 4.71 14.38 -3.13
C PRO A 81 4.83 14.10 -1.62
N HIS A 82 4.53 12.87 -1.20
CA HIS A 82 4.62 12.47 0.21
C HIS A 82 5.75 11.46 0.45
N LYS A 83 6.42 11.04 -0.63
CA LYS A 83 7.47 10.02 -0.55
C LYS A 83 6.96 8.70 0.06
N VAL A 84 5.70 8.39 -0.23
CA VAL A 84 5.05 7.16 0.27
C VAL A 84 4.80 6.17 -0.87
N PHE A 85 5.12 4.89 -0.63
CA PHE A 85 4.88 3.82 -1.60
C PHE A 85 4.18 2.63 -0.94
N VAL A 86 3.09 2.15 -1.53
CA VAL A 86 2.34 1.00 -1.00
C VAL A 86 2.31 -0.17 -2.00
N GLU A 87 2.84 -1.32 -1.58
CA GLU A 87 2.78 -2.54 -2.41
C GLU A 87 1.84 -3.57 -1.78
N ILE A 88 1.01 -4.22 -2.59
CA ILE A 88 0.16 -5.30 -2.09
C ILE A 88 0.68 -6.67 -2.54
N LYS A 89 1.15 -7.46 -1.58
CA LYS A 89 1.72 -8.78 -1.88
C LYS A 89 0.90 -9.88 -1.18
N SER A 90 1.01 -11.11 -1.67
CA SER A 90 0.30 -12.25 -1.07
C SER A 90 1.02 -12.76 0.18
N THR A 91 0.26 -13.22 1.17
CA THR A 91 0.82 -13.86 2.36
C THR A 91 1.46 -15.20 1.99
N GLN A 92 0.92 -15.80 0.93
CA GLN A 92 1.40 -17.08 0.41
C GLN A 92 2.66 -16.88 -0.48
N LYS A 93 2.73 -17.58 -1.60
CA LYS A 93 3.90 -17.47 -2.49
C LYS A 93 3.92 -16.11 -3.22
N ASP A 94 5.12 -15.57 -3.40
CA ASP A 94 5.31 -14.35 -4.20
C ASP A 94 6.73 -14.34 -4.79
N SER A 95 6.86 -13.92 -6.04
CA SER A 95 8.18 -13.93 -6.72
C SER A 95 8.25 -12.87 -7.83
N LYS A 96 9.20 -11.95 -7.69
CA LYS A 96 9.51 -10.96 -8.72
C LYS A 96 11.01 -10.98 -9.04
N ASP A 97 11.38 -10.64 -10.27
CA ASP A 97 12.80 -10.54 -10.63
C ASP A 97 13.52 -9.52 -9.72
N PRO A 98 14.78 -9.82 -9.32
CA PRO A 98 15.56 -9.00 -8.36
C PRO A 98 15.31 -7.48 -8.49
N ASP A 99 15.50 -6.95 -9.70
CA ASP A 99 15.20 -5.55 -10.00
C ASP A 99 15.39 -5.27 -11.49
N THR A 100 14.28 -5.22 -12.22
CA THR A 100 14.32 -4.94 -13.67
C THR A 100 12.97 -4.45 -14.20
N ASP A 101 13.04 -3.64 -15.26
CA ASP A 101 11.84 -3.17 -15.96
C ASP A 101 11.80 -3.75 -17.38
N LEU A 102 10.80 -4.60 -17.65
CA LEU A 102 10.73 -5.31 -18.93
C LEU A 102 9.48 -4.92 -19.74
N ILE A 103 9.69 -4.35 -20.92
CA ILE A 103 8.60 -4.01 -21.83
C ILE A 103 8.49 -5.03 -22.98
N VAL A 104 7.26 -5.50 -23.23
CA VAL A 104 7.00 -6.46 -24.30
C VAL A 104 6.36 -5.79 -25.52
N PRO A 105 6.65 -6.28 -26.75
CA PRO A 105 6.05 -5.75 -27.99
C PRO A 105 4.50 -5.78 -27.98
N ASN A 106 3.88 -4.76 -28.57
CA ASN A 106 2.42 -4.64 -28.56
C ASN A 106 1.78 -5.38 -29.75
N LEU A 107 0.75 -6.17 -29.46
CA LEU A 107 0.07 -6.98 -30.49
C LEU A 107 -1.03 -6.19 -31.22
N GLU A 108 -1.35 -6.59 -32.45
CA GLU A 108 -2.46 -6.01 -33.19
C GLU A 108 -3.68 -6.96 -33.18
N HIS A 109 -4.85 -6.43 -32.81
CA HIS A 109 -6.05 -7.25 -32.63
C HIS A 109 -6.91 -7.32 -33.92
N HIS A 110 -6.27 -7.08 -35.07
CA HIS A 110 -6.98 -7.06 -36.36
C HIS A 110 -7.68 -8.40 -36.68
N HIS A 111 -9.00 -8.42 -36.54
CA HIS A 111 -9.82 -9.57 -36.95
C HIS A 111 -11.05 -9.12 -37.75
N HIS A 112 -11.06 -9.33 -39.06
CA HIS A 112 -12.18 -8.90 -39.89
C HIS A 112 -13.13 -10.06 -40.25
N HIS A 113 -13.72 -10.68 -39.21
CA HIS A 113 -14.70 -11.76 -39.39
C HIS A 113 -15.28 -12.21 -38.05
N HIS A 114 -16.21 -13.16 -38.10
CA HIS A 114 -16.77 -13.80 -36.90
C HIS A 114 -15.73 -14.74 -36.24
N MET A 1 -20.59 -17.40 7.01
CA MET A 1 -19.64 -18.10 6.11
C MET A 1 -19.19 -17.20 4.94
N LYS A 2 -17.92 -16.80 4.95
CA LYS A 2 -17.33 -16.04 3.83
C LYS A 2 -16.26 -16.88 3.12
N ASN A 3 -16.16 -16.71 1.80
CA ASN A 3 -15.12 -17.40 1.02
C ASN A 3 -13.83 -16.56 0.99
N THR A 4 -12.95 -16.80 1.95
CA THR A 4 -11.71 -16.04 2.09
C THR A 4 -10.50 -16.96 2.26
N GLY A 5 -9.60 -16.94 1.28
CA GLY A 5 -8.43 -17.83 1.29
C GLY A 5 -7.18 -17.24 0.67
N ASP A 6 -7.32 -16.52 -0.44
CA ASP A 6 -6.17 -15.92 -1.13
C ASP A 6 -5.57 -14.77 -0.31
N GLU A 7 -4.58 -15.08 0.52
CA GLU A 7 -4.02 -14.12 1.47
C GLU A 7 -3.13 -13.04 0.80
N VAL A 8 -3.56 -11.78 0.85
CA VAL A 8 -2.75 -10.65 0.38
C VAL A 8 -2.62 -9.57 1.48
N VAL A 9 -1.48 -8.88 1.49
CA VAL A 9 -1.19 -7.85 2.50
C VAL A 9 -0.79 -6.51 1.84
N ALA A 10 -1.07 -5.41 2.53
CA ALA A 10 -0.68 -4.08 2.06
C ALA A 10 0.56 -3.58 2.82
N ILE A 11 1.65 -3.35 2.08
CA ILE A 11 2.91 -2.87 2.66
C ILE A 11 3.01 -1.34 2.58
N ILE A 12 2.90 -0.67 3.72
CA ILE A 12 2.98 0.79 3.77
C ILE A 12 4.41 1.25 4.12
N SER A 13 5.09 1.86 3.15
CA SER A 13 6.46 2.37 3.35
C SER A 13 6.50 3.90 3.28
N GLN A 14 7.41 4.50 4.05
CA GLN A 14 7.60 5.95 4.06
C GLN A 14 9.09 6.28 4.24
N ASN A 15 9.58 7.28 3.51
CA ASN A 15 10.99 7.69 3.56
C ASN A 15 11.93 6.58 3.10
N GLY A 16 11.39 5.53 2.47
CA GLY A 16 12.20 4.41 2.00
C GLY A 16 12.09 3.15 2.86
N LYS A 17 11.56 3.29 4.09
CA LYS A 17 11.44 2.14 5.01
C LYS A 17 9.97 1.81 5.28
N VAL A 18 9.71 0.53 5.55
CA VAL A 18 8.35 0.08 5.88
C VAL A 18 7.93 0.56 7.27
N ILE A 19 6.84 1.33 7.34
CA ILE A 19 6.35 1.85 8.61
C ILE A 19 5.19 1.03 9.17
N ARG A 20 4.41 0.39 8.30
CA ARG A 20 3.24 -0.38 8.73
C ARG A 20 2.84 -1.44 7.68
N GLU A 21 2.38 -2.61 8.14
CA GLU A 21 1.90 -3.68 7.26
C GLU A 21 0.50 -4.16 7.69
N ILE A 22 -0.51 -3.91 6.85
CA ILE A 22 -1.88 -4.33 7.16
C ILE A 22 -2.32 -5.52 6.28
N PRO A 23 -2.67 -6.68 6.90
CA PRO A 23 -3.27 -7.81 6.17
C PRO A 23 -4.66 -7.47 5.61
N LEU A 24 -4.85 -7.62 4.31
CA LEU A 24 -6.12 -7.27 3.66
C LEU A 24 -7.10 -8.45 3.70
N THR A 25 -6.65 -9.59 3.19
CA THR A 25 -7.49 -10.80 3.13
C THR A 25 -7.89 -11.28 4.53
N GLY A 26 -9.15 -11.08 4.89
CA GLY A 26 -9.62 -11.48 6.21
C GLY A 26 -9.58 -10.34 7.24
N HIS A 27 -9.33 -9.11 6.77
CA HIS A 27 -9.29 -7.95 7.65
C HIS A 27 -10.71 -7.55 8.11
N LYS A 28 -11.14 -8.17 9.21
CA LYS A 28 -12.48 -7.93 9.77
C LYS A 28 -12.77 -6.44 10.03
N GLY A 29 -13.94 -5.99 9.57
CA GLY A 29 -14.38 -4.62 9.83
C GLY A 29 -13.74 -3.56 8.94
N ASN A 30 -13.82 -2.30 9.38
CA ASN A 30 -13.24 -1.16 8.67
C ASN A 30 -12.18 -0.48 9.55
N GLU A 31 -11.09 -0.02 8.95
CA GLU A 31 -9.97 0.55 9.71
C GLU A 31 -9.33 1.75 8.96
N GLN A 32 -9.25 2.90 9.62
CA GLN A 32 -8.66 4.11 9.02
C GLN A 32 -7.41 4.57 9.80
N PHE A 33 -6.31 4.81 9.09
CA PHE A 33 -5.08 5.34 9.73
C PHE A 33 -4.44 6.46 8.88
N THR A 34 -3.89 7.46 9.57
CA THR A 34 -3.32 8.65 8.91
C THR A 34 -1.79 8.58 8.84
N ILE A 35 -1.26 8.65 7.62
CA ILE A 35 0.19 8.70 7.41
C ILE A 35 0.67 10.15 7.30
N LYS A 36 1.31 10.66 8.37
CA LYS A 36 1.73 12.06 8.41
C LYS A 36 3.23 12.23 8.10
N GLY A 37 3.54 12.86 6.98
CA GLY A 37 4.93 13.15 6.63
C GLY A 37 5.43 14.44 7.24
N LYS A 38 4.86 15.57 6.83
CA LYS A 38 5.26 16.88 7.35
C LYS A 38 4.04 17.81 7.54
N GLY A 39 3.41 17.72 8.71
CA GLY A 39 2.27 18.58 9.04
C GLY A 39 1.12 18.51 8.03
N ALA A 40 1.21 19.34 6.97
CA ALA A 40 0.19 19.39 5.92
C ALA A 40 0.35 18.24 4.92
N GLN A 41 1.54 17.67 4.85
CA GLN A 41 1.79 16.53 3.96
C GLN A 41 1.36 15.22 4.64
N TYR A 42 0.14 14.77 4.35
CA TYR A 42 -0.41 13.56 4.98
C TYR A 42 -1.30 12.75 4.01
N ASN A 43 -1.50 11.46 4.34
CA ASN A 43 -2.42 10.59 3.59
C ASN A 43 -3.38 9.87 4.56
N LEU A 44 -4.62 9.66 4.13
CA LEU A 44 -5.61 8.95 4.96
C LEU A 44 -6.00 7.62 4.33
N MET A 45 -5.53 6.52 4.92
CA MET A 45 -5.76 5.17 4.39
C MET A 45 -6.98 4.51 5.05
N GLU A 46 -7.78 3.81 4.25
CA GLU A 46 -8.94 3.06 4.77
C GLU A 46 -8.95 1.62 4.26
N VAL A 47 -8.92 0.67 5.18
CA VAL A 47 -9.02 -0.76 4.86
C VAL A 47 -10.41 -1.31 5.20
N ASP A 48 -11.21 -1.61 4.17
CA ASP A 48 -12.55 -2.15 4.38
C ASP A 48 -12.60 -3.62 3.95
N GLY A 49 -12.65 -4.52 4.92
CA GLY A 49 -12.64 -5.95 4.63
C GLY A 49 -11.41 -6.38 3.84
N GLU A 50 -11.61 -6.83 2.61
CA GLU A 50 -10.53 -7.35 1.77
C GLU A 50 -10.17 -6.35 0.64
N ARG A 51 -10.24 -5.06 0.94
CA ARG A 51 -9.91 -4.00 -0.03
C ARG A 51 -9.48 -2.70 0.67
N ILE A 52 -8.53 -1.99 0.06
CA ILE A 52 -7.97 -0.78 0.67
C ILE A 52 -7.98 0.42 -0.31
N ARG A 53 -8.15 1.62 0.23
CA ARG A 53 -8.14 2.85 -0.57
C ARG A 53 -7.63 4.05 0.23
N ILE A 54 -7.38 5.17 -0.45
CA ILE A 54 -7.03 6.44 0.21
C ILE A 54 -8.22 7.42 0.16
N LYS A 55 -8.76 7.77 1.32
CA LYS A 55 -9.90 8.70 1.40
C LYS A 55 -9.47 10.15 1.21
N GLU A 56 -8.34 10.51 1.81
CA GLU A 56 -7.87 11.89 1.83
C GLU A 56 -6.36 11.97 1.58
N ASP A 57 -5.94 13.00 0.87
CA ASP A 57 -4.54 13.19 0.52
C ASP A 57 -4.28 14.66 0.14
N ASN A 58 -3.29 15.25 0.80
CA ASN A 58 -2.95 16.65 0.59
C ASN A 58 -1.70 16.78 -0.31
N SER A 59 -1.86 16.41 -1.58
CA SER A 59 -0.77 16.54 -2.57
C SER A 59 -1.27 17.25 -3.85
N PRO A 60 -0.38 17.97 -4.55
CA PRO A 60 -0.73 18.64 -5.82
C PRO A 60 -1.12 17.65 -6.93
N ASP A 61 -0.56 16.44 -6.86
CA ASP A 61 -0.82 15.40 -7.86
C ASP A 61 -2.15 14.66 -7.63
N GLN A 62 -2.51 14.44 -6.36
CA GLN A 62 -3.77 13.75 -5.99
C GLN A 62 -3.81 12.30 -6.50
N VAL A 63 -2.64 11.73 -6.77
CA VAL A 63 -2.54 10.35 -7.29
C VAL A 63 -3.15 9.32 -6.33
N GLY A 64 -2.93 9.52 -5.03
CA GLY A 64 -3.41 8.58 -4.01
C GLY A 64 -4.90 8.28 -4.11
N VAL A 65 -5.73 9.32 -4.06
CA VAL A 65 -7.19 9.15 -4.13
C VAL A 65 -7.63 8.58 -5.49
N LYS A 66 -6.98 9.02 -6.56
CA LYS A 66 -7.30 8.56 -7.92
C LYS A 66 -7.12 7.04 -8.09
N MET A 67 -6.22 6.46 -7.30
CA MET A 67 -5.99 5.00 -7.32
C MET A 67 -7.28 4.19 -7.03
N GLY A 68 -8.11 4.72 -6.12
CA GLY A 68 -9.36 4.04 -5.77
C GLY A 68 -9.17 2.80 -4.91
N TRP A 69 -10.06 1.82 -5.07
CA TRP A 69 -10.01 0.57 -4.29
C TRP A 69 -9.02 -0.44 -4.89
N LYS A 70 -8.02 -0.83 -4.10
CA LYS A 70 -7.06 -1.88 -4.50
C LYS A 70 -7.28 -3.17 -3.69
N SER A 71 -6.82 -4.30 -4.23
CA SER A 71 -7.06 -5.61 -3.58
C SER A 71 -6.13 -6.71 -4.11
N LYS A 72 -5.71 -6.60 -5.37
CA LYS A 72 -4.92 -7.66 -6.02
C LYS A 72 -3.42 -7.56 -5.65
N ALA A 73 -2.79 -8.72 -5.46
CA ALA A 73 -1.34 -8.77 -5.20
C ALA A 73 -0.56 -8.24 -6.41
N GLY A 74 -0.23 -6.96 -6.37
CA GLY A 74 0.43 -6.30 -7.49
C GLY A 74 0.05 -4.84 -7.59
N ASP A 75 -1.10 -4.47 -7.01
CA ASP A 75 -1.54 -3.08 -6.98
C ASP A 75 -0.56 -2.20 -6.18
N THR A 76 -0.05 -1.15 -6.83
CA THR A 76 0.91 -0.24 -6.19
C THR A 76 0.35 1.19 -6.07
N ILE A 77 0.67 1.85 -4.95
CA ILE A 77 0.22 3.22 -4.67
C ILE A 77 1.44 4.15 -4.51
N VAL A 78 1.56 5.14 -5.39
CA VAL A 78 2.72 6.05 -5.37
C VAL A 78 2.34 7.45 -4.89
N CYS A 79 2.91 7.87 -3.75
CA CYS A 79 2.73 9.23 -3.23
C CYS A 79 4.08 9.95 -3.06
N LEU A 80 4.71 10.31 -4.18
CA LEU A 80 6.04 10.93 -4.16
C LEU A 80 6.10 12.21 -3.30
N PRO A 81 5.14 13.17 -3.47
CA PRO A 81 5.14 14.42 -2.68
C PRO A 81 5.12 14.19 -1.15
N HIS A 82 4.76 12.99 -0.71
CA HIS A 82 4.70 12.66 0.72
C HIS A 82 5.73 11.60 1.12
N LYS A 83 6.52 11.14 0.13
CA LYS A 83 7.52 10.07 0.35
C LYS A 83 6.87 8.76 0.85
N VAL A 84 5.62 8.54 0.46
CA VAL A 84 4.86 7.34 0.87
C VAL A 84 4.60 6.40 -0.31
N PHE A 85 4.81 5.10 -0.10
CA PHE A 85 4.56 4.09 -1.14
C PHE A 85 3.91 2.83 -0.54
N VAL A 86 2.76 2.43 -1.08
CA VAL A 86 2.04 1.24 -0.59
C VAL A 86 1.82 0.21 -1.70
N GLU A 87 2.35 -1.00 -1.52
CA GLU A 87 2.17 -2.08 -2.51
C GLU A 87 1.50 -3.32 -1.90
N ILE A 88 0.67 -4.00 -2.68
CA ILE A 88 0.00 -5.22 -2.23
C ILE A 88 0.75 -6.48 -2.70
N LYS A 89 0.90 -7.45 -1.80
CA LYS A 89 1.60 -8.71 -2.12
C LYS A 89 1.02 -9.88 -1.30
N SER A 90 1.09 -11.09 -1.84
CA SER A 90 0.54 -12.27 -1.16
C SER A 90 1.47 -12.79 -0.06
N THR A 91 0.90 -13.40 0.97
CA THR A 91 1.68 -14.04 2.04
C THR A 91 2.41 -15.29 1.52
N GLN A 92 1.93 -15.82 0.40
CA GLN A 92 2.44 -17.06 -0.18
C GLN A 92 2.92 -16.85 -1.63
N LYS A 93 3.19 -17.95 -2.35
CA LYS A 93 3.67 -17.85 -3.73
C LYS A 93 2.60 -17.26 -4.68
N ASP A 94 2.89 -16.10 -5.24
CA ASP A 94 1.97 -15.41 -6.16
C ASP A 94 2.73 -14.88 -7.39
N SER A 95 2.00 -14.69 -8.49
CA SER A 95 2.59 -14.19 -9.73
C SER A 95 1.95 -12.85 -10.16
N LYS A 96 2.65 -11.75 -9.88
CA LYS A 96 2.17 -10.40 -10.25
C LYS A 96 2.40 -10.11 -11.74
N ASP A 97 2.13 -8.86 -12.14
CA ASP A 97 2.44 -8.41 -13.50
C ASP A 97 3.96 -8.55 -13.78
N PRO A 98 4.34 -8.94 -15.01
CA PRO A 98 5.76 -9.14 -15.39
C PRO A 98 6.62 -7.89 -15.14
N ASP A 99 6.17 -6.74 -15.65
CA ASP A 99 6.90 -5.48 -15.47
C ASP A 99 6.57 -4.81 -14.13
N THR A 100 7.47 -4.97 -13.16
CA THR A 100 7.28 -4.39 -11.82
C THR A 100 8.63 -4.31 -11.08
N ASP A 101 8.95 -3.12 -10.56
CA ASP A 101 10.22 -2.93 -9.85
C ASP A 101 10.02 -2.78 -8.33
N LEU A 102 10.56 -3.75 -7.58
CA LEU A 102 10.51 -3.71 -6.11
C LEU A 102 11.80 -4.29 -5.50
N ILE A 103 12.10 -3.91 -4.27
CA ILE A 103 13.34 -4.34 -3.61
C ILE A 103 13.07 -4.99 -2.24
N VAL A 104 13.28 -6.30 -2.16
CA VAL A 104 13.25 -7.00 -0.88
C VAL A 104 14.67 -7.02 -0.25
N PRO A 105 14.86 -6.31 0.88
CA PRO A 105 16.18 -6.17 1.51
C PRO A 105 16.67 -7.46 2.21
N ASN A 106 17.69 -7.31 3.07
CA ASN A 106 18.24 -8.44 3.82
C ASN A 106 17.14 -9.21 4.58
N LEU A 107 16.76 -10.38 4.06
CA LEU A 107 15.73 -11.21 4.69
C LEU A 107 16.06 -11.53 6.17
N GLU A 108 15.03 -11.63 6.99
CA GLU A 108 15.22 -11.92 8.42
C GLU A 108 15.51 -13.41 8.67
N HIS A 109 15.99 -13.73 9.87
CA HIS A 109 16.44 -15.09 10.22
C HIS A 109 15.42 -16.17 9.81
N HIS A 110 15.81 -17.01 8.86
CA HIS A 110 14.94 -18.07 8.33
C HIS A 110 15.67 -19.43 8.33
N HIS A 111 14.93 -20.51 8.50
CA HIS A 111 15.52 -21.87 8.50
C HIS A 111 15.70 -22.40 7.07
N HIS A 112 16.50 -23.44 6.92
CA HIS A 112 16.85 -23.99 5.60
C HIS A 112 15.97 -25.20 5.23
N HIS A 113 15.14 -25.03 4.20
CA HIS A 113 14.26 -26.11 3.73
C HIS A 113 14.31 -26.25 2.20
N HIS A 114 14.79 -27.39 1.72
CA HIS A 114 14.86 -27.67 0.27
C HIS A 114 14.96 -29.19 -0.01
N MET A 1 -11.67 -17.65 9.35
CA MET A 1 -12.29 -18.42 8.24
C MET A 1 -11.63 -19.80 8.08
N LYS A 2 -12.34 -20.74 7.45
CA LYS A 2 -11.80 -22.07 7.17
C LYS A 2 -11.05 -22.10 5.83
N ASN A 3 -11.71 -21.64 4.77
CA ASN A 3 -11.11 -21.63 3.44
C ASN A 3 -9.99 -20.58 3.31
N THR A 4 -8.78 -21.04 3.01
CA THR A 4 -7.67 -20.15 2.71
C THR A 4 -7.60 -19.90 1.19
N GLY A 5 -8.37 -18.91 0.72
CA GLY A 5 -8.48 -18.68 -0.72
C GLY A 5 -7.29 -17.94 -1.32
N ASP A 6 -7.34 -16.61 -1.26
CA ASP A 6 -6.29 -15.77 -1.85
C ASP A 6 -5.78 -14.74 -0.83
N GLU A 7 -4.71 -15.05 -0.12
CA GLU A 7 -4.18 -14.15 0.91
C GLU A 7 -3.23 -13.08 0.33
N VAL A 8 -3.64 -11.82 0.43
CA VAL A 8 -2.77 -10.69 0.05
C VAL A 8 -2.59 -9.71 1.22
N VAL A 9 -1.39 -9.14 1.33
CA VAL A 9 -1.06 -8.19 2.40
C VAL A 9 -0.55 -6.86 1.84
N ALA A 10 -0.93 -5.74 2.47
CA ALA A 10 -0.51 -4.41 2.04
C ALA A 10 0.70 -3.92 2.85
N ILE A 11 1.80 -3.63 2.15
CA ILE A 11 3.02 -3.15 2.79
C ILE A 11 3.15 -1.62 2.65
N ILE A 12 3.02 -0.91 3.77
CA ILE A 12 3.07 0.57 3.76
C ILE A 12 4.48 1.09 4.09
N SER A 13 5.07 1.84 3.15
CA SER A 13 6.38 2.46 3.36
C SER A 13 6.30 3.99 3.19
N GLN A 14 6.99 4.72 4.06
CA GLN A 14 7.01 6.18 4.02
C GLN A 14 8.44 6.71 3.84
N ASN A 15 8.70 7.40 2.72
CA ASN A 15 10.03 7.94 2.40
C ASN A 15 11.10 6.83 2.25
N GLY A 16 10.70 5.56 2.37
CA GLY A 16 11.65 4.46 2.26
C GLY A 16 11.66 3.53 3.48
N LYS A 17 10.93 3.89 4.54
CA LYS A 17 10.85 3.04 5.74
C LYS A 17 9.45 2.40 5.87
N VAL A 18 9.40 1.08 6.01
CA VAL A 18 8.13 0.38 6.21
C VAL A 18 7.57 0.67 7.62
N ILE A 19 6.44 1.39 7.66
CA ILE A 19 5.85 1.82 8.93
C ILE A 19 4.63 0.98 9.34
N ARG A 20 3.99 0.34 8.37
CA ARG A 20 2.75 -0.42 8.63
C ARG A 20 2.56 -1.57 7.63
N GLU A 21 2.17 -2.74 8.13
CA GLU A 21 1.83 -3.88 7.27
C GLU A 21 0.47 -4.48 7.69
N ILE A 22 -0.51 -4.39 6.79
CA ILE A 22 -1.88 -4.84 7.09
C ILE A 22 -2.31 -6.03 6.23
N PRO A 23 -2.74 -7.14 6.85
CA PRO A 23 -3.31 -8.29 6.12
C PRO A 23 -4.73 -7.98 5.59
N LEU A 24 -4.87 -7.89 4.27
CA LEU A 24 -6.15 -7.52 3.66
C LEU A 24 -7.13 -8.71 3.66
N THR A 25 -6.71 -9.82 3.05
CA THR A 25 -7.54 -11.03 3.01
C THR A 25 -7.82 -11.58 4.42
N GLY A 26 -9.10 -11.70 4.76
CA GLY A 26 -9.48 -12.14 6.09
C GLY A 26 -9.71 -10.98 7.05
N HIS A 27 -9.30 -9.77 6.64
CA HIS A 27 -9.50 -8.56 7.46
C HIS A 27 -11.00 -8.23 7.55
N LYS A 28 -11.48 -8.01 8.77
CA LYS A 28 -12.91 -7.73 8.98
C LYS A 28 -13.12 -6.36 9.65
N GLY A 29 -14.09 -5.60 9.15
CA GLY A 29 -14.35 -4.26 9.65
C GLY A 29 -13.62 -3.18 8.86
N ASN A 30 -13.66 -1.95 9.35
CA ASN A 30 -13.02 -0.81 8.66
C ASN A 30 -11.90 -0.22 9.53
N GLU A 31 -10.71 -0.10 8.95
CA GLU A 31 -9.52 0.37 9.68
C GLU A 31 -8.89 1.58 8.99
N GLN A 32 -8.87 2.71 9.68
CA GLN A 32 -8.37 3.97 9.11
C GLN A 32 -7.11 4.46 9.83
N PHE A 33 -6.10 4.88 9.08
CA PHE A 33 -4.87 5.43 9.66
C PHE A 33 -4.29 6.55 8.79
N THR A 34 -3.79 7.61 9.43
CA THR A 34 -3.32 8.80 8.70
C THR A 34 -1.80 8.86 8.63
N ILE A 35 -1.25 8.65 7.45
CA ILE A 35 0.20 8.73 7.23
C ILE A 35 0.67 10.18 7.07
N LYS A 36 1.17 10.76 8.16
CA LYS A 36 1.66 12.13 8.14
C LYS A 36 3.11 12.20 7.62
N GLY A 37 3.26 12.64 6.37
CA GLY A 37 4.58 12.77 5.76
C GLY A 37 5.32 14.02 6.21
N LYS A 38 6.11 14.60 5.31
CA LYS A 38 6.88 15.80 5.64
C LYS A 38 5.98 17.05 5.64
N GLY A 39 5.72 17.58 6.84
CA GLY A 39 4.91 18.79 6.97
C GLY A 39 3.41 18.53 6.83
N ALA A 40 2.75 19.29 5.96
CA ALA A 40 1.30 19.18 5.76
C ALA A 40 0.92 18.02 4.80
N GLN A 41 1.91 17.27 4.37
CA GLN A 41 1.70 16.18 3.41
C GLN A 41 1.17 14.91 4.09
N TYR A 42 -0.11 14.93 4.48
CA TYR A 42 -0.75 13.77 5.11
C TYR A 42 -1.39 12.84 4.07
N ASN A 43 -1.55 11.57 4.44
CA ASN A 43 -2.28 10.59 3.62
C ASN A 43 -3.29 9.81 4.46
N LEU A 44 -4.57 10.05 4.25
CA LEU A 44 -5.63 9.35 4.98
C LEU A 44 -5.93 7.99 4.34
N MET A 45 -5.43 6.92 4.96
CA MET A 45 -5.61 5.56 4.45
C MET A 45 -6.82 4.87 5.10
N GLU A 46 -7.58 4.13 4.31
CA GLU A 46 -8.78 3.44 4.80
C GLU A 46 -8.88 2.00 4.26
N VAL A 47 -8.86 1.03 5.17
CA VAL A 47 -9.05 -0.38 4.82
C VAL A 47 -10.50 -0.80 5.12
N ASP A 48 -11.27 -1.11 4.09
CA ASP A 48 -12.68 -1.47 4.25
C ASP A 48 -12.89 -2.97 3.99
N GLY A 49 -12.99 -3.75 5.06
CA GLY A 49 -13.08 -5.19 4.93
C GLY A 49 -11.76 -5.82 4.47
N GLU A 50 -11.73 -6.31 3.24
CA GLU A 50 -10.55 -6.98 2.68
C GLU A 50 -9.96 -6.19 1.51
N ARG A 51 -10.07 -4.86 1.59
CA ARG A 51 -9.58 -3.96 0.53
C ARG A 51 -9.09 -2.63 1.14
N ILE A 52 -8.11 -2.00 0.51
CA ILE A 52 -7.53 -0.74 1.02
C ILE A 52 -7.61 0.40 -0.01
N ARG A 53 -7.75 1.64 0.48
CA ARG A 53 -7.81 2.82 -0.40
C ARG A 53 -7.27 4.06 0.32
N ILE A 54 -7.06 5.14 -0.44
CA ILE A 54 -6.74 6.45 0.14
C ILE A 54 -7.97 7.38 0.05
N LYS A 55 -8.47 7.81 1.21
CA LYS A 55 -9.70 8.60 1.28
C LYS A 55 -9.43 10.10 1.03
N GLU A 56 -8.28 10.59 1.49
CA GLU A 56 -7.92 12.00 1.31
C GLU A 56 -6.41 12.23 1.50
N ASP A 57 -5.83 13.08 0.65
CA ASP A 57 -4.42 13.46 0.79
C ASP A 57 -4.20 14.95 0.47
N ASN A 58 -2.96 15.42 0.59
CA ASN A 58 -2.64 16.83 0.36
C ASN A 58 -1.76 17.02 -0.90
N SER A 59 -1.97 16.17 -1.91
CA SER A 59 -1.25 16.31 -3.18
C SER A 59 -2.01 17.23 -4.15
N PRO A 60 -1.28 17.99 -4.99
CA PRO A 60 -1.92 18.89 -5.97
C PRO A 60 -2.74 18.14 -7.01
N ASP A 61 -2.29 16.92 -7.34
CA ASP A 61 -3.00 16.06 -8.30
C ASP A 61 -3.93 15.05 -7.59
N GLN A 62 -3.81 14.96 -6.26
CA GLN A 62 -4.60 14.01 -5.46
C GLN A 62 -4.38 12.56 -5.91
N VAL A 63 -3.15 12.24 -6.27
CA VAL A 63 -2.79 10.92 -6.82
C VAL A 63 -3.29 9.76 -5.94
N GLY A 64 -3.23 9.95 -4.62
CA GLY A 64 -3.70 8.93 -3.69
C GLY A 64 -5.16 8.56 -3.90
N VAL A 65 -6.03 9.57 -3.88
CA VAL A 65 -7.47 9.38 -4.11
C VAL A 65 -7.75 8.72 -5.48
N LYS A 66 -6.99 9.11 -6.50
CA LYS A 66 -7.15 8.56 -7.86
C LYS A 66 -6.82 7.06 -7.93
N MET A 67 -5.92 6.59 -7.06
CA MET A 67 -5.55 5.17 -7.01
C MET A 67 -6.77 4.26 -6.70
N GLY A 68 -7.68 4.76 -5.87
CA GLY A 68 -8.91 4.03 -5.58
C GLY A 68 -8.72 2.77 -4.74
N TRP A 69 -9.51 1.73 -5.02
CA TRP A 69 -9.49 0.48 -4.25
C TRP A 69 -8.40 -0.49 -4.72
N LYS A 70 -7.64 -1.02 -3.76
CA LYS A 70 -6.58 -2.00 -4.04
C LYS A 70 -6.76 -3.25 -3.15
N SER A 71 -6.61 -4.43 -3.74
CA SER A 71 -6.75 -5.70 -3.00
C SER A 71 -6.26 -6.91 -3.80
N LYS A 72 -5.48 -6.67 -4.85
CA LYS A 72 -4.99 -7.75 -5.72
C LYS A 72 -3.46 -7.89 -5.63
N ALA A 73 -2.96 -9.11 -5.83
CA ALA A 73 -1.52 -9.33 -5.91
C ALA A 73 -0.91 -8.51 -7.06
N GLY A 74 -0.15 -7.48 -6.70
CA GLY A 74 0.47 -6.61 -7.70
C GLY A 74 0.01 -5.16 -7.60
N ASP A 75 -1.09 -4.91 -6.89
CA ASP A 75 -1.57 -3.55 -6.68
C ASP A 75 -0.55 -2.70 -5.89
N THR A 76 -0.30 -1.49 -6.36
CA THR A 76 0.65 -0.58 -5.70
C THR A 76 0.09 0.85 -5.57
N ILE A 77 0.48 1.53 -4.50
CA ILE A 77 0.07 2.91 -4.24
C ILE A 77 1.30 3.84 -4.28
N VAL A 78 1.28 4.83 -5.16
CA VAL A 78 2.40 5.77 -5.30
C VAL A 78 1.94 7.22 -5.06
N CYS A 79 2.50 7.85 -4.02
CA CYS A 79 2.24 9.27 -3.73
C CYS A 79 3.52 10.09 -3.87
N LEU A 80 3.79 10.61 -5.07
CA LEU A 80 5.04 11.30 -5.37
C LEU A 80 5.32 12.50 -4.42
N PRO A 81 4.40 13.49 -4.28
CA PRO A 81 4.64 14.68 -3.44
C PRO A 81 4.72 14.35 -1.93
N HIS A 82 4.41 13.10 -1.59
CA HIS A 82 4.43 12.65 -0.19
C HIS A 82 5.52 11.59 0.04
N LYS A 83 6.07 11.05 -1.05
CA LYS A 83 7.09 9.99 -1.01
C LYS A 83 6.57 8.74 -0.28
N VAL A 84 5.27 8.48 -0.40
CA VAL A 84 4.64 7.30 0.21
C VAL A 84 4.42 6.19 -0.83
N PHE A 85 4.78 4.95 -0.48
CA PHE A 85 4.64 3.81 -1.38
C PHE A 85 4.06 2.59 -0.64
N VAL A 86 3.02 2.00 -1.21
CA VAL A 86 2.37 0.82 -0.60
C VAL A 86 2.17 -0.29 -1.65
N GLU A 87 2.87 -1.42 -1.49
CA GLU A 87 2.75 -2.53 -2.43
C GLU A 87 1.98 -3.72 -1.80
N ILE A 88 1.12 -4.36 -2.58
CA ILE A 88 0.35 -5.51 -2.13
C ILE A 88 0.88 -6.83 -2.72
N LYS A 89 1.30 -7.74 -1.86
CA LYS A 89 1.86 -9.03 -2.31
C LYS A 89 1.02 -10.22 -1.80
N SER A 90 1.19 -11.38 -2.43
CA SER A 90 0.52 -12.62 -1.98
C SER A 90 1.36 -13.35 -0.92
N THR A 91 0.69 -14.06 -0.01
CA THR A 91 1.37 -14.77 1.08
C THR A 91 1.86 -16.16 0.65
N GLN A 92 1.56 -16.55 -0.58
CA GLN A 92 1.94 -17.87 -1.11
C GLN A 92 3.45 -17.95 -1.39
N LYS A 93 3.90 -19.07 -1.96
CA LYS A 93 5.30 -19.26 -2.33
C LYS A 93 5.72 -18.36 -3.51
N ASP A 94 5.87 -17.06 -3.22
CA ASP A 94 6.33 -16.05 -4.20
C ASP A 94 5.36 -15.88 -5.39
N SER A 95 5.11 -14.62 -5.77
CA SER A 95 4.22 -14.31 -6.90
C SER A 95 4.71 -13.10 -7.71
N LYS A 96 5.20 -13.36 -8.92
CA LYS A 96 5.59 -12.29 -9.83
C LYS A 96 4.47 -12.00 -10.84
N ASP A 97 3.77 -10.89 -10.64
CA ASP A 97 2.63 -10.52 -11.46
C ASP A 97 3.05 -9.70 -12.71
N PRO A 98 2.17 -9.63 -13.74
CA PRO A 98 2.50 -9.08 -15.08
C PRO A 98 3.18 -7.69 -15.08
N ASP A 99 2.52 -6.66 -14.55
CA ASP A 99 2.99 -5.27 -14.71
C ASP A 99 4.23 -4.94 -13.85
N THR A 100 5.03 -4.00 -14.34
CA THR A 100 6.25 -3.56 -13.65
C THR A 100 6.13 -2.11 -13.11
N ASP A 101 7.11 -1.69 -12.32
CA ASP A 101 7.06 -0.38 -11.65
C ASP A 101 7.71 0.74 -12.49
N LEU A 102 7.40 0.77 -13.79
CA LEU A 102 8.01 1.77 -14.69
C LEU A 102 7.45 3.20 -14.45
N ILE A 103 8.35 4.14 -14.18
CA ILE A 103 7.98 5.55 -13.97
C ILE A 103 8.96 6.50 -14.67
N VAL A 104 8.44 7.41 -15.51
CA VAL A 104 9.29 8.36 -16.25
C VAL A 104 9.22 9.79 -15.65
N PRO A 105 10.37 10.47 -15.48
CA PRO A 105 10.43 11.84 -14.93
C PRO A 105 9.58 12.87 -15.71
N ASN A 106 9.07 13.87 -15.01
CA ASN A 106 8.24 14.92 -15.61
C ASN A 106 8.51 16.30 -14.97
N LEU A 107 7.83 17.33 -15.47
CA LEU A 107 7.99 18.71 -14.97
C LEU A 107 7.42 18.90 -13.56
N GLU A 108 7.72 20.05 -12.95
CA GLU A 108 7.19 20.40 -11.63
C GLU A 108 6.58 21.81 -11.63
N HIS A 109 5.71 22.10 -10.67
CA HIS A 109 5.08 23.43 -10.56
C HIS A 109 5.77 24.28 -9.47
N HIS A 110 6.51 25.32 -9.89
CA HIS A 110 7.21 26.20 -8.94
C HIS A 110 6.57 27.61 -8.95
N HIS A 111 6.31 28.16 -7.76
CA HIS A 111 5.56 29.44 -7.59
C HIS A 111 4.07 29.30 -7.96
N HIS A 112 3.76 28.39 -8.88
CA HIS A 112 2.38 27.99 -9.18
C HIS A 112 1.67 27.58 -7.88
N HIS A 113 0.88 28.48 -7.31
CA HIS A 113 0.35 28.31 -5.95
C HIS A 113 -0.73 27.21 -5.86
N HIS A 114 -0.88 26.65 -4.66
CA HIS A 114 -1.93 25.65 -4.39
C HIS A 114 -3.29 26.33 -4.10
N MET A 1 -16.72 -12.98 7.17
CA MET A 1 -17.53 -14.05 6.53
C MET A 1 -17.45 -13.95 4.99
N LYS A 2 -16.45 -14.63 4.42
CA LYS A 2 -16.22 -14.56 2.97
C LYS A 2 -15.34 -15.72 2.50
N ASN A 3 -15.79 -16.42 1.45
CA ASN A 3 -14.98 -17.47 0.83
C ASN A 3 -13.85 -16.85 0.01
N THR A 4 -12.78 -16.44 0.69
CA THR A 4 -11.64 -15.79 0.05
C THR A 4 -10.70 -16.80 -0.63
N GLY A 5 -10.15 -16.42 -1.78
CA GLY A 5 -9.32 -17.34 -2.55
C GLY A 5 -7.83 -17.20 -2.27
N ASP A 6 -7.29 -16.02 -2.51
CA ASP A 6 -5.85 -15.78 -2.35
C ASP A 6 -5.54 -14.86 -1.16
N GLU A 7 -4.50 -15.21 -0.39
CA GLU A 7 -4.11 -14.46 0.81
C GLU A 7 -3.02 -13.41 0.49
N VAL A 8 -3.38 -12.13 0.66
CA VAL A 8 -2.47 -11.01 0.37
C VAL A 8 -2.32 -10.06 1.58
N VAL A 9 -1.25 -9.28 1.58
CA VAL A 9 -0.99 -8.28 2.64
C VAL A 9 -0.55 -6.94 2.04
N ALA A 10 -1.01 -5.84 2.63
CA ALA A 10 -0.66 -4.49 2.15
C ALA A 10 0.49 -3.88 2.98
N ILE A 11 1.63 -3.67 2.33
CA ILE A 11 2.80 -3.06 2.99
C ILE A 11 2.90 -1.56 2.67
N ILE A 12 2.74 -0.72 3.69
CA ILE A 12 2.82 0.74 3.54
C ILE A 12 4.18 1.27 4.00
N SER A 13 4.94 1.87 3.08
CA SER A 13 6.27 2.41 3.39
C SER A 13 6.36 3.91 3.09
N GLN A 14 7.16 4.64 3.87
CA GLN A 14 7.40 6.06 3.61
C GLN A 14 8.88 6.41 3.82
N ASN A 15 9.41 7.31 2.98
CA ASN A 15 10.83 7.70 3.03
C ASN A 15 11.77 6.50 2.84
N GLY A 16 11.24 5.39 2.32
CA GLY A 16 12.05 4.20 2.07
C GLY A 16 12.07 3.20 3.23
N LYS A 17 11.09 3.29 4.13
CA LYS A 17 10.98 2.35 5.25
C LYS A 17 9.51 2.04 5.58
N VAL A 18 9.24 0.79 5.99
CA VAL A 18 7.88 0.34 6.29
C VAL A 18 7.33 1.00 7.57
N ILE A 19 6.22 1.72 7.44
CA ILE A 19 5.63 2.44 8.59
C ILE A 19 4.32 1.78 9.07
N ARG A 20 3.76 0.89 8.26
CA ARG A 20 2.48 0.23 8.57
C ARG A 20 2.20 -0.90 7.57
N GLU A 21 1.62 -2.01 8.05
CA GLU A 21 1.30 -3.14 7.17
C GLU A 21 0.04 -3.90 7.64
N ILE A 22 -0.96 -4.01 6.75
CA ILE A 22 -2.24 -4.65 7.09
C ILE A 22 -2.51 -5.89 6.22
N PRO A 23 -2.70 -7.07 6.85
CA PRO A 23 -3.14 -8.27 6.13
C PRO A 23 -4.57 -8.12 5.61
N LEU A 24 -4.70 -7.87 4.31
CA LEU A 24 -6.01 -7.59 3.69
C LEU A 24 -6.95 -8.80 3.76
N THR A 25 -6.52 -9.91 3.15
CA THR A 25 -7.33 -11.14 3.10
C THR A 25 -7.79 -11.59 4.50
N GLY A 26 -9.10 -11.77 4.66
CA GLY A 26 -9.65 -12.21 5.94
C GLY A 26 -10.08 -11.06 6.85
N HIS A 27 -9.56 -9.86 6.62
CA HIS A 27 -9.90 -8.69 7.44
C HIS A 27 -11.17 -7.98 6.94
N LYS A 28 -12.28 -8.19 7.63
CA LYS A 28 -13.54 -7.48 7.34
C LYS A 28 -13.58 -6.13 8.09
N GLY A 29 -14.70 -5.44 7.98
CA GLY A 29 -14.87 -4.17 8.70
C GLY A 29 -14.04 -3.02 8.12
N ASN A 30 -13.91 -1.96 8.91
CA ASN A 30 -13.21 -0.74 8.47
C ASN A 30 -11.98 -0.44 9.36
N GLU A 31 -10.85 -0.17 8.73
CA GLU A 31 -9.59 0.14 9.43
C GLU A 31 -8.92 1.38 8.83
N GLN A 32 -8.82 2.47 9.61
CA GLN A 32 -8.28 3.74 9.11
C GLN A 32 -7.02 4.17 9.89
N PHE A 33 -6.03 4.71 9.18
CA PHE A 33 -4.79 5.21 9.81
C PHE A 33 -4.24 6.43 9.05
N THR A 34 -3.53 7.30 9.76
CA THR A 34 -3.06 8.57 9.20
C THR A 34 -1.53 8.64 9.06
N ILE A 35 -1.05 8.76 7.84
CA ILE A 35 0.37 8.91 7.56
C ILE A 35 0.82 10.38 7.63
N LYS A 36 1.56 10.73 8.68
CA LYS A 36 2.05 12.09 8.86
C LYS A 36 3.46 12.26 8.25
N GLY A 37 3.54 12.93 7.10
CA GLY A 37 4.80 13.05 6.38
C GLY A 37 5.62 14.29 6.75
N LYS A 38 5.11 15.47 6.42
CA LYS A 38 5.83 16.73 6.67
C LYS A 38 4.89 17.95 6.57
N GLY A 39 4.85 18.77 7.61
CA GLY A 39 4.02 19.97 7.61
C GLY A 39 2.53 19.67 7.41
N ALA A 40 2.03 19.95 6.21
CA ALA A 40 0.62 19.71 5.88
C ALA A 40 0.43 18.46 5.00
N GLN A 41 1.54 17.80 4.65
CA GLN A 41 1.49 16.62 3.78
C GLN A 41 1.21 15.33 4.57
N TYR A 42 -0.07 15.01 4.74
CA TYR A 42 -0.49 13.75 5.36
C TYR A 42 -1.19 12.84 4.35
N ASN A 43 -1.42 11.58 4.71
CA ASN A 43 -2.20 10.65 3.89
C ASN A 43 -3.18 9.84 4.75
N LEU A 44 -4.48 10.08 4.57
CA LEU A 44 -5.50 9.32 5.30
C LEU A 44 -5.88 8.04 4.55
N MET A 45 -5.49 6.89 5.11
CA MET A 45 -5.70 5.58 4.47
C MET A 45 -6.92 4.84 5.05
N GLU A 46 -7.45 3.88 4.29
CA GLU A 46 -8.62 3.09 4.72
C GLU A 46 -8.59 1.65 4.17
N VAL A 47 -8.83 0.69 5.06
CA VAL A 47 -8.95 -0.73 4.69
C VAL A 47 -10.36 -1.24 5.04
N ASP A 48 -11.20 -1.46 4.02
CA ASP A 48 -12.61 -1.83 4.25
C ASP A 48 -12.95 -3.18 3.59
N GLY A 49 -12.85 -4.27 4.36
CA GLY A 49 -13.16 -5.60 3.84
C GLY A 49 -12.19 -6.12 2.77
N GLU A 50 -11.00 -6.54 3.20
CA GLU A 50 -10.00 -7.14 2.30
C GLU A 50 -9.53 -6.21 1.16
N ARG A 51 -9.78 -4.90 1.29
CA ARG A 51 -9.37 -3.94 0.26
C ARG A 51 -8.93 -2.61 0.89
N ILE A 52 -7.95 -1.95 0.27
CA ILE A 52 -7.39 -0.70 0.81
C ILE A 52 -7.40 0.45 -0.22
N ARG A 53 -7.55 1.68 0.28
CA ARG A 53 -7.50 2.89 -0.58
C ARG A 53 -7.20 4.15 0.25
N ILE A 54 -6.91 5.25 -0.43
CA ILE A 54 -6.70 6.55 0.24
C ILE A 54 -8.00 7.36 0.29
N LYS A 55 -8.34 7.86 1.48
CA LYS A 55 -9.55 8.67 1.67
C LYS A 55 -9.31 10.14 1.24
N GLU A 56 -8.20 10.71 1.70
CA GLU A 56 -7.87 12.11 1.40
C GLU A 56 -6.45 12.47 1.88
N ASP A 57 -5.78 13.32 1.10
CA ASP A 57 -4.44 13.82 1.48
C ASP A 57 -4.28 15.30 1.08
N ASN A 58 -3.11 15.86 1.31
CA ASN A 58 -2.79 17.22 0.85
C ASN A 58 -1.66 17.21 -0.17
N SER A 59 -2.01 16.97 -1.42
CA SER A 59 -1.06 17.04 -2.55
C SER A 59 -1.62 17.89 -3.71
N PRO A 60 -0.75 18.51 -4.52
CA PRO A 60 -1.19 19.19 -5.75
C PRO A 60 -1.56 18.19 -6.87
N ASP A 61 -1.18 16.92 -6.67
CA ASP A 61 -1.49 15.85 -7.62
C ASP A 61 -2.65 14.96 -7.12
N GLN A 62 -2.55 14.50 -5.87
CA GLN A 62 -3.58 13.64 -5.24
C GLN A 62 -3.93 12.40 -6.10
N VAL A 63 -2.96 11.92 -6.87
CA VAL A 63 -3.15 10.76 -7.74
C VAL A 63 -3.59 9.52 -6.93
N GLY A 64 -3.05 9.38 -5.72
CA GLY A 64 -3.36 8.22 -4.87
C GLY A 64 -4.85 8.06 -4.58
N VAL A 65 -5.53 9.16 -4.25
CA VAL A 65 -6.98 9.14 -3.98
C VAL A 65 -7.76 8.71 -5.23
N LYS A 66 -7.33 9.20 -6.40
CA LYS A 66 -7.96 8.89 -7.67
C LYS A 66 -7.74 7.43 -8.09
N MET A 67 -6.63 6.82 -7.63
CA MET A 67 -6.35 5.40 -7.93
C MET A 67 -7.50 4.48 -7.49
N GLY A 68 -8.11 4.77 -6.35
CA GLY A 68 -9.26 4.01 -5.89
C GLY A 68 -8.93 2.69 -5.22
N TRP A 69 -9.96 1.91 -4.87
CA TRP A 69 -9.81 0.64 -4.12
C TRP A 69 -8.81 -0.32 -4.80
N LYS A 70 -7.98 -0.97 -3.98
CA LYS A 70 -7.02 -1.99 -4.46
C LYS A 70 -7.03 -3.22 -3.54
N SER A 71 -6.78 -4.40 -4.10
CA SER A 71 -6.83 -5.67 -3.34
C SER A 71 -6.30 -6.87 -4.13
N LYS A 72 -5.51 -6.62 -5.17
CA LYS A 72 -4.96 -7.71 -6.00
C LYS A 72 -3.50 -7.97 -5.64
N ALA A 73 -3.06 -9.22 -5.73
CA ALA A 73 -1.66 -9.57 -5.51
C ALA A 73 -0.74 -8.90 -6.54
N GLY A 74 -0.29 -7.68 -6.24
CA GLY A 74 0.54 -6.93 -7.17
C GLY A 74 0.25 -5.43 -7.19
N ASP A 75 -0.94 -5.03 -6.71
CA ASP A 75 -1.34 -3.61 -6.72
C ASP A 75 -0.33 -2.72 -5.97
N THR A 76 -0.05 -1.54 -6.51
CA THR A 76 0.85 -0.57 -5.87
C THR A 76 0.32 0.86 -5.99
N ILE A 77 0.55 1.67 -4.96
CA ILE A 77 0.15 3.08 -4.93
C ILE A 77 1.36 3.99 -4.70
N VAL A 78 1.55 4.99 -5.57
CA VAL A 78 2.71 5.89 -5.48
C VAL A 78 2.30 7.31 -5.07
N CYS A 79 2.77 7.77 -3.92
CA CYS A 79 2.56 9.15 -3.46
C CYS A 79 3.89 9.90 -3.41
N LEU A 80 4.39 10.30 -4.58
CA LEU A 80 5.72 10.90 -4.74
C LEU A 80 5.93 12.13 -3.82
N PRO A 81 5.04 13.16 -3.87
CA PRO A 81 5.21 14.39 -3.05
C PRO A 81 5.24 14.12 -1.53
N HIS A 82 4.67 12.99 -1.12
CA HIS A 82 4.62 12.61 0.29
C HIS A 82 5.63 11.52 0.63
N LYS A 83 6.36 11.04 -0.40
CA LYS A 83 7.38 9.99 -0.23
C LYS A 83 6.77 8.68 0.31
N VAL A 84 5.49 8.43 -0.01
CA VAL A 84 4.79 7.23 0.46
C VAL A 84 4.59 6.22 -0.70
N PHE A 85 4.72 4.93 -0.39
CA PHE A 85 4.53 3.87 -1.37
C PHE A 85 3.86 2.64 -0.74
N VAL A 86 2.75 2.18 -1.33
CA VAL A 86 2.02 1.02 -0.84
C VAL A 86 2.06 -0.14 -1.85
N GLU A 87 2.35 -1.35 -1.38
CA GLU A 87 2.37 -2.54 -2.26
C GLU A 87 1.59 -3.71 -1.64
N ILE A 88 0.80 -4.40 -2.46
CA ILE A 88 0.01 -5.54 -2.02
C ILE A 88 0.61 -6.86 -2.53
N LYS A 89 1.17 -7.66 -1.62
CA LYS A 89 1.89 -8.88 -2.00
C LYS A 89 1.22 -10.15 -1.45
N SER A 90 1.61 -11.31 -1.99
CA SER A 90 1.04 -12.60 -1.57
C SER A 90 1.76 -13.18 -0.34
N THR A 91 1.03 -13.94 0.47
CA THR A 91 1.61 -14.64 1.62
C THR A 91 2.36 -15.90 1.16
N GLN A 92 1.93 -16.47 0.05
CA GLN A 92 2.57 -17.65 -0.53
C GLN A 92 3.74 -17.23 -1.47
N LYS A 93 4.59 -18.19 -1.82
CA LYS A 93 5.79 -17.90 -2.62
C LYS A 93 5.47 -17.77 -4.11
N ASP A 94 5.88 -16.64 -4.70
CA ASP A 94 5.79 -16.43 -6.16
C ASP A 94 7.17 -16.53 -6.81
N SER A 95 7.23 -16.33 -8.12
CA SER A 95 8.52 -16.26 -8.83
C SER A 95 9.04 -14.80 -8.84
N LYS A 96 9.04 -14.18 -7.66
CA LYS A 96 9.45 -12.77 -7.52
C LYS A 96 10.94 -12.63 -7.22
N ASP A 97 11.41 -11.38 -7.14
CA ASP A 97 12.79 -11.06 -6.79
C ASP A 97 13.02 -11.26 -5.28
N PRO A 98 14.23 -11.69 -4.87
CA PRO A 98 14.58 -11.82 -3.44
C PRO A 98 14.35 -10.51 -2.67
N ASP A 99 14.93 -9.43 -3.19
CA ASP A 99 14.74 -8.07 -2.65
C ASP A 99 15.37 -7.03 -3.58
N THR A 100 15.26 -5.76 -3.23
CA THR A 100 15.85 -4.68 -4.04
C THR A 100 16.24 -3.48 -3.16
N ASP A 101 17.47 -3.00 -3.34
CA ASP A 101 17.96 -1.84 -2.60
C ASP A 101 18.58 -0.80 -3.55
N LEU A 102 18.21 0.46 -3.37
CA LEU A 102 18.74 1.55 -4.19
C LEU A 102 18.45 2.92 -3.57
N ILE A 103 19.18 3.95 -4.00
CA ILE A 103 18.96 5.31 -3.52
C ILE A 103 18.48 6.23 -4.66
N VAL A 104 17.21 6.62 -4.61
CA VAL A 104 16.61 7.46 -5.66
C VAL A 104 17.08 8.93 -5.55
N PRO A 105 17.30 9.60 -6.70
CA PRO A 105 17.66 11.04 -6.73
C PRO A 105 16.56 11.92 -6.14
N ASN A 106 16.84 12.54 -4.99
CA ASN A 106 15.86 13.34 -4.26
C ASN A 106 15.63 14.71 -4.91
N LEU A 107 14.37 15.14 -5.03
CA LEU A 107 14.04 16.45 -5.58
C LEU A 107 14.09 17.55 -4.50
N GLU A 108 14.16 18.81 -4.93
CA GLU A 108 14.24 19.94 -4.00
C GLU A 108 12.85 20.55 -3.71
N HIS A 109 12.84 21.60 -2.90
CA HIS A 109 11.60 22.34 -2.59
C HIS A 109 11.89 23.84 -2.48
N HIS A 110 11.49 24.62 -3.49
CA HIS A 110 11.66 26.07 -3.45
C HIS A 110 10.60 26.70 -2.53
N HIS A 111 10.85 26.69 -1.23
CA HIS A 111 9.87 27.12 -0.22
C HIS A 111 10.51 28.05 0.82
N HIS A 112 9.70 28.97 1.37
CA HIS A 112 10.14 29.87 2.44
C HIS A 112 9.24 29.71 3.69
N HIS A 113 9.76 30.10 4.85
CA HIS A 113 9.01 29.95 6.12
C HIS A 113 8.03 31.12 6.34
N HIS A 114 6.89 30.81 6.96
CA HIS A 114 5.88 31.84 7.26
C HIS A 114 5.52 31.84 8.77
N MET A 1 -20.56 -19.29 0.38
CA MET A 1 -20.74 -18.09 -0.48
C MET A 1 -19.40 -17.58 -1.04
N LYS A 2 -18.56 -16.99 -0.17
CA LYS A 2 -17.32 -16.35 -0.61
C LYS A 2 -16.07 -17.02 -0.02
N ASN A 3 -15.29 -17.68 -0.87
CA ASN A 3 -14.01 -18.27 -0.45
C ASN A 3 -12.88 -17.78 -1.38
N THR A 4 -12.01 -16.93 -0.86
CA THR A 4 -10.92 -16.35 -1.66
C THR A 4 -9.56 -16.96 -1.28
N GLY A 5 -8.92 -17.62 -2.23
CA GLY A 5 -7.58 -18.17 -2.01
C GLY A 5 -6.47 -17.15 -2.17
N ASP A 6 -6.79 -16.03 -2.83
CA ASP A 6 -5.82 -14.95 -3.03
C ASP A 6 -5.53 -14.19 -1.73
N GLU A 7 -4.61 -14.73 -0.92
CA GLU A 7 -4.25 -14.11 0.35
C GLU A 7 -3.26 -12.95 0.14
N VAL A 8 -3.75 -11.72 0.25
CA VAL A 8 -2.93 -10.52 0.02
C VAL A 8 -2.86 -9.61 1.26
N VAL A 9 -1.70 -9.00 1.46
CA VAL A 9 -1.49 -8.05 2.56
C VAL A 9 -0.97 -6.69 2.02
N ALA A 10 -1.55 -5.60 2.51
CA ALA A 10 -1.16 -4.26 2.06
C ALA A 10 -0.01 -3.69 2.89
N ILE A 11 1.14 -3.50 2.25
CA ILE A 11 2.31 -2.92 2.92
C ILE A 11 2.41 -1.41 2.64
N ILE A 12 2.72 -0.63 3.66
CA ILE A 12 2.88 0.82 3.51
C ILE A 12 4.29 1.28 3.95
N SER A 13 5.04 1.85 3.00
CA SER A 13 6.39 2.38 3.29
C SER A 13 6.42 3.92 3.16
N GLN A 14 7.34 4.55 3.88
CA GLN A 14 7.51 6.00 3.83
C GLN A 14 8.96 6.39 4.16
N ASN A 15 9.48 7.41 3.46
CA ASN A 15 10.85 7.91 3.70
C ASN A 15 11.92 6.83 3.47
N GLY A 16 11.56 5.72 2.83
CA GLY A 16 12.53 4.66 2.54
C GLY A 16 12.47 3.47 3.51
N LYS A 17 11.43 3.43 4.35
CA LYS A 17 11.26 2.31 5.30
C LYS A 17 9.77 1.99 5.51
N VAL A 18 9.46 0.73 5.83
CA VAL A 18 8.09 0.33 6.15
C VAL A 18 7.60 1.01 7.45
N ILE A 19 6.37 1.51 7.43
CA ILE A 19 5.80 2.17 8.62
C ILE A 19 4.55 1.43 9.15
N ARG A 20 3.91 0.63 8.30
CA ARG A 20 2.72 -0.13 8.69
C ARG A 20 2.33 -1.16 7.62
N GLU A 21 1.81 -2.32 8.06
CA GLU A 21 1.32 -3.36 7.13
C GLU A 21 -0.01 -3.97 7.63
N ILE A 22 -1.00 -4.01 6.74
CA ILE A 22 -2.35 -4.51 7.09
C ILE A 22 -2.78 -5.66 6.15
N PRO A 23 -3.05 -6.86 6.69
CA PRO A 23 -3.62 -7.97 5.91
C PRO A 23 -5.02 -7.63 5.37
N LEU A 24 -5.25 -7.89 4.08
CA LEU A 24 -6.53 -7.58 3.45
C LEU A 24 -7.45 -8.82 3.41
N THR A 25 -7.00 -9.87 2.72
CA THR A 25 -7.80 -11.10 2.58
C THR A 25 -8.10 -11.74 3.94
N GLY A 26 -9.38 -11.90 4.26
CA GLY A 26 -9.77 -12.48 5.55
C GLY A 26 -9.94 -11.44 6.65
N HIS A 27 -9.56 -10.19 6.36
CA HIS A 27 -9.69 -9.10 7.32
C HIS A 27 -11.15 -8.60 7.39
N LYS A 28 -11.96 -9.24 8.22
CA LYS A 28 -13.37 -8.89 8.36
C LYS A 28 -13.54 -7.73 9.35
N GLY A 29 -13.68 -6.52 8.81
CA GLY A 29 -13.82 -5.32 9.63
C GLY A 29 -13.29 -4.06 8.95
N ASN A 30 -13.16 -2.97 9.70
CA ASN A 30 -12.70 -1.69 9.16
C ASN A 30 -11.38 -1.26 9.83
N GLU A 31 -10.51 -0.61 9.06
CA GLU A 31 -9.22 -0.13 9.58
C GLU A 31 -8.83 1.20 8.91
N GLN A 32 -8.73 2.26 9.71
CA GLN A 32 -8.35 3.59 9.19
C GLN A 32 -7.17 4.17 9.99
N PHE A 33 -6.14 4.62 9.28
CA PHE A 33 -4.95 5.20 9.92
C PHE A 33 -4.42 6.41 9.14
N THR A 34 -3.75 7.33 9.83
CA THR A 34 -3.28 8.58 9.23
C THR A 34 -1.75 8.62 9.16
N ILE A 35 -1.22 8.67 7.95
CA ILE A 35 0.23 8.73 7.73
C ILE A 35 0.76 10.16 7.94
N LYS A 36 1.48 10.38 9.05
CA LYS A 36 2.03 11.69 9.36
C LYS A 36 3.52 11.78 9.00
N GLY A 37 3.83 12.58 7.98
CA GLY A 37 5.22 12.70 7.51
C GLY A 37 5.84 14.06 7.82
N LYS A 38 5.72 15.00 6.87
CA LYS A 38 6.33 16.32 7.00
C LYS A 38 5.28 17.43 7.15
N GLY A 39 4.83 17.66 8.38
CA GLY A 39 3.86 18.72 8.65
C GLY A 39 2.60 18.65 7.78
N ALA A 40 2.59 19.45 6.71
CA ALA A 40 1.47 19.45 5.77
C ALA A 40 1.36 18.12 5.01
N GLN A 41 2.49 17.47 4.78
CA GLN A 41 2.53 16.19 4.07
C GLN A 41 1.97 15.04 4.91
N TYR A 42 0.69 14.75 4.75
CA TYR A 42 0.05 13.59 5.39
C TYR A 42 -0.63 12.68 4.36
N ASN A 43 -1.20 11.57 4.79
CA ASN A 43 -1.97 10.71 3.90
C ASN A 43 -2.94 9.81 4.70
N LEU A 44 -4.23 10.02 4.52
CA LEU A 44 -5.25 9.24 5.25
C LEU A 44 -5.66 7.98 4.47
N MET A 45 -5.28 6.81 5.02
CA MET A 45 -5.54 5.52 4.37
C MET A 45 -6.81 4.86 4.94
N GLU A 46 -7.62 4.27 4.06
CA GLU A 46 -8.88 3.63 4.46
C GLU A 46 -8.94 2.16 4.01
N VAL A 47 -9.00 1.24 4.98
CA VAL A 47 -9.15 -0.19 4.69
C VAL A 47 -10.55 -0.68 5.06
N ASP A 48 -11.34 -1.05 4.05
CA ASP A 48 -12.69 -1.54 4.27
C ASP A 48 -12.76 -3.06 3.99
N GLY A 49 -12.77 -3.86 5.05
CA GLY A 49 -12.76 -5.31 4.89
C GLY A 49 -11.50 -5.82 4.19
N GLU A 50 -11.64 -6.22 2.93
CA GLU A 50 -10.54 -6.81 2.16
C GLU A 50 -10.07 -5.87 1.02
N ARG A 51 -10.44 -4.59 1.12
CA ARG A 51 -10.05 -3.58 0.12
C ARG A 51 -9.46 -2.33 0.80
N ILE A 52 -8.43 -1.73 0.19
CA ILE A 52 -7.76 -0.56 0.75
C ILE A 52 -7.61 0.56 -0.29
N ARG A 53 -7.61 1.81 0.18
CA ARG A 53 -7.42 2.98 -0.70
C ARG A 53 -6.91 4.20 0.09
N ILE A 54 -6.50 5.24 -0.63
CA ILE A 54 -6.21 6.53 -0.02
C ILE A 54 -7.50 7.36 0.08
N LYS A 55 -7.94 7.61 1.30
CA LYS A 55 -9.20 8.34 1.54
C LYS A 55 -9.06 9.83 1.24
N GLU A 56 -8.02 10.45 1.80
CA GLU A 56 -7.83 11.89 1.68
C GLU A 56 -6.39 12.32 2.01
N ASP A 57 -5.86 13.25 1.21
CA ASP A 57 -4.55 13.85 1.49
C ASP A 57 -4.36 15.12 0.63
N ASN A 58 -3.15 15.69 0.66
CA ASN A 58 -2.89 16.96 -0.05
C ASN A 58 -1.76 16.83 -1.09
N SER A 59 -1.51 15.61 -1.58
CA SER A 59 -0.51 15.42 -2.64
C SER A 59 -1.07 15.84 -4.00
N PRO A 60 -0.37 16.74 -4.74
CA PRO A 60 -0.85 17.28 -6.02
C PRO A 60 -1.09 16.19 -7.09
N ASP A 61 -0.60 14.98 -6.83
CA ASP A 61 -0.83 13.84 -7.70
C ASP A 61 -2.17 13.15 -7.40
N GLN A 62 -2.51 13.00 -6.12
CA GLN A 62 -3.75 12.33 -5.70
C GLN A 62 -3.87 10.91 -6.31
N VAL A 63 -2.73 10.25 -6.52
CA VAL A 63 -2.69 8.95 -7.22
C VAL A 63 -3.68 7.92 -6.61
N GLY A 64 -3.62 7.72 -5.30
CA GLY A 64 -4.51 6.75 -4.65
C GLY A 64 -5.99 7.10 -4.77
N VAL A 65 -6.30 8.40 -4.76
CA VAL A 65 -7.68 8.85 -4.89
C VAL A 65 -8.25 8.47 -6.28
N LYS A 66 -7.45 8.70 -7.33
CA LYS A 66 -7.83 8.28 -8.69
C LYS A 66 -7.81 6.75 -8.82
N MET A 67 -6.83 6.11 -8.17
CA MET A 67 -6.69 4.64 -8.20
C MET A 67 -7.90 3.92 -7.61
N GLY A 68 -8.53 4.52 -6.61
CA GLY A 68 -9.72 3.93 -5.99
C GLY A 68 -9.40 2.77 -5.06
N TRP A 69 -10.27 1.75 -5.06
CA TRP A 69 -10.12 0.60 -4.15
C TRP A 69 -9.20 -0.48 -4.74
N LYS A 70 -8.14 -0.82 -4.01
CA LYS A 70 -7.22 -1.89 -4.40
C LYS A 70 -7.38 -3.10 -3.46
N SER A 71 -7.05 -4.31 -3.94
CA SER A 71 -7.30 -5.53 -3.16
C SER A 71 -6.56 -6.78 -3.69
N LYS A 72 -5.60 -6.60 -4.59
CA LYS A 72 -4.87 -7.75 -5.17
C LYS A 72 -3.35 -7.56 -5.13
N ALA A 73 -2.63 -8.68 -5.22
CA ALA A 73 -1.15 -8.66 -5.19
C ALA A 73 -0.58 -8.02 -6.46
N GLY A 74 -0.04 -6.81 -6.31
CA GLY A 74 0.47 -6.08 -7.46
C GLY A 74 0.00 -4.62 -7.47
N ASP A 75 -1.04 -4.34 -6.69
CA ASP A 75 -1.58 -2.98 -6.56
C ASP A 75 -0.63 -2.09 -5.74
N THR A 76 0.07 -1.19 -6.42
CA THR A 76 0.98 -0.24 -5.76
C THR A 76 0.53 1.22 -5.94
N ILE A 77 0.70 2.03 -4.91
CA ILE A 77 0.34 3.45 -4.94
C ILE A 77 1.59 4.33 -4.75
N VAL A 78 1.73 5.37 -5.58
CA VAL A 78 2.90 6.25 -5.53
C VAL A 78 2.54 7.67 -5.06
N CYS A 79 3.09 8.09 -3.92
CA CYS A 79 2.91 9.46 -3.41
C CYS A 79 4.25 10.18 -3.23
N LEU A 80 4.91 10.47 -4.35
CA LEU A 80 6.25 11.10 -4.34
C LEU A 80 6.31 12.40 -3.51
N PRO A 81 5.37 13.36 -3.70
CA PRO A 81 5.38 14.63 -2.95
C PRO A 81 5.39 14.43 -1.42
N HIS A 82 4.88 13.29 -0.96
CA HIS A 82 4.82 12.98 0.47
C HIS A 82 5.86 11.93 0.89
N LYS A 83 6.63 11.44 -0.09
CA LYS A 83 7.63 10.38 0.14
C LYS A 83 6.98 9.10 0.69
N VAL A 84 5.73 8.86 0.30
CA VAL A 84 4.98 7.68 0.74
C VAL A 84 4.72 6.72 -0.42
N PHE A 85 4.90 5.42 -0.17
CA PHE A 85 4.65 4.38 -1.17
C PHE A 85 3.86 3.21 -0.54
N VAL A 86 2.95 2.62 -1.29
CA VAL A 86 2.15 1.49 -0.79
C VAL A 86 2.18 0.31 -1.77
N GLU A 87 2.66 -0.84 -1.31
CA GLU A 87 2.73 -2.04 -2.16
C GLU A 87 1.94 -3.22 -1.56
N ILE A 88 0.91 -3.65 -2.27
CA ILE A 88 0.12 -4.82 -1.83
C ILE A 88 0.72 -6.12 -2.39
N LYS A 89 1.21 -6.97 -1.49
CA LYS A 89 1.81 -8.25 -1.89
C LYS A 89 0.91 -9.43 -1.47
N SER A 90 1.26 -10.63 -1.90
CA SER A 90 0.54 -11.84 -1.50
C SER A 90 1.41 -12.72 -0.60
N THR A 91 0.78 -13.46 0.29
CA THR A 91 1.49 -14.39 1.19
C THR A 91 1.91 -15.67 0.45
N GLN A 92 1.41 -15.85 -0.78
CA GLN A 92 1.71 -17.04 -1.58
C GLN A 92 3.19 -17.13 -1.98
N LYS A 93 3.56 -18.28 -2.53
CA LYS A 93 4.91 -18.48 -3.09
C LYS A 93 4.93 -18.02 -4.57
N ASP A 94 6.01 -17.36 -4.98
CA ASP A 94 6.14 -16.90 -6.38
C ASP A 94 7.60 -17.02 -6.86
N SER A 95 7.84 -16.70 -8.13
CA SER A 95 9.19 -16.81 -8.72
C SER A 95 9.86 -15.44 -8.92
N LYS A 96 9.06 -14.39 -9.01
CA LYS A 96 9.59 -13.04 -9.32
C LYS A 96 10.10 -12.33 -8.06
N ASP A 97 11.18 -11.56 -8.23
CA ASP A 97 11.75 -10.75 -7.15
C ASP A 97 11.51 -9.24 -7.42
N PRO A 98 10.86 -8.53 -6.49
CA PRO A 98 10.56 -7.09 -6.65
C PRO A 98 11.72 -6.17 -6.20
N ASP A 99 12.31 -6.48 -5.05
CA ASP A 99 13.31 -5.59 -4.42
C ASP A 99 14.76 -6.00 -4.77
N THR A 100 15.68 -5.08 -4.55
CA THR A 100 17.13 -5.37 -4.67
C THR A 100 17.78 -5.43 -3.29
N ASP A 101 17.74 -4.31 -2.59
CA ASP A 101 18.25 -4.21 -1.22
C ASP A 101 17.13 -4.43 -0.20
N LEU A 102 17.34 -5.40 0.70
CA LEU A 102 16.34 -5.78 1.69
C LEU A 102 16.49 -5.00 3.01
N ILE A 103 15.39 -4.40 3.47
CA ILE A 103 15.38 -3.66 4.74
C ILE A 103 14.73 -4.49 5.87
N VAL A 104 15.52 -4.82 6.90
CA VAL A 104 15.03 -5.65 8.01
C VAL A 104 15.04 -4.89 9.35
N PRO A 105 13.87 -4.76 10.02
CA PRO A 105 13.78 -4.15 11.35
C PRO A 105 14.32 -5.06 12.47
N ASN A 106 15.56 -4.84 12.88
CA ASN A 106 16.22 -5.67 13.90
C ASN A 106 16.70 -4.84 15.11
N LEU A 107 16.05 -3.71 15.35
CA LEU A 107 16.40 -2.82 16.47
C LEU A 107 16.04 -3.46 17.83
N GLU A 108 16.97 -3.39 18.79
CA GLU A 108 16.77 -4.01 20.11
C GLU A 108 16.86 -2.99 21.26
N HIS A 109 15.98 -3.14 22.25
CA HIS A 109 15.99 -2.32 23.46
C HIS A 109 15.45 -3.13 24.66
N HIS A 110 16.11 -3.04 25.82
CA HIS A 110 15.69 -3.79 27.01
C HIS A 110 15.96 -3.03 28.31
N HIS A 111 15.12 -3.25 29.32
CA HIS A 111 15.27 -2.59 30.63
C HIS A 111 15.08 -3.60 31.79
N HIS A 112 15.86 -3.46 32.85
CA HIS A 112 15.71 -4.30 34.04
C HIS A 112 14.69 -3.71 35.02
N HIS A 113 13.44 -4.15 34.92
CA HIS A 113 12.36 -3.63 35.77
C HIS A 113 12.19 -4.48 37.04
N HIS A 114 11.32 -4.03 37.94
CA HIS A 114 11.04 -4.73 39.21
C HIS A 114 12.29 -4.80 40.12
#